data_3U52
#
_entry.id   3U52
#
_cell.length_a   83.942
_cell.length_b   141.761
_cell.length_c   181.207
_cell.angle_alpha   90.00
_cell.angle_beta   90.00
_cell.angle_gamma   90.00
#
_symmetry.space_group_name_H-M   'P 21 21 21'
#
loop_
_entity.id
_entity.type
_entity.pdbx_description
1 polymer 'Phenol hydroxylase component phN'
2 polymer 'Phenol hydroxylase component phL'
3 polymer 'Phenol hydroxylase component phO'
4 non-polymer 'FE (III) ION'
5 non-polymer 'ZINC ION'
6 non-polymer 'COPPER (II) ION'
7 non-polymer GLYCEROL
8 non-polymer XENON
9 non-polymer '3[N-MORPHOLINO]PROPANE SULFONIC ACID'
10 non-polymer '4-(2-HYDROXYETHYL)-1-PIPERAZINE ETHANESULFONIC ACID'
11 water water
#
loop_
_entity_poly.entity_id
_entity_poly.type
_entity_poly.pdbx_seq_one_letter_code
_entity_poly.pdbx_strand_id
1 'polypeptide(L)'
;MVSKNKKLNLKDKYQYLTRDMAWEPTYQDKKDIFPEEDFEGIKITDWSQWEDPFRLTMDAYWKYQAEKEKKLYAIFDAFA
QNNGHQNISDARYVNALKLFISGISPLEHAAFQGYSKVGRQFSGAGARVACQMQAIDELRHSQTQQHAMSHYNKHFNGLH
DGPHMHDRVWYLSVPKSFFDDARSAGPFEFLTAISFSFEYVLTNLLFVPFMSGAAYNGDMATVTFGFSAQSDEARHMTLG
LEVIKFILEQHEDNVPIVQRWIDKWFWRGFRLLSLVSMMMDYMLPNKVMSWSEAWEVYYEQNGGALFKDLERYGIRPPKY
QDVANDAKHHLSHQLWTTFYQYCQATNFHTWIPEKEEMDWMSEKYPDTFDKYYRPRYEYLAKEAAAGRRFYNNTLPQLCQ
VCQIPTIFTEKDAPTMLSHRQIEHEGERYHFCSDGCCDIFKHEPEKYIQAWLPVHQIYQGNCEGGDLETVVQKYYHINIG
EDNFDYVGSPDQKHWLSIKGRKPADKNQDAA
;
A,B
2 'polypeptide(L)'
;MSIEIKTNSVEPIRHTYGHIARRFGDKPATRYQEASYDIEAKTNFHYRPQWDSEHTLNDPTRTAIRMEDWCAVSDPRQFY
YGAYVGNRAKMQESAETSFGFCEKRNLLTRLSEETQKQLLRLLVPLRHVELGANMNNAKIAGDATATTVSQMHIYTGMDR
LGIGQYLSRIALMIDGSTGAALDESKAYWMDDEMWQPMRKLVEDTLVVDDWFELTLVQNILIDGMMYPLVYDKMDQWFES
QGAEDVSMLTEFMRDWYKESLRWTNAMMKAVAGESETNRELLQKWIDHWEPQAYEALKPLAEASVGIDGLNEARAELSAR
LKKFELQSRGVSA
;
C,D
3 'polypeptide(L)'
;MSVNALYDYKFEPKDKVENFHGMQLLYVYWPDHLLFCAPFALLVQPGMTFSALVDEILKPATAAHPDSAKADFLNAEWLL
NDEPFTPKADASLKEQGIDHKSMLTVTTPGLKGMANAGY
;
E,F
#
# COMPACT_ATOMS: atom_id res chain seq x y z
N LYS A 6 -34.19 -28.18 -9.46
CA LYS A 6 -33.77 -26.90 -10.16
C LYS A 6 -32.50 -26.30 -9.56
N LYS A 7 -31.79 -25.50 -10.33
CA LYS A 7 -30.57 -24.84 -9.85
C LYS A 7 -30.86 -23.90 -8.68
N LEU A 8 -30.01 -24.00 -7.66
CA LEU A 8 -30.18 -23.20 -6.45
C LEU A 8 -29.95 -21.72 -6.73
N ASN A 9 -30.79 -20.89 -6.11
CA ASN A 9 -30.51 -19.46 -6.11
C ASN A 9 -29.38 -19.19 -5.12
N LEU A 10 -28.91 -17.94 -5.07
CA LEU A 10 -27.75 -17.64 -4.26
C LEU A 10 -27.99 -17.82 -2.76
N LYS A 11 -29.22 -17.61 -2.30
CA LYS A 11 -29.48 -17.71 -0.87
C LYS A 11 -29.53 -19.17 -0.43
N ASP A 12 -30.15 -20.02 -1.24
CA ASP A 12 -30.22 -21.44 -0.92
C ASP A 12 -28.87 -22.11 -1.11
N LYS A 13 -28.09 -21.64 -2.08
CA LYS A 13 -26.72 -22.15 -2.26
C LYS A 13 -25.88 -21.85 -1.01
N TYR A 14 -25.92 -20.61 -0.52
CA TYR A 14 -25.12 -20.22 0.63
C TYR A 14 -25.53 -21.04 1.87
N GLN A 15 -26.81 -21.26 2.08
CA GLN A 15 -27.27 -22.15 3.14
C GLN A 15 -26.73 -23.57 3.03
N TYR A 16 -26.68 -24.13 1.83
CA TYR A 16 -26.08 -25.42 1.64
C TYR A 16 -24.59 -25.48 1.97
N LEU A 17 -23.89 -24.36 1.85
CA LEU A 17 -22.46 -24.22 2.17
C LEU A 17 -22.21 -23.80 3.62
N THR A 18 -23.25 -23.61 4.41
CA THR A 18 -23.07 -23.27 5.83
C THR A 18 -23.98 -24.14 6.71
N ARG A 19 -25.27 -23.82 6.76
CA ARG A 19 -26.09 -24.46 7.77
C ARG A 19 -26.35 -25.92 7.49
N ASP A 20 -26.32 -26.32 6.22
CA ASP A 20 -26.54 -27.71 5.89
C ASP A 20 -25.45 -28.68 6.44
N MET A 21 -24.28 -28.15 6.81
CA MET A 21 -23.24 -28.99 7.35
C MET A 21 -23.55 -29.46 8.80
N ALA A 22 -24.50 -28.78 9.46
CA ALA A 22 -24.91 -29.13 10.82
C ALA A 22 -25.97 -30.23 10.76
N TRP A 23 -26.17 -30.90 11.88
CA TRP A 23 -27.14 -32.01 11.95
C TRP A 23 -27.75 -32.08 13.32
N GLU A 24 -28.86 -32.81 13.41
CA GLU A 24 -29.46 -33.09 14.71
C GLU A 24 -28.71 -34.22 15.46
N PRO A 25 -28.24 -33.97 16.70
CA PRO A 25 -27.44 -34.99 17.39
C PRO A 25 -28.27 -36.22 17.82
N THR A 26 -27.64 -37.39 17.85
CA THR A 26 -28.29 -38.67 18.21
C THR A 26 -27.62 -39.21 19.46
N TYR A 27 -26.34 -38.90 19.61
CA TYR A 27 -25.50 -39.53 20.59
C TYR A 27 -25.26 -38.68 21.83
N GLN A 28 -25.53 -37.39 21.70
CA GLN A 28 -25.42 -36.49 22.86
C GLN A 28 -26.69 -35.65 22.85
N ASP A 29 -27.13 -35.23 24.02
CA ASP A 29 -28.30 -34.36 24.13
C ASP A 29 -27.97 -32.98 23.56
N LYS A 30 -28.86 -32.42 22.77
CA LYS A 30 -28.74 -31.05 22.24
C LYS A 30 -28.51 -30.03 23.38
N LYS A 31 -29.11 -30.30 24.55
CA LYS A 31 -28.99 -29.39 25.69
C LYS A 31 -27.64 -29.49 26.37
N ASP A 32 -26.89 -30.56 26.09
CA ASP A 32 -25.54 -30.69 26.63
C ASP A 32 -24.55 -30.05 25.65
N ILE A 33 -24.83 -30.14 24.37
CA ILE A 33 -23.96 -29.54 23.34
C ILE A 33 -24.17 -27.99 23.35
N PHE A 34 -25.41 -27.54 23.57
CA PHE A 34 -25.80 -26.09 23.67
C PHE A 34 -26.49 -25.71 25.00
N PRO A 35 -25.73 -25.68 26.10
CA PRO A 35 -26.28 -25.54 27.45
C PRO A 35 -26.61 -24.13 27.86
N GLU A 36 -26.24 -23.13 27.05
CA GLU A 36 -26.35 -21.72 27.50
C GLU A 36 -27.53 -20.96 26.93
N GLU A 37 -28.35 -21.60 26.15
CA GLU A 37 -29.35 -20.79 25.44
C GLU A 37 -30.78 -20.79 25.99
N ASP A 38 -30.93 -21.27 27.23
CA ASP A 38 -32.25 -21.31 27.88
C ASP A 38 -32.40 -20.40 29.09
N PHE A 39 -31.28 -20.14 29.80
CA PHE A 39 -31.34 -19.58 31.14
C PHE A 39 -31.69 -18.12 31.20
N GLU A 40 -31.73 -17.42 30.05
CA GLU A 40 -32.04 -15.97 30.00
C GLU A 40 -33.55 -15.70 29.86
N GLY A 41 -34.32 -16.73 29.53
CA GLY A 41 -35.74 -16.57 29.29
C GLY A 41 -36.11 -16.43 27.85
N ILE A 42 -35.12 -16.33 26.94
CA ILE A 42 -35.43 -16.14 25.51
C ILE A 42 -35.88 -17.44 24.86
N LYS A 43 -36.95 -17.41 24.06
CA LYS A 43 -37.50 -18.59 23.45
C LYS A 43 -37.27 -18.50 21.96
N ILE A 44 -36.64 -19.54 21.39
CA ILE A 44 -36.47 -19.60 19.97
C ILE A 44 -37.41 -20.66 19.45
N THR A 45 -38.25 -20.26 18.52
CA THR A 45 -39.28 -21.07 17.88
C THR A 45 -38.76 -21.85 16.64
N ASP A 46 -37.82 -21.27 15.90
CA ASP A 46 -37.39 -21.83 14.61
C ASP A 46 -36.15 -21.11 14.06
N TRP A 47 -35.00 -21.78 14.24
CA TRP A 47 -33.70 -21.22 13.86
C TRP A 47 -33.58 -21.02 12.36
N SER A 48 -34.37 -21.79 11.60
CA SER A 48 -34.33 -21.72 10.14
C SER A 48 -34.90 -20.39 9.60
N GLN A 49 -35.64 -19.68 10.44
CA GLN A 49 -36.06 -18.36 10.04
C GLN A 49 -34.98 -17.28 10.16
N TRP A 50 -33.81 -17.66 10.69
CA TRP A 50 -32.62 -16.80 10.61
C TRP A 50 -32.31 -16.42 9.15
N GLU A 51 -32.22 -15.12 8.84
CA GLU A 51 -31.78 -14.67 7.51
C GLU A 51 -30.33 -14.25 7.59
N ASP A 52 -29.49 -14.79 6.73
CA ASP A 52 -28.04 -14.49 6.79
C ASP A 52 -27.83 -13.01 6.53
N PRO A 53 -27.13 -12.32 7.45
CA PRO A 53 -26.92 -10.87 7.28
C PRO A 53 -25.93 -10.52 6.18
N PHE A 54 -25.13 -11.50 5.77
CA PHE A 54 -24.19 -11.39 4.64
C PHE A 54 -23.92 -12.83 4.22
N ARG A 55 -23.53 -13.00 2.95
CA ARG A 55 -23.31 -14.33 2.38
C ARG A 55 -21.92 -14.46 1.78
N LEU A 56 -20.91 -14.62 2.64
CA LEU A 56 -19.53 -14.67 2.23
C LEU A 56 -18.92 -16.03 2.54
N THR A 57 -18.61 -16.80 1.52
CA THR A 57 -17.95 -18.06 1.81
C THR A 57 -16.49 -17.79 2.19
N MET A 58 -15.80 -18.77 2.76
CA MET A 58 -14.45 -18.52 3.27
C MET A 58 -13.46 -18.08 2.18
N ASP A 59 -13.56 -18.65 0.98
CA ASP A 59 -12.65 -18.32 -0.14
C ASP A 59 -12.70 -16.82 -0.43
N ALA A 60 -13.92 -16.29 -0.56
CA ALA A 60 -14.18 -14.88 -0.84
C ALA A 60 -13.78 -13.96 0.33
N TYR A 61 -14.01 -14.41 1.57
CA TYR A 61 -13.54 -13.68 2.78
C TYR A 61 -11.99 -13.49 2.73
N TRP A 62 -11.24 -14.58 2.58
CA TRP A 62 -9.80 -14.52 2.53
C TRP A 62 -9.32 -13.63 1.41
N LYS A 63 -9.91 -13.78 0.22
CA LYS A 63 -9.47 -13.03 -0.94
C LYS A 63 -9.64 -11.53 -0.72
N TYR A 64 -10.81 -11.15 -0.26
CA TYR A 64 -11.08 -9.72 -0.13
C TYR A 64 -10.34 -9.07 1.04
N GLN A 65 -10.24 -9.79 2.14
CA GLN A 65 -9.56 -9.22 3.30
C GLN A 65 -8.06 -9.14 3.04
N ALA A 66 -7.48 -10.11 2.32
CA ALA A 66 -6.04 -10.06 2.00
C ALA A 66 -5.71 -8.82 1.15
N GLU A 67 -6.62 -8.46 0.25
CA GLU A 67 -6.46 -7.27 -0.61
C GLU A 67 -6.44 -5.96 0.19
N LYS A 68 -7.39 -5.81 1.12
CA LYS A 68 -7.46 -4.67 2.02
C LYS A 68 -6.22 -4.59 2.91
N GLU A 69 -5.83 -5.73 3.50
CA GLU A 69 -4.62 -5.81 4.36
C GLU A 69 -3.29 -5.44 3.68
N LYS A 70 -3.07 -5.97 2.49
CA LYS A 70 -1.86 -5.65 1.75
C LYS A 70 -1.77 -4.14 1.49
N LYS A 71 -2.91 -3.51 1.19
CA LYS A 71 -2.98 -2.05 0.99
C LYS A 71 -2.76 -1.24 2.28
N LEU A 72 -3.39 -1.69 3.38
CA LEU A 72 -3.30 -1.09 4.70
C LEU A 72 -1.86 -1.09 5.22
N TYR A 73 -1.19 -2.23 5.17
CA TYR A 73 0.19 -2.35 5.62
C TYR A 73 1.23 -1.60 4.79
N ALA A 74 0.99 -1.50 3.49
CA ALA A 74 1.84 -0.68 2.59
C ALA A 74 1.79 0.77 3.04
N ILE A 75 0.58 1.24 3.36
CA ILE A 75 0.36 2.61 3.82
C ILE A 75 1.01 2.82 5.19
N PHE A 76 0.82 1.85 6.10
CA PHE A 76 1.40 1.94 7.45
C PHE A 76 2.94 2.05 7.40
N ASP A 77 3.58 1.25 6.54
CA ASP A 77 5.03 1.30 6.39
C ASP A 77 5.49 2.64 5.81
N ALA A 78 4.74 3.19 4.86
CA ALA A 78 5.06 4.46 4.21
C ALA A 78 4.95 5.63 5.22
N PHE A 79 3.93 5.54 6.06
CA PHE A 79 3.68 6.50 7.14
C PHE A 79 4.88 6.56 8.07
N ALA A 80 5.34 5.39 8.52
CA ALA A 80 6.47 5.26 9.42
C ALA A 80 7.80 5.67 8.78
N GLN A 81 8.05 5.19 7.55
CA GLN A 81 9.27 5.49 6.80
C GLN A 81 9.39 7.01 6.54
N ASN A 82 8.26 7.68 6.32
CA ASN A 82 8.20 9.12 6.07
C ASN A 82 7.89 10.02 7.27
N ASN A 83 8.04 9.47 8.48
CA ASN A 83 7.73 10.17 9.72
C ASN A 83 6.47 10.97 9.65
N GLY A 84 5.39 10.28 9.32
CA GLY A 84 4.12 10.91 9.14
C GLY A 84 3.53 11.50 10.42
N HIS A 85 4.03 11.10 11.59
CA HIS A 85 3.55 11.70 12.85
C HIS A 85 3.88 13.23 12.88
N GLN A 86 4.86 13.65 12.07
CA GLN A 86 5.22 15.06 12.01
C GLN A 86 4.18 15.92 11.31
N ASN A 87 3.25 15.28 10.61
CA ASN A 87 2.24 16.01 9.84
C ASN A 87 0.87 16.13 10.48
N ILE A 88 0.73 15.67 11.72
CA ILE A 88 -0.50 15.91 12.44
C ILE A 88 -0.66 17.40 12.77
N SER A 89 -1.87 17.83 13.06
CA SER A 89 -2.18 19.25 13.31
C SER A 89 -1.34 19.82 14.51
N ASP A 90 -1.25 19.04 15.59
CA ASP A 90 -0.57 19.45 16.86
C ASP A 90 -0.47 18.23 17.74
N ALA A 91 0.57 18.16 18.58
CA ALA A 91 0.79 17.01 19.43
C ALA A 91 -0.35 16.81 20.45
N ARG A 92 -1.17 17.85 20.73
CA ARG A 92 -2.34 17.68 21.62
C ARG A 92 -3.21 16.55 21.07
N TYR A 93 -3.24 16.42 19.74
CA TYR A 93 -4.09 15.42 19.07
C TYR A 93 -3.75 14.01 19.53
N VAL A 94 -2.48 13.73 19.86
CA VAL A 94 -2.07 12.37 20.16
C VAL A 94 -2.79 11.86 21.47
N ASN A 95 -3.24 12.79 22.31
CA ASN A 95 -4.04 12.41 23.47
C ASN A 95 -5.33 11.65 23.18
N ALA A 96 -5.91 11.89 22.01
CA ALA A 96 -7.05 11.13 21.55
C ALA A 96 -6.60 9.70 21.31
N LEU A 97 -5.37 9.50 20.85
CA LEU A 97 -4.87 8.12 20.57
C LEU A 97 -4.47 7.34 21.82
N LYS A 98 -4.00 8.05 22.86
CA LYS A 98 -3.68 7.43 24.19
C LYS A 98 -4.96 6.86 24.80
N LEU A 99 -6.03 7.65 24.72
CA LEU A 99 -7.38 7.22 25.09
C LEU A 99 -7.87 6.03 24.25
N PHE A 100 -7.68 6.10 22.96
CA PHE A 100 -8.06 5.01 22.08
C PHE A 100 -7.35 3.68 22.37
N ILE A 101 -6.01 3.69 22.42
CA ILE A 101 -5.24 2.46 22.63
C ILE A 101 -5.42 1.80 24.01
N SER A 102 -5.72 2.60 25.05
CA SER A 102 -5.89 2.07 26.39
C SER A 102 -7.36 1.79 26.76
N GLY A 103 -8.30 2.48 26.08
CA GLY A 103 -9.73 2.30 26.37
C GLY A 103 -10.60 1.65 25.30
N ILE A 104 -10.21 1.75 24.04
CA ILE A 104 -11.05 1.24 22.93
C ILE A 104 -10.43 -0.01 22.28
N SER A 105 -9.14 0.02 21.93
CA SER A 105 -8.52 -1.21 21.39
C SER A 105 -8.71 -2.48 22.25
N PRO A 106 -8.56 -2.36 23.59
CA PRO A 106 -8.75 -3.56 24.37
C PRO A 106 -10.18 -4.09 24.26
N LEU A 107 -11.14 -3.23 23.99
CA LEU A 107 -12.50 -3.68 23.74
C LEU A 107 -12.61 -4.49 22.46
N GLU A 108 -11.77 -4.17 21.45
CA GLU A 108 -11.85 -4.87 20.16
C GLU A 108 -11.48 -6.31 20.52
N HIS A 109 -10.43 -6.44 21.32
CA HIS A 109 -9.89 -7.75 21.68
C HIS A 109 -10.86 -8.56 22.57
N ALA A 110 -11.44 -7.92 23.58
CA ALA A 110 -12.60 -8.48 24.31
C ALA A 110 -13.74 -8.93 23.38
N ALA A 111 -14.00 -8.21 22.30
CA ALA A 111 -15.12 -8.57 21.43
C ALA A 111 -14.73 -9.83 20.64
N PHE A 112 -13.46 -9.92 20.29
CA PHE A 112 -12.94 -11.14 19.63
C PHE A 112 -13.22 -12.41 20.46
N GLN A 113 -12.85 -12.40 21.75
CA GLN A 113 -13.13 -13.53 22.64
C GLN A 113 -14.63 -13.77 22.89
N GLY A 114 -15.40 -12.70 23.11
CA GLY A 114 -16.84 -12.79 23.38
C GLY A 114 -17.59 -13.33 22.17
N TYR A 115 -17.28 -12.84 20.98
CA TYR A 115 -17.91 -13.38 19.77
C TYR A 115 -17.46 -14.81 19.46
N SER A 116 -16.18 -15.13 19.69
CA SER A 116 -15.71 -16.53 19.51
C SER A 116 -16.59 -17.47 20.37
N LYS A 117 -16.73 -17.13 21.64
CA LYS A 117 -17.54 -17.94 22.53
C LYS A 117 -18.99 -18.03 22.10
N VAL A 118 -19.60 -16.92 21.69
CA VAL A 118 -21.01 -16.94 21.30
C VAL A 118 -21.23 -17.67 19.94
N GLY A 119 -20.23 -17.62 19.06
CA GLY A 119 -20.20 -18.46 17.83
C GLY A 119 -20.02 -19.97 18.06
N ARG A 120 -19.90 -20.38 19.34
CA ARG A 120 -20.09 -21.79 19.77
C ARG A 120 -21.48 -22.07 20.44
N GLN A 121 -22.12 -21.08 21.05
CA GLN A 121 -23.28 -21.37 21.96
C GLN A 121 -24.62 -21.53 21.34
N PHE A 122 -24.83 -20.95 20.14
CA PHE A 122 -26.15 -20.93 19.51
C PHE A 122 -26.37 -22.20 18.73
N SER A 123 -27.56 -22.78 18.84
CA SER A 123 -27.83 -24.00 18.12
C SER A 123 -28.14 -23.74 16.68
N GLY A 124 -28.32 -22.47 16.31
CA GLY A 124 -28.58 -22.18 14.89
C GLY A 124 -27.28 -22.01 14.13
N ALA A 125 -27.04 -22.86 13.13
CA ALA A 125 -25.75 -22.92 12.44
C ALA A 125 -25.49 -21.60 11.75
N GLY A 126 -26.55 -21.02 11.26
CA GLY A 126 -26.56 -19.72 10.54
C GLY A 126 -26.06 -18.59 11.44
N ALA A 127 -26.65 -18.45 12.62
CA ALA A 127 -26.16 -17.49 13.63
C ALA A 127 -24.68 -17.72 14.06
N ARG A 128 -24.27 -18.97 14.21
CA ARG A 128 -22.87 -19.30 14.59
C ARG A 128 -21.84 -18.80 13.58
N VAL A 129 -22.08 -19.06 12.30
CA VAL A 129 -21.16 -18.54 11.28
C VAL A 129 -21.07 -16.99 11.27
N ALA A 130 -22.19 -16.28 11.38
CA ALA A 130 -22.15 -14.79 11.39
C ALA A 130 -21.30 -14.32 12.57
N CYS A 131 -21.51 -14.94 13.75
CA CYS A 131 -20.77 -14.57 14.97
C CYS A 131 -19.29 -14.84 14.86
N GLN A 132 -18.95 -15.97 14.24
CA GLN A 132 -17.54 -16.32 14.09
C GLN A 132 -16.84 -15.37 13.10
N MET A 133 -17.51 -14.97 12.03
CA MET A 133 -16.88 -14.04 11.10
C MET A 133 -16.69 -12.68 11.77
N GLN A 134 -17.66 -12.28 12.62
CA GLN A 134 -17.48 -11.08 13.44
C GLN A 134 -16.29 -11.22 14.41
N ALA A 135 -16.17 -12.38 15.08
CA ALA A 135 -15.03 -12.61 15.96
C ALA A 135 -13.67 -12.39 15.28
N ILE A 136 -13.49 -12.98 14.09
CA ILE A 136 -12.16 -12.85 13.46
C ILE A 136 -11.96 -11.41 12.91
N ASP A 137 -13.04 -10.70 12.51
CA ASP A 137 -12.91 -9.26 12.22
C ASP A 137 -12.46 -8.44 13.42
N GLU A 138 -12.98 -8.73 14.62
CA GLU A 138 -12.56 -7.98 15.83
C GLU A 138 -11.10 -8.28 16.17
N LEU A 139 -10.66 -9.52 15.98
CA LEU A 139 -9.26 -9.83 16.09
C LEU A 139 -8.46 -8.94 15.13
N ARG A 140 -8.92 -8.85 13.91
CA ARG A 140 -8.23 -7.99 12.96
C ARG A 140 -8.15 -6.57 13.47
N HIS A 141 -9.26 -6.07 14.01
CA HIS A 141 -9.35 -4.67 14.44
C HIS A 141 -8.40 -4.41 15.57
N SER A 142 -8.35 -5.37 16.49
CA SER A 142 -7.39 -5.34 17.61
C SER A 142 -5.90 -5.24 17.14
N GLN A 143 -5.49 -6.15 16.29
CA GLN A 143 -4.11 -6.24 15.86
C GLN A 143 -3.71 -5.11 14.94
N THR A 144 -4.54 -4.74 13.99
CA THR A 144 -4.22 -3.64 13.09
C THR A 144 -4.16 -2.29 13.84
N GLN A 145 -4.98 -2.10 14.87
CA GLN A 145 -4.82 -0.97 15.77
C GLN A 145 -3.47 -0.97 16.51
N GLN A 146 -3.00 -2.12 17.01
CA GLN A 146 -1.66 -2.15 17.63
C GLN A 146 -0.60 -1.74 16.62
N HIS A 147 -0.79 -2.14 15.36
CA HIS A 147 0.21 -1.82 14.33
C HIS A 147 0.09 -0.36 13.94
N ALA A 148 -1.14 0.16 13.90
CA ALA A 148 -1.39 1.57 13.53
C ALA A 148 -0.73 2.55 14.49
N MET A 149 -0.88 2.27 15.79
CA MET A 149 -0.41 3.11 16.89
C MET A 149 1.08 2.93 17.17
N SER A 150 1.68 1.91 16.56
CA SER A 150 3.03 1.53 16.88
C SER A 150 4.00 2.67 16.73
N HIS A 151 3.85 3.42 15.64
CA HIS A 151 4.81 4.46 15.30
C HIS A 151 4.54 5.66 16.22
N TYR A 152 3.30 5.85 16.64
CA TYR A 152 2.98 6.95 17.59
C TYR A 152 3.62 6.69 18.95
N ASN A 153 3.58 5.42 19.37
CA ASN A 153 4.21 4.94 20.61
C ASN A 153 5.73 5.18 20.64
N LYS A 154 6.39 5.14 19.48
CA LYS A 154 7.82 5.48 19.45
C LYS A 154 8.15 6.96 19.69
N HIS A 155 7.18 7.84 19.49
CA HIS A 155 7.49 9.28 19.49
C HIS A 155 6.73 10.11 20.53
N PHE A 156 5.72 9.49 21.14
CA PHE A 156 4.84 10.18 22.11
C PHE A 156 4.63 9.32 23.38
N ASN A 157 4.23 9.96 24.49
CA ASN A 157 4.17 9.24 25.77
C ASN A 157 2.75 8.75 25.94
N GLY A 158 2.51 7.84 26.89
CA GLY A 158 1.18 7.45 27.24
C GLY A 158 0.56 6.34 26.38
N LEU A 159 1.29 5.83 25.42
CA LEU A 159 0.77 4.79 24.53
C LEU A 159 1.42 3.44 24.82
N HIS A 160 2.27 3.37 25.85
CA HIS A 160 3.23 2.27 25.99
C HIS A 160 2.76 1.04 26.75
N ASP A 161 1.64 1.14 27.45
CA ASP A 161 1.20 -0.02 28.26
C ASP A 161 -0.35 -0.14 28.32
N GLY A 162 -0.98 0.06 27.18
CA GLY A 162 -2.43 0.03 27.03
C GLY A 162 -3.17 -1.10 27.77
N PRO A 163 -2.91 -2.39 27.44
CA PRO A 163 -3.62 -3.49 28.08
C PRO A 163 -3.37 -3.57 29.63
N HIS A 164 -2.16 -3.26 30.07
CA HIS A 164 -1.83 -3.21 31.51
C HIS A 164 -2.64 -2.12 32.23
N MET A 165 -2.69 -0.94 31.65
CA MET A 165 -3.45 0.15 32.22
C MET A 165 -4.96 -0.12 32.15
N HIS A 166 -5.42 -0.77 31.08
CA HIS A 166 -6.89 -1.04 30.92
C HIS A 166 -7.48 -1.82 32.08
N ASP A 167 -6.68 -2.74 32.65
CA ASP A 167 -7.10 -3.58 33.81
C ASP A 167 -7.03 -2.86 35.17
N ARG A 168 -6.32 -1.73 35.25
CA ARG A 168 -5.95 -1.12 36.53
C ARG A 168 -6.41 0.30 36.70
N VAL A 169 -6.14 1.13 35.70
CA VAL A 169 -6.35 2.58 35.81
C VAL A 169 -7.79 2.98 36.04
N TRP A 170 -7.97 3.94 36.95
CA TRP A 170 -9.30 4.34 37.39
C TRP A 170 -10.28 4.54 36.25
N TYR A 171 -9.98 5.42 35.29
CA TYR A 171 -10.99 5.81 34.29
C TYR A 171 -11.24 4.71 33.21
N LEU A 172 -10.26 3.85 33.01
CA LEU A 172 -10.39 2.68 32.11
C LEU A 172 -11.27 1.56 32.69
N SER A 173 -11.60 1.60 33.98
CA SER A 173 -12.64 0.68 34.46
C SER A 173 -14.05 0.94 33.85
N VAL A 174 -14.30 2.15 33.32
CA VAL A 174 -15.52 2.47 32.55
C VAL A 174 -15.69 1.58 31.31
N PRO A 175 -14.77 1.67 30.30
CA PRO A 175 -14.90 0.66 29.23
C PRO A 175 -14.74 -0.79 29.66
N LYS A 176 -13.83 -1.10 30.58
CA LYS A 176 -13.61 -2.47 31.02
C LYS A 176 -14.87 -3.11 31.64
N SER A 177 -15.49 -2.42 32.61
CA SER A 177 -16.68 -2.98 33.23
C SER A 177 -17.90 -3.05 32.27
N PHE A 178 -17.97 -2.14 31.30
CA PHE A 178 -19.00 -2.22 30.22
C PHE A 178 -18.90 -3.57 29.51
N PHE A 179 -17.68 -3.89 29.07
CA PHE A 179 -17.53 -5.15 28.36
C PHE A 179 -17.53 -6.42 29.26
N ASP A 180 -17.05 -6.31 30.50
CA ASP A 180 -17.13 -7.43 31.47
C ASP A 180 -18.59 -7.74 31.73
N ASP A 181 -19.45 -6.73 31.84
CA ASP A 181 -20.89 -6.89 32.04
C ASP A 181 -21.47 -7.71 30.89
N ALA A 182 -21.17 -7.31 29.64
CA ALA A 182 -21.67 -8.06 28.46
C ALA A 182 -21.16 -9.50 28.39
N ARG A 183 -19.88 -9.71 28.63
CA ARG A 183 -19.33 -11.09 28.52
C ARG A 183 -19.69 -12.02 29.73
N SER A 184 -20.04 -11.44 30.88
CA SER A 184 -20.56 -12.26 31.93
C SER A 184 -22.03 -12.61 31.78
N ALA A 185 -22.75 -11.85 30.92
CA ALA A 185 -24.15 -12.04 30.63
C ALA A 185 -24.26 -13.30 29.74
N GLY A 186 -25.47 -13.85 29.58
CA GLY A 186 -25.67 -14.94 28.61
C GLY A 186 -25.55 -14.47 27.15
N PRO A 187 -25.65 -15.44 26.20
CA PRO A 187 -25.41 -15.16 24.78
C PRO A 187 -26.41 -14.21 24.08
N PHE A 188 -27.71 -14.32 24.39
CA PHE A 188 -28.67 -13.37 23.81
C PHE A 188 -28.46 -11.94 24.27
N GLU A 189 -28.15 -11.77 25.55
CA GLU A 189 -27.89 -10.41 26.07
C GLU A 189 -26.56 -9.90 25.50
N PHE A 190 -25.58 -10.78 25.40
CA PHE A 190 -24.29 -10.36 24.78
C PHE A 190 -24.57 -9.80 23.38
N LEU A 191 -25.31 -10.56 22.57
CA LEU A 191 -25.65 -10.07 21.22
C LEU A 191 -26.49 -8.77 21.24
N THR A 192 -27.45 -8.68 22.15
CA THR A 192 -28.27 -7.47 22.22
C THR A 192 -27.45 -6.27 22.63
N ALA A 193 -26.53 -6.47 23.56
CA ALA A 193 -25.66 -5.40 24.06
C ALA A 193 -24.71 -4.92 22.96
N ILE A 194 -24.01 -5.87 22.40
CA ILE A 194 -22.87 -5.56 21.55
C ILE A 194 -23.24 -5.43 20.06
N SER A 195 -23.96 -6.42 19.53
CA SER A 195 -24.33 -6.38 18.10
C SER A 195 -25.42 -5.35 17.82
N PHE A 196 -26.50 -5.36 18.60
CA PHE A 196 -27.53 -4.39 18.34
C PHE A 196 -27.22 -3.00 18.93
N SER A 197 -27.00 -2.89 20.24
CA SER A 197 -26.86 -1.58 20.90
C SER A 197 -25.55 -0.84 20.52
N PHE A 198 -24.43 -1.55 20.55
CA PHE A 198 -23.11 -0.99 20.30
C PHE A 198 -22.95 -0.88 18.78
N GLU A 199 -23.01 -2.02 18.09
CA GLU A 199 -22.62 -2.10 16.65
C GLU A 199 -23.63 -1.58 15.69
N TYR A 200 -24.87 -1.41 16.10
CA TYR A 200 -25.86 -0.91 15.20
C TYR A 200 -26.36 0.46 15.64
N VAL A 201 -26.93 0.57 16.82
CA VAL A 201 -27.48 1.81 17.27
C VAL A 201 -26.44 2.94 17.53
N LEU A 202 -25.35 2.63 18.25
CA LEU A 202 -24.44 3.65 18.80
C LEU A 202 -23.10 3.71 18.07
N THR A 203 -22.91 2.80 17.13
CA THR A 203 -21.65 2.65 16.36
C THR A 203 -21.04 3.94 15.78
N ASN A 204 -21.86 4.72 15.11
CA ASN A 204 -21.42 5.98 14.50
C ASN A 204 -20.90 7.01 15.50
N LEU A 205 -21.42 6.98 16.72
CA LEU A 205 -20.94 7.91 17.77
C LEU A 205 -19.52 7.62 18.23
N LEU A 206 -19.07 6.37 18.06
CA LEU A 206 -17.71 5.97 18.37
C LEU A 206 -16.82 6.15 17.14
N PHE A 207 -17.25 5.58 16.02
CA PHE A 207 -16.47 5.51 14.78
C PHE A 207 -16.26 6.85 14.09
N VAL A 208 -17.34 7.57 13.80
CA VAL A 208 -17.23 8.83 13.06
C VAL A 208 -16.29 9.88 13.74
N PRO A 209 -16.50 10.18 15.04
CA PRO A 209 -15.56 11.13 15.69
C PRO A 209 -14.09 10.74 15.63
N PHE A 210 -13.75 9.47 15.85
CA PHE A 210 -12.34 9.07 15.87
C PHE A 210 -11.75 9.12 14.47
N MET A 211 -12.49 8.57 13.50
CA MET A 211 -11.97 8.42 12.15
C MET A 211 -12.04 9.74 11.37
N SER A 212 -13.10 10.53 11.52
CA SER A 212 -13.07 11.81 10.83
C SER A 212 -12.18 12.84 11.55
N GLY A 213 -12.03 12.71 12.88
CA GLY A 213 -11.01 13.49 13.61
C GLY A 213 -9.62 13.25 13.03
N ALA A 214 -9.30 11.99 12.76
CA ALA A 214 -8.06 11.63 12.10
C ALA A 214 -7.92 12.35 10.75
N ALA A 215 -8.99 12.35 9.96
CA ALA A 215 -8.97 12.96 8.62
C ALA A 215 -8.75 14.46 8.74
N TYR A 216 -9.33 15.13 9.75
CA TYR A 216 -9.17 16.60 9.88
C TYR A 216 -7.88 17.03 10.57
N ASN A 217 -7.13 16.07 11.11
CA ASN A 217 -5.98 16.37 11.90
C ASN A 217 -4.70 15.74 11.39
N GLY A 218 -4.74 15.20 10.17
CA GLY A 218 -3.50 14.81 9.49
C GLY A 218 -2.96 13.45 9.84
N ASP A 219 -3.81 12.61 10.42
CA ASP A 219 -3.36 11.32 10.95
C ASP A 219 -3.71 10.26 9.90
N MET A 220 -2.78 10.02 8.99
CA MET A 220 -3.01 9.13 7.87
C MET A 220 -3.16 7.68 8.29
N ALA A 221 -2.42 7.26 9.31
CA ALA A 221 -2.53 5.89 9.82
C ALA A 221 -3.92 5.53 10.30
N THR A 222 -4.47 6.38 11.17
CA THR A 222 -5.80 6.15 11.75
C THR A 222 -6.90 6.23 10.65
N VAL A 223 -6.78 7.22 9.76
CA VAL A 223 -7.84 7.36 8.79
C VAL A 223 -7.86 6.13 7.83
N THR A 224 -6.67 5.61 7.53
CA THR A 224 -6.51 4.44 6.68
C THR A 224 -7.08 3.21 7.40
N PHE A 225 -6.77 3.06 8.69
CA PHE A 225 -7.44 2.02 9.45
C PHE A 225 -8.97 2.19 9.33
N GLY A 226 -9.51 3.40 9.55
CA GLY A 226 -10.99 3.65 9.44
C GLY A 226 -11.61 3.31 8.07
N PHE A 227 -11.00 3.79 7.00
CA PHE A 227 -11.43 3.38 5.66
C PHE A 227 -11.44 1.86 5.50
N SER A 228 -10.38 1.20 5.97
CA SER A 228 -10.26 -0.25 5.91
C SER A 228 -11.35 -1.06 6.70
N ALA A 229 -11.82 -0.46 7.78
CA ALA A 229 -12.79 -1.10 8.63
C ALA A 229 -14.23 -0.87 8.18
N GLN A 230 -14.48 0.06 7.23
CA GLN A 230 -15.86 0.32 6.74
C GLN A 230 -16.64 -0.89 6.23
N SER A 231 -16.06 -1.65 5.31
CA SER A 231 -16.74 -2.84 4.81
C SER A 231 -17.00 -3.87 5.92
N ASP A 232 -16.12 -3.94 6.91
CA ASP A 232 -16.30 -4.84 8.04
C ASP A 232 -17.55 -4.38 8.80
N GLU A 233 -17.63 -3.09 9.11
CA GLU A 233 -18.72 -2.57 9.95
C GLU A 233 -20.05 -2.63 9.30
N ALA A 234 -20.09 -2.55 7.96
CA ALA A 234 -21.31 -2.82 7.22
C ALA A 234 -21.87 -4.21 7.53
N ARG A 235 -21.02 -5.24 7.60
CA ARG A 235 -21.51 -6.56 7.98
C ARG A 235 -21.97 -6.55 9.46
N HIS A 236 -21.21 -5.86 10.32
CA HIS A 236 -21.48 -5.90 11.76
C HIS A 236 -22.81 -5.21 12.07
N MET A 237 -23.09 -4.10 11.39
CA MET A 237 -24.39 -3.44 11.54
C MET A 237 -25.57 -4.30 11.07
N THR A 238 -25.40 -5.00 9.96
CA THR A 238 -26.43 -5.88 9.47
C THR A 238 -26.71 -7.06 10.40
N LEU A 239 -25.64 -7.62 10.98
CA LEU A 239 -25.87 -8.65 12.00
C LEU A 239 -26.71 -8.08 13.17
N GLY A 240 -26.38 -6.87 13.62
CA GLY A 240 -27.08 -6.25 14.77
C GLY A 240 -28.57 -6.09 14.50
N LEU A 241 -28.89 -5.68 13.29
CA LEU A 241 -30.29 -5.51 12.82
C LEU A 241 -30.99 -6.87 12.74
N GLU A 242 -30.35 -7.87 12.12
CA GLU A 242 -30.91 -9.23 12.07
C GLU A 242 -31.20 -9.78 13.46
N VAL A 243 -30.22 -9.62 14.36
CA VAL A 243 -30.32 -10.07 15.77
C VAL A 243 -31.62 -9.56 16.44
N ILE A 244 -31.88 -8.25 16.47
CA ILE A 244 -33.09 -7.81 17.23
C ILE A 244 -34.36 -8.26 16.56
N LYS A 245 -34.43 -8.18 15.23
CA LYS A 245 -35.63 -8.62 14.50
C LYS A 245 -35.87 -10.10 14.69
N PHE A 246 -34.83 -10.91 14.54
CA PHE A 246 -34.93 -12.35 14.74
C PHE A 246 -35.51 -12.70 16.11
N ILE A 247 -34.93 -12.12 17.15
CA ILE A 247 -35.30 -12.39 18.56
C ILE A 247 -36.71 -11.91 18.89
N LEU A 248 -37.05 -10.71 18.39
CA LEU A 248 -38.39 -10.15 18.63
C LEU A 248 -39.49 -10.96 17.92
N GLU A 249 -39.18 -11.54 16.77
CA GLU A 249 -40.18 -12.27 16.00
C GLU A 249 -40.37 -13.69 16.46
N GLN A 250 -39.41 -14.23 17.20
CA GLN A 250 -39.45 -15.63 17.57
C GLN A 250 -40.48 -15.98 18.64
N HIS A 251 -40.87 -15.02 19.47
CA HIS A 251 -41.82 -15.33 20.53
C HIS A 251 -42.22 -14.06 21.22
N GLU A 252 -43.51 -13.87 21.47
CA GLU A 252 -43.98 -12.66 22.14
C GLU A 252 -43.39 -12.51 23.50
N ASP A 253 -43.13 -13.61 24.17
CA ASP A 253 -42.48 -13.53 25.49
C ASP A 253 -41.08 -12.85 25.44
N ASN A 254 -40.44 -12.80 24.26
CA ASN A 254 -39.08 -12.23 24.16
C ASN A 254 -39.13 -10.73 24.24
N VAL A 255 -40.31 -10.16 24.07
CA VAL A 255 -40.37 -8.72 23.82
C VAL A 255 -40.04 -7.93 25.07
N PRO A 256 -40.67 -8.27 26.23
CA PRO A 256 -40.28 -7.47 27.42
C PRO A 256 -38.83 -7.70 27.90
N ILE A 257 -38.28 -8.90 27.67
CA ILE A 257 -36.87 -9.16 28.05
C ILE A 257 -35.95 -8.25 27.21
N VAL A 258 -36.21 -8.21 25.89
CA VAL A 258 -35.43 -7.39 24.97
C VAL A 258 -35.59 -5.94 25.33
N GLN A 259 -36.81 -5.55 25.72
CA GLN A 259 -37.02 -4.14 26.12
C GLN A 259 -36.12 -3.72 27.28
N ARG A 260 -36.05 -4.57 28.29
CA ARG A 260 -35.18 -4.29 29.43
C ARG A 260 -33.70 -4.22 29.02
N TRP A 261 -33.26 -5.12 28.14
CA TRP A 261 -31.86 -5.06 27.63
C TRP A 261 -31.61 -3.80 26.84
N ILE A 262 -32.58 -3.37 26.03
CA ILE A 262 -32.42 -2.11 25.28
C ILE A 262 -32.26 -0.95 26.31
N ASP A 263 -33.13 -0.89 27.31
CA ASP A 263 -33.03 0.16 28.33
C ASP A 263 -31.68 0.14 29.05
N LYS A 264 -31.22 -1.05 29.48
CA LYS A 264 -29.89 -1.21 30.16
C LYS A 264 -28.69 -0.80 29.26
N TRP A 265 -28.67 -1.30 28.02
CA TRP A 265 -27.49 -1.14 27.20
C TRP A 265 -27.51 0.20 26.50
N PHE A 266 -28.68 0.74 26.21
CA PHE A 266 -28.73 2.15 25.83
C PHE A 266 -28.01 2.96 26.89
N TRP A 267 -28.35 2.75 28.15
CA TRP A 267 -27.88 3.62 29.21
C TRP A 267 -26.38 3.39 29.51
N ARG A 268 -25.96 2.12 29.59
CA ARG A 268 -24.52 1.81 29.68
C ARG A 268 -23.69 2.33 28.46
N GLY A 269 -24.24 2.20 27.26
CA GLY A 269 -23.59 2.67 26.06
C GLY A 269 -23.49 4.19 26.08
N PHE A 270 -24.55 4.87 26.53
CA PHE A 270 -24.50 6.34 26.66
C PHE A 270 -23.37 6.80 27.65
N ARG A 271 -23.24 6.11 28.79
CA ARG A 271 -22.20 6.45 29.77
C ARG A 271 -20.83 6.16 29.18
N LEU A 272 -20.69 5.05 28.48
CA LEU A 272 -19.39 4.74 27.89
C LEU A 272 -18.98 5.86 26.88
N LEU A 273 -19.93 6.32 26.07
CA LEU A 273 -19.67 7.33 25.02
C LEU A 273 -19.37 8.75 25.51
N SER A 274 -19.70 9.02 26.77
CA SER A 274 -19.29 10.27 27.39
C SER A 274 -17.76 10.51 27.23
N LEU A 275 -16.94 9.46 27.22
CA LEU A 275 -15.52 9.57 26.90
C LEU A 275 -15.20 10.12 25.50
N VAL A 276 -16.01 9.74 24.50
CA VAL A 276 -15.90 10.24 23.13
C VAL A 276 -16.38 11.70 22.99
N SER A 277 -17.43 12.09 23.73
CA SER A 277 -17.87 13.48 23.71
C SER A 277 -16.77 14.43 24.07
N MET A 278 -16.01 14.09 25.10
CA MET A 278 -14.87 14.88 25.56
C MET A 278 -13.72 14.92 24.50
N MET A 279 -13.41 13.76 23.92
CA MET A 279 -12.41 13.66 22.84
C MET A 279 -12.67 14.59 21.69
N MET A 280 -13.87 14.49 21.12
CA MET A 280 -14.16 15.24 19.90
C MET A 280 -14.32 16.75 20.17
N ASP A 281 -14.86 17.14 21.31
CA ASP A 281 -15.03 18.58 21.58
C ASP A 281 -13.72 19.24 21.99
N TYR A 282 -12.86 18.51 22.73
CA TYR A 282 -11.65 19.11 23.34
C TYR A 282 -10.29 18.61 22.85
N MET A 283 -10.18 17.30 22.58
CA MET A 283 -8.87 16.76 22.26
C MET A 283 -8.44 16.92 20.80
N LEU A 284 -9.39 17.23 19.92
CA LEU A 284 -9.05 17.44 18.50
C LEU A 284 -8.73 18.92 18.21
N PRO A 285 -7.47 19.23 17.78
CA PRO A 285 -7.12 20.61 17.40
C PRO A 285 -8.04 21.18 16.31
N ASN A 286 -8.23 20.42 15.22
CA ASN A 286 -9.27 20.75 14.22
C ASN A 286 -10.53 19.96 14.47
N LYS A 287 -11.66 20.69 14.63
CA LYS A 287 -12.93 20.11 15.05
C LYS A 287 -13.67 19.55 13.85
N VAL A 288 -14.37 18.44 14.06
CA VAL A 288 -15.23 17.83 13.03
C VAL A 288 -16.67 18.37 13.18
N MET A 289 -17.24 18.13 14.33
CA MET A 289 -18.58 18.61 14.68
C MET A 289 -18.61 18.54 16.20
N SER A 290 -19.63 19.10 16.82
CA SER A 290 -19.66 19.05 18.27
C SER A 290 -20.31 17.73 18.69
N TRP A 291 -20.13 17.35 19.96
CA TRP A 291 -20.85 16.18 20.48
C TRP A 291 -22.35 16.38 20.33
N SER A 292 -22.82 17.59 20.60
CA SER A 292 -24.24 17.85 20.54
C SER A 292 -24.80 17.57 19.08
N GLU A 293 -24.08 18.00 18.06
CA GLU A 293 -24.45 17.73 16.67
C GLU A 293 -24.37 16.24 16.31
N ALA A 294 -23.30 15.55 16.75
CA ALA A 294 -23.19 14.10 16.55
C ALA A 294 -24.33 13.32 17.22
N TRP A 295 -24.64 13.65 18.47
CA TRP A 295 -25.78 13.00 19.16
C TRP A 295 -27.10 13.20 18.42
N GLU A 296 -27.35 14.44 18.03
CA GLU A 296 -28.56 14.81 17.34
C GLU A 296 -28.76 14.07 16.01
N VAL A 297 -27.70 13.93 15.23
CA VAL A 297 -27.79 13.24 13.96
C VAL A 297 -27.80 11.73 14.13
N TYR A 298 -26.84 11.20 14.88
CA TYR A 298 -26.67 9.77 14.90
C TYR A 298 -27.63 9.07 15.84
N TYR A 299 -28.01 9.72 16.92
CA TYR A 299 -28.95 9.07 17.79
C TYR A 299 -30.33 9.67 17.61
N GLU A 300 -30.49 10.97 17.77
CA GLU A 300 -31.88 11.47 17.79
C GLU A 300 -32.60 11.23 16.43
N GLN A 301 -31.93 11.50 15.31
CA GLN A 301 -32.54 11.31 14.00
C GLN A 301 -32.53 9.87 13.56
N ASN A 302 -31.34 9.28 13.40
CA ASN A 302 -31.25 7.90 12.88
C ASN A 302 -31.89 6.87 13.82
N GLY A 303 -31.58 6.98 15.11
CA GLY A 303 -32.11 6.10 16.18
C GLY A 303 -33.61 6.28 16.31
N GLY A 304 -34.12 7.51 16.19
CA GLY A 304 -35.57 7.72 16.22
C GLY A 304 -36.31 6.95 15.15
N ALA A 305 -35.74 6.90 13.96
CA ALA A 305 -36.32 6.16 12.85
C ALA A 305 -36.24 4.65 13.15
N LEU A 306 -35.08 4.18 13.62
CA LEU A 306 -34.99 2.76 14.01
C LEU A 306 -36.03 2.37 15.07
N PHE A 307 -36.21 3.19 16.10
CA PHE A 307 -37.17 2.85 17.15
C PHE A 307 -38.62 2.94 16.69
N LYS A 308 -38.89 3.75 15.66
CA LYS A 308 -40.22 3.76 15.00
C LYS A 308 -40.47 2.44 14.27
N ASP A 309 -39.44 1.93 13.60
CA ASP A 309 -39.43 0.59 13.00
C ASP A 309 -39.77 -0.50 14.05
N LEU A 310 -39.21 -0.43 15.26
CA LEU A 310 -39.36 -1.49 16.26
C LEU A 310 -40.71 -1.45 16.99
N GLU A 311 -41.45 -0.34 16.85
CA GLU A 311 -42.81 -0.22 17.39
C GLU A 311 -43.76 -1.33 16.95
N ARG A 312 -43.61 -1.83 15.72
CA ARG A 312 -44.44 -2.94 15.21
C ARG A 312 -44.34 -4.20 16.06
N TYR A 313 -43.22 -4.34 16.79
CA TYR A 313 -42.99 -5.50 17.69
C TYR A 313 -43.46 -5.22 19.11
N GLY A 314 -43.92 -4.00 19.38
CA GLY A 314 -44.27 -3.66 20.76
C GLY A 314 -43.10 -3.04 21.53
N ILE A 315 -42.05 -2.60 20.83
CA ILE A 315 -40.84 -2.04 21.50
C ILE A 315 -40.99 -0.50 21.63
N ARG A 316 -40.65 0.09 22.77
CA ARG A 316 -40.66 1.56 22.89
C ARG A 316 -39.20 2.06 22.92
N PRO A 317 -38.98 3.39 22.71
CA PRO A 317 -37.60 3.89 22.77
C PRO A 317 -37.00 3.68 24.17
N PRO A 318 -35.64 3.66 24.28
CA PRO A 318 -35.05 3.41 25.60
C PRO A 318 -35.46 4.39 26.71
N LYS A 319 -35.63 3.84 27.90
CA LYS A 319 -35.91 4.62 29.12
C LYS A 319 -34.79 5.65 29.36
N TYR A 320 -35.16 6.87 29.77
CA TYR A 320 -34.21 7.98 29.98
C TYR A 320 -33.52 8.49 28.70
N GLN A 321 -33.99 8.15 27.49
CA GLN A 321 -33.31 8.71 26.32
C GLN A 321 -33.44 10.24 26.36
N ASP A 322 -34.55 10.78 26.93
CA ASP A 322 -34.70 12.24 27.13
C ASP A 322 -33.63 12.92 27.99
N VAL A 323 -33.21 12.21 29.02
CA VAL A 323 -32.15 12.69 29.90
C VAL A 323 -30.86 12.78 29.07
N ALA A 324 -30.60 11.78 28.22
CA ALA A 324 -29.38 11.72 27.41
C ALA A 324 -29.42 12.82 26.32
N ASN A 325 -30.59 13.02 25.71
CA ASN A 325 -30.76 14.11 24.68
C ASN A 325 -30.43 15.47 25.29
N ASP A 326 -30.98 15.74 26.47
CA ASP A 326 -30.65 16.94 27.23
C ASP A 326 -29.18 17.06 27.72
N ALA A 327 -28.51 15.95 28.06
CA ALA A 327 -27.12 16.01 28.55
C ALA A 327 -26.12 16.38 27.45
N LYS A 328 -26.54 16.30 26.19
CA LYS A 328 -25.63 16.59 25.09
C LYS A 328 -25.08 18.01 25.17
N HIS A 329 -25.82 18.92 25.84
CA HIS A 329 -25.37 20.31 26.00
C HIS A 329 -24.29 20.49 27.10
N HIS A 330 -24.01 19.41 27.86
CA HIS A 330 -23.23 19.50 29.12
C HIS A 330 -22.10 18.51 29.19
N LEU A 331 -22.33 17.33 28.61
CA LEU A 331 -21.46 16.13 28.78
C LEU A 331 -19.96 16.35 28.58
N SER A 332 -19.59 16.87 27.43
CA SER A 332 -18.15 17.02 27.12
C SER A 332 -17.44 17.97 28.07
N HIS A 333 -18.15 19.03 28.46
CA HIS A 333 -17.59 20.06 29.36
C HIS A 333 -17.42 19.52 30.81
N GLN A 334 -18.43 18.81 31.33
CA GLN A 334 -18.32 18.14 32.64
C GLN A 334 -17.15 17.14 32.69
N LEU A 335 -16.99 16.35 31.65
CA LEU A 335 -15.93 15.37 31.63
C LEU A 335 -14.54 16.01 31.47
N TRP A 336 -14.43 17.08 30.66
CA TRP A 336 -13.08 17.61 30.39
C TRP A 336 -12.56 18.19 31.67
N THR A 337 -13.43 18.94 32.31
CA THR A 337 -13.15 19.51 33.64
C THR A 337 -12.79 18.44 34.77
N THR A 338 -13.43 17.29 34.75
CA THR A 338 -13.08 16.13 35.57
C THR A 338 -11.68 15.63 35.27
N PHE A 339 -11.37 15.41 33.99
CA PHE A 339 -10.08 14.87 33.61
C PHE A 339 -8.98 15.89 33.84
N TYR A 340 -9.29 17.15 33.62
CA TYR A 340 -8.30 18.24 33.90
C TYR A 340 -7.76 18.16 35.37
N GLN A 341 -8.65 18.06 36.37
CA GLN A 341 -8.24 18.09 37.78
C GLN A 341 -7.65 16.79 38.27
N TYR A 342 -7.89 15.72 37.54
CA TYR A 342 -7.39 14.42 37.91
C TYR A 342 -6.28 13.88 36.97
N CYS A 343 -5.79 14.70 36.04
CA CYS A 343 -4.78 14.16 35.11
C CYS A 343 -3.38 13.94 35.66
N GLN A 344 -3.16 14.23 36.93
CA GLN A 344 -1.95 13.73 37.61
C GLN A 344 -1.99 12.17 37.66
N ALA A 345 -3.17 11.61 37.43
CA ALA A 345 -3.38 10.18 37.57
C ALA A 345 -3.94 9.51 36.32
N THR A 346 -3.67 10.09 35.15
CA THR A 346 -4.07 9.54 33.84
C THR A 346 -2.81 9.45 32.93
N ASN A 347 -2.93 8.69 31.84
CA ASN A 347 -1.82 8.45 30.92
C ASN A 347 -1.94 9.37 29.70
N PHE A 348 -2.73 10.43 29.82
CA PHE A 348 -2.82 11.49 28.83
C PHE A 348 -2.85 12.87 29.49
N HIS A 349 -2.52 13.88 28.71
CA HIS A 349 -2.54 15.28 29.15
C HIS A 349 -3.87 16.00 28.95
N THR A 350 -4.10 17.07 29.71
CA THR A 350 -5.24 17.95 29.47
C THR A 350 -4.68 19.38 29.52
N TRP A 351 -5.50 20.38 29.28
CA TRP A 351 -4.96 21.74 29.14
C TRP A 351 -6.19 22.60 29.10
N ILE A 352 -5.99 23.91 29.16
CA ILE A 352 -7.11 24.82 28.94
C ILE A 352 -7.25 25.10 27.42
N PRO A 353 -8.47 24.98 26.86
CA PRO A 353 -8.70 25.25 25.44
C PRO A 353 -8.24 26.67 25.02
N GLU A 354 -7.77 26.82 23.77
CA GLU A 354 -7.38 28.14 23.24
C GLU A 354 -8.58 29.04 23.15
N LYS A 355 -8.39 30.35 23.04
CA LYS A 355 -9.53 31.26 23.00
C LYS A 355 -10.43 31.00 21.75
N GLU A 356 -9.82 30.61 20.65
CA GLU A 356 -10.57 30.25 19.43
C GLU A 356 -11.46 28.98 19.59
N GLU A 357 -10.98 27.97 20.31
CA GLU A 357 -11.76 26.78 20.63
C GLU A 357 -12.93 27.15 21.51
N MET A 358 -12.69 28.01 22.48
CA MET A 358 -13.76 28.48 23.32
C MET A 358 -14.85 29.25 22.59
N ASP A 359 -14.47 30.11 21.64
CA ASP A 359 -15.51 30.79 20.82
C ASP A 359 -16.28 29.79 19.95
N TRP A 360 -15.60 28.75 19.44
CA TRP A 360 -16.31 27.63 18.75
C TRP A 360 -17.28 26.95 19.71
N MET A 361 -16.84 26.69 20.94
CA MET A 361 -17.76 26.15 21.97
C MET A 361 -19.01 26.98 22.30
N SER A 362 -18.85 28.31 22.42
CA SER A 362 -19.96 29.25 22.62
C SER A 362 -21.03 29.14 21.50
N GLU A 363 -20.56 29.05 20.26
CA GLU A 363 -21.40 28.82 19.08
C GLU A 363 -22.08 27.43 19.03
N LYS A 364 -21.34 26.37 19.30
CA LYS A 364 -21.94 25.03 19.33
C LYS A 364 -22.85 24.78 20.54
N TYR A 365 -22.57 25.47 21.65
CA TYR A 365 -23.29 25.34 22.92
C TYR A 365 -23.88 26.69 23.41
N PRO A 366 -24.81 27.27 22.63
CA PRO A 366 -25.25 28.65 22.94
C PRO A 366 -26.00 28.87 24.26
N ASP A 367 -26.63 27.81 24.76
CA ASP A 367 -27.46 27.85 25.96
C ASP A 367 -26.71 27.46 27.25
N THR A 368 -25.48 26.89 27.13
CA THR A 368 -24.75 26.34 28.30
C THR A 368 -23.28 26.76 28.48
N PHE A 369 -22.52 26.95 27.38
CA PHE A 369 -21.09 27.10 27.55
C PHE A 369 -20.70 28.39 28.29
N ASP A 370 -21.25 29.53 27.86
CA ASP A 370 -20.88 30.79 28.49
C ASP A 370 -21.38 30.91 29.91
N LYS A 371 -22.56 30.31 30.16
CA LYS A 371 -23.15 30.35 31.49
C LYS A 371 -22.40 29.48 32.50
N TYR A 372 -22.14 28.22 32.12
CA TYR A 372 -21.65 27.21 33.08
C TYR A 372 -20.21 26.86 32.91
N TYR A 373 -19.64 26.96 31.70
CA TYR A 373 -18.31 26.39 31.46
C TYR A 373 -17.17 27.34 31.22
N ARG A 374 -17.39 28.38 30.40
CA ARG A 374 -16.41 29.43 30.15
C ARG A 374 -15.80 30.00 31.48
N PRO A 375 -16.63 30.32 32.49
CA PRO A 375 -16.07 30.85 33.74
C PRO A 375 -15.09 29.89 34.45
N ARG A 376 -15.28 28.57 34.26
CA ARG A 376 -14.36 27.59 34.83
C ARG A 376 -12.99 27.78 34.22
N TYR A 377 -12.92 27.87 32.89
CA TYR A 377 -11.63 28.04 32.20
C TYR A 377 -11.00 29.42 32.52
N GLU A 378 -11.83 30.45 32.69
CA GLU A 378 -11.31 31.75 33.12
C GLU A 378 -10.57 31.63 34.48
N TYR A 379 -11.24 31.04 35.47
CA TYR A 379 -10.66 30.77 36.78
C TYR A 379 -9.43 29.85 36.74
N LEU A 380 -9.54 28.73 36.03
CA LEU A 380 -8.43 27.77 36.03
C LEU A 380 -7.19 28.37 35.34
N ALA A 381 -7.40 29.22 34.34
CA ALA A 381 -6.26 29.87 33.68
C ALA A 381 -5.58 30.94 34.58
N LYS A 382 -6.36 31.70 35.31
CA LYS A 382 -5.80 32.65 36.26
C LYS A 382 -5.00 31.90 37.32
N GLU A 383 -5.57 30.82 37.84
CA GLU A 383 -4.84 29.97 38.76
C GLU A 383 -3.54 29.41 38.17
N ALA A 384 -3.58 28.90 36.94
CA ALA A 384 -2.38 28.31 36.30
C ALA A 384 -1.32 29.41 36.07
N ALA A 385 -1.76 30.59 35.60
CA ALA A 385 -0.88 31.76 35.39
C ALA A 385 -0.16 32.17 36.67
N ALA A 386 -0.77 31.92 37.83
CA ALA A 386 -0.23 32.29 39.13
C ALA A 386 0.65 31.19 39.75
N GLY A 387 0.94 30.15 38.99
CA GLY A 387 1.72 29.01 39.46
C GLY A 387 0.95 28.07 40.39
N ARG A 388 -0.39 28.11 40.31
CA ARG A 388 -1.28 27.26 41.12
C ARG A 388 -2.21 26.42 40.23
N ARG A 389 -1.64 25.77 39.20
CA ARG A 389 -2.41 24.95 38.23
C ARG A 389 -3.16 23.91 39.07
N PHE A 390 -4.49 23.96 39.01
CA PHE A 390 -5.34 23.13 39.88
C PHE A 390 -5.24 21.62 39.57
N TYR A 391 -4.82 20.84 40.57
CA TYR A 391 -5.03 19.39 40.62
C TYR A 391 -5.79 19.01 41.87
N ASN A 392 -6.76 18.12 41.71
CA ASN A 392 -7.57 17.69 42.85
C ASN A 392 -6.97 16.43 43.44
N ASN A 393 -6.42 16.56 44.65
CA ASN A 393 -5.75 15.45 45.34
C ASN A 393 -6.63 14.57 46.22
N THR A 394 -7.93 14.73 46.13
CA THR A 394 -8.83 13.84 46.86
C THR A 394 -9.58 12.97 45.89
N LEU A 395 -9.66 11.66 46.19
CA LEU A 395 -10.34 10.70 45.35
C LEU A 395 -11.90 10.95 45.29
N PRO A 396 -12.51 10.72 44.12
CA PRO A 396 -13.97 10.92 43.97
C PRO A 396 -14.85 9.69 44.24
N GLN A 397 -16.12 9.95 44.52
CA GLN A 397 -17.15 8.93 44.52
C GLN A 397 -17.32 8.43 43.07
N LEU A 398 -17.42 7.11 42.89
CA LEU A 398 -17.67 6.48 41.61
C LEU A 398 -19.06 5.88 41.63
N CYS A 399 -19.73 5.84 40.46
CA CYS A 399 -21.00 5.14 40.32
C CYS A 399 -20.80 3.63 40.45
N GLN A 400 -21.68 2.96 41.22
CA GLN A 400 -21.60 1.53 41.42
C GLN A 400 -21.75 0.73 40.08
N VAL A 401 -22.36 1.35 39.06
CA VAL A 401 -22.70 0.60 37.82
C VAL A 401 -21.73 1.00 36.71
N CYS A 402 -21.69 2.28 36.34
CA CYS A 402 -20.94 2.67 35.12
C CYS A 402 -19.52 2.98 35.50
N GLN A 403 -19.28 3.13 36.82
CA GLN A 403 -17.99 3.51 37.44
C GLN A 403 -17.36 4.83 37.06
N ILE A 404 -18.10 5.72 36.43
CA ILE A 404 -17.60 7.08 36.19
C ILE A 404 -17.74 7.81 37.57
N PRO A 405 -16.82 8.72 37.91
CA PRO A 405 -17.10 9.56 39.07
C PRO A 405 -18.48 10.17 38.94
N THR A 406 -19.12 10.47 40.06
CA THR A 406 -20.48 11.02 40.02
C THR A 406 -20.45 12.53 39.73
N ILE A 407 -20.24 12.89 38.47
CA ILE A 407 -19.95 14.28 38.08
C ILE A 407 -21.14 14.90 37.31
N PHE A 408 -22.18 14.09 37.01
CA PHE A 408 -23.25 14.48 36.12
C PHE A 408 -24.35 15.19 36.88
N THR A 409 -25.08 16.07 36.20
CA THR A 409 -26.12 16.91 36.84
C THR A 409 -27.56 16.65 36.42
N GLU A 410 -28.50 17.13 37.24
CA GLU A 410 -29.91 16.88 37.03
C GLU A 410 -30.33 17.60 35.74
N LYS A 411 -31.23 16.95 35.03
CA LYS A 411 -31.85 17.40 33.82
C LYS A 411 -32.41 18.80 34.04
N ASP A 412 -33.12 19.00 35.14
CA ASP A 412 -33.77 20.31 35.45
C ASP A 412 -32.83 21.35 36.12
N ALA A 413 -31.63 20.92 36.54
CA ALA A 413 -30.77 21.74 37.39
C ALA A 413 -29.29 21.41 37.21
N PRO A 414 -28.62 22.03 36.22
CA PRO A 414 -27.28 21.71 35.69
C PRO A 414 -26.12 21.93 36.68
N THR A 415 -26.43 22.52 37.83
CA THR A 415 -25.49 22.84 38.85
C THR A 415 -25.64 21.84 40.05
N MET A 416 -26.66 20.99 39.99
CA MET A 416 -26.95 20.01 41.04
C MET A 416 -26.57 18.60 40.58
N LEU A 417 -25.69 17.90 41.31
CA LEU A 417 -25.35 16.51 40.93
C LEU A 417 -26.56 15.59 40.94
N SER A 418 -26.69 14.70 39.95
CA SER A 418 -27.83 13.75 39.86
C SER A 418 -27.52 12.48 40.65
N HIS A 419 -26.79 12.64 41.75
CA HIS A 419 -26.50 11.53 42.69
C HIS A 419 -27.77 10.82 43.14
N ARG A 420 -27.70 9.48 43.22
CA ARG A 420 -28.75 8.65 43.83
C ARG A 420 -28.09 7.64 44.76
N GLN A 421 -28.81 7.22 45.81
CA GLN A 421 -28.25 6.20 46.73
C GLN A 421 -29.36 5.32 47.23
N ILE A 422 -28.98 4.12 47.60
CA ILE A 422 -29.95 3.11 47.97
C ILE A 422 -29.32 2.32 49.12
N GLU A 423 -30.17 1.59 49.86
CA GLU A 423 -29.73 0.57 50.78
C GLU A 423 -30.14 -0.76 50.17
N HIS A 424 -29.18 -1.67 50.10
CA HIS A 424 -29.47 -3.01 49.64
C HIS A 424 -28.87 -4.03 50.60
N GLU A 425 -29.75 -4.78 51.26
CA GLU A 425 -29.41 -5.80 52.26
C GLU A 425 -28.39 -5.29 53.27
N GLY A 426 -28.64 -4.10 53.82
CA GLY A 426 -27.79 -3.59 54.86
C GLY A 426 -26.50 -2.89 54.47
N GLU A 427 -26.31 -2.66 53.16
CA GLU A 427 -25.12 -1.95 52.65
C GLU A 427 -25.60 -0.75 51.82
N ARG A 428 -24.81 0.30 51.68
CA ARG A 428 -25.27 1.49 50.95
C ARG A 428 -24.53 1.47 49.61
N TYR A 429 -25.21 1.89 48.55
CA TYR A 429 -24.62 1.93 47.19
C TYR A 429 -25.02 3.24 46.60
N HIS A 430 -24.15 3.78 45.73
CA HIS A 430 -24.35 5.10 45.12
C HIS A 430 -24.24 5.03 43.58
N PHE A 431 -24.96 5.94 42.93
CA PHE A 431 -25.11 6.00 41.46
C PHE A 431 -25.00 7.43 40.94
N CYS A 432 -24.66 7.58 39.65
CA CYS A 432 -24.56 8.92 39.03
C CYS A 432 -25.95 9.43 38.52
N SER A 433 -26.97 8.58 38.51
CA SER A 433 -28.22 8.85 37.83
C SER A 433 -29.29 7.81 38.14
N ASP A 434 -30.54 8.10 37.73
CA ASP A 434 -31.63 7.15 37.78
C ASP A 434 -31.34 5.99 36.84
N GLY A 435 -30.68 6.24 35.73
CA GLY A 435 -30.52 5.18 34.74
C GLY A 435 -29.66 4.04 35.30
N CYS A 436 -28.58 4.41 35.99
CA CYS A 436 -27.67 3.44 36.62
C CYS A 436 -28.33 2.83 37.86
N CYS A 437 -29.06 3.63 38.61
CA CYS A 437 -29.84 3.10 39.74
C CYS A 437 -30.77 1.98 39.31
N ASP A 438 -31.53 2.16 38.21
CA ASP A 438 -32.48 1.14 37.76
C ASP A 438 -31.81 -0.14 37.29
N ILE A 439 -30.65 -0.02 36.67
CA ILE A 439 -29.89 -1.18 36.24
C ILE A 439 -29.46 -1.97 37.53
N PHE A 440 -28.97 -1.26 38.53
CA PHE A 440 -28.47 -1.95 39.75
C PHE A 440 -29.64 -2.69 40.43
N LYS A 441 -30.79 -2.04 40.47
CA LYS A 441 -31.96 -2.60 41.19
C LYS A 441 -32.46 -3.87 40.55
N HIS A 442 -32.35 -3.99 39.23
CA HIS A 442 -32.73 -5.21 38.55
C HIS A 442 -31.75 -6.41 38.74
N GLU A 443 -30.45 -6.13 38.97
CA GLU A 443 -29.41 -7.17 39.07
C GLU A 443 -28.40 -6.84 40.17
N PRO A 444 -28.89 -6.69 41.43
CA PRO A 444 -27.92 -6.25 42.42
C PRO A 444 -26.79 -7.22 42.64
N GLU A 445 -27.07 -8.53 42.58
CA GLU A 445 -26.09 -9.62 42.83
C GLU A 445 -24.87 -9.49 41.91
N LYS A 446 -25.11 -8.94 40.72
CA LYS A 446 -24.05 -8.72 39.76
C LYS A 446 -23.25 -7.47 40.14
N TYR A 447 -23.93 -6.31 40.25
CA TYR A 447 -23.21 -5.04 40.49
C TYR A 447 -22.46 -4.86 41.82
N ILE A 448 -22.88 -5.59 42.87
CA ILE A 448 -22.14 -5.55 44.15
C ILE A 448 -20.75 -6.16 44.05
N GLN A 449 -20.47 -6.86 42.92
CA GLN A 449 -19.14 -7.44 42.71
C GLN A 449 -18.11 -6.50 42.12
N ALA A 450 -18.57 -5.35 41.66
CA ALA A 450 -17.69 -4.41 40.96
C ALA A 450 -16.34 -4.09 41.67
N TRP A 451 -15.27 -4.09 40.86
CA TRP A 451 -13.93 -3.71 41.27
C TRP A 451 -13.84 -2.21 41.05
N LEU A 452 -14.34 -1.41 42.02
CA LEU A 452 -14.30 0.05 41.89
C LEU A 452 -12.92 0.58 42.23
N PRO A 453 -12.23 1.19 41.24
CA PRO A 453 -10.83 1.49 41.51
C PRO A 453 -10.58 2.32 42.78
N VAL A 454 -11.42 3.32 43.06
CA VAL A 454 -11.24 4.16 44.24
C VAL A 454 -11.33 3.32 45.52
N HIS A 455 -12.35 2.46 45.59
CA HIS A 455 -12.49 1.57 46.73
C HIS A 455 -11.31 0.59 46.83
N GLN A 456 -10.85 0.07 45.70
CA GLN A 456 -9.73 -0.84 45.70
C GLN A 456 -8.41 -0.23 46.20
N ILE A 457 -8.17 1.04 45.86
CA ILE A 457 -7.01 1.80 46.35
C ILE A 457 -7.13 1.86 47.89
N TYR A 458 -8.31 2.24 48.39
CA TYR A 458 -8.51 2.34 49.84
C TYR A 458 -8.45 0.97 50.58
N GLN A 459 -8.89 -0.11 49.94
CA GLN A 459 -8.65 -1.50 50.50
C GLN A 459 -7.15 -1.99 50.55
N GLY A 460 -6.27 -1.22 49.90
CA GLY A 460 -4.87 -1.57 49.69
C GLY A 460 -4.58 -2.57 48.59
N ASN A 461 -5.48 -2.73 47.61
CA ASN A 461 -5.30 -3.68 46.47
C ASN A 461 -4.59 -3.14 45.20
N CYS A 462 -3.98 -1.97 45.32
CA CYS A 462 -3.40 -1.27 44.20
C CYS A 462 -1.97 -0.91 44.51
N GLU A 463 -1.34 -1.81 45.26
CA GLU A 463 0.11 -1.87 45.47
C GLU A 463 0.68 -0.52 45.79
N GLY A 464 0.14 0.06 46.86
CA GLY A 464 0.31 1.46 47.18
C GLY A 464 -0.84 2.00 48.03
N GLY A 465 -0.46 2.84 48.98
CA GLY A 465 -1.41 3.61 49.78
C GLY A 465 -1.39 5.07 49.36
N ASP A 466 -0.17 5.60 49.13
CA ASP A 466 -0.05 6.95 48.61
C ASP A 466 -0.10 6.99 47.07
N LEU A 467 -0.61 8.10 46.53
CA LEU A 467 -1.09 8.04 45.17
C LEU A 467 0.05 8.06 44.14
N GLU A 468 1.20 8.61 44.52
CA GLU A 468 2.39 8.54 43.68
C GLU A 468 2.80 7.09 43.40
N THR A 469 2.75 6.23 44.40
CA THR A 469 3.10 4.83 44.24
C THR A 469 2.05 4.07 43.42
N VAL A 470 0.78 4.36 43.62
CA VAL A 470 -0.28 3.75 42.80
C VAL A 470 -0.05 4.15 41.33
N VAL A 471 0.15 5.43 41.07
CA VAL A 471 0.29 5.90 39.69
C VAL A 471 1.55 5.33 39.00
N GLN A 472 2.70 5.40 39.65
CA GLN A 472 3.96 4.93 39.05
C GLN A 472 4.09 3.41 39.08
N LYS A 473 3.83 2.79 40.23
CA LYS A 473 4.15 1.35 40.37
C LYS A 473 3.03 0.40 39.98
N TYR A 474 1.77 0.79 40.22
CA TYR A 474 0.64 -0.04 39.84
C TYR A 474 0.19 0.24 38.42
N TYR A 475 0.01 1.53 38.11
CA TYR A 475 -0.49 1.93 36.80
C TYR A 475 0.54 1.91 35.70
N HIS A 476 1.82 1.97 36.08
CA HIS A 476 2.95 2.16 35.16
C HIS A 476 2.83 3.46 34.42
N ILE A 477 2.17 4.45 34.99
CA ILE A 477 2.20 5.81 34.46
C ILE A 477 3.52 6.48 34.88
N ASN A 478 4.33 6.92 33.93
CA ASN A 478 5.60 7.50 34.32
C ASN A 478 5.34 8.94 34.71
N ILE A 479 5.40 9.21 36.00
CA ILE A 479 5.16 10.56 36.51
C ILE A 479 6.10 11.61 35.92
N GLY A 480 5.53 12.69 35.41
CA GLY A 480 6.28 13.74 34.72
C GLY A 480 6.41 13.53 33.22
N GLU A 481 6.05 12.33 32.73
CA GLU A 481 6.11 12.04 31.32
C GLU A 481 4.74 11.83 30.69
N ASP A 482 3.94 10.92 31.24
CA ASP A 482 2.66 10.56 30.65
C ASP A 482 1.52 11.40 31.17
N ASN A 483 1.67 11.97 32.37
CA ASN A 483 0.56 12.63 33.07
C ASN A 483 0.72 14.16 33.16
N PHE A 484 -0.19 14.85 33.85
CA PHE A 484 -0.10 16.29 34.08
C PHE A 484 -0.49 17.10 32.85
N ASP A 485 -0.53 18.44 32.99
CA ASP A 485 -0.87 19.33 31.89
C ASP A 485 0.00 19.15 30.64
N TYR A 486 -0.61 19.39 29.49
CA TYR A 486 0.12 19.33 28.22
C TYR A 486 1.23 20.40 28.15
N VAL A 487 0.89 21.59 28.65
CA VAL A 487 1.85 22.71 28.67
C VAL A 487 3.01 22.38 29.62
N GLY A 488 4.19 22.23 29.04
CA GLY A 488 5.39 21.89 29.76
C GLY A 488 5.69 20.42 29.77
N SER A 489 4.97 19.64 28.98
CA SER A 489 5.14 18.19 29.03
C SER A 489 6.24 17.83 28.07
N PRO A 490 6.85 16.65 28.22
CA PRO A 490 7.80 16.17 27.19
C PRO A 490 7.21 16.07 25.78
N ASP A 491 5.92 15.66 25.65
CA ASP A 491 5.27 15.68 24.33
C ASP A 491 5.30 17.08 23.72
N GLN A 492 4.86 18.12 24.46
CA GLN A 492 4.93 19.51 23.96
C GLN A 492 6.36 19.94 23.55
N LYS A 493 7.35 19.66 24.40
CA LYS A 493 8.77 19.94 24.07
C LYS A 493 9.28 19.21 22.80
N HIS A 494 8.92 17.94 22.67
CA HIS A 494 9.29 17.15 21.51
C HIS A 494 8.57 17.66 20.24
N TRP A 495 7.29 17.98 20.37
CA TRP A 495 6.59 18.60 19.25
C TRP A 495 7.24 19.91 18.83
N LEU A 496 7.51 20.80 19.79
CA LEU A 496 8.11 22.10 19.46
C LEU A 496 9.49 21.94 18.82
N SER A 497 10.21 20.87 19.14
CA SER A 497 11.48 20.64 18.49
C SER A 497 11.35 19.93 17.12
N ILE A 498 10.35 19.04 16.97
CA ILE A 498 9.99 18.49 15.66
C ILE A 498 9.67 19.65 14.72
N LYS A 499 8.95 20.65 15.22
CA LYS A 499 8.48 21.82 14.45
C LYS A 499 9.55 22.90 14.28
N LYS B 6 22.56 -36.10 -13.38
CA LYS B 6 22.79 -35.08 -14.45
C LYS B 6 21.91 -33.79 -14.35
N LYS B 7 21.32 -33.51 -13.17
CA LYS B 7 20.41 -32.36 -13.04
C LYS B 7 21.06 -31.02 -13.37
N LEU B 8 20.32 -30.19 -14.09
CA LEU B 8 20.76 -28.84 -14.45
C LEU B 8 20.99 -27.96 -13.24
N ASN B 9 22.13 -27.28 -13.19
CA ASN B 9 22.28 -26.19 -12.21
C ASN B 9 21.41 -24.97 -12.55
N LEU B 10 21.33 -23.98 -11.66
CA LEU B 10 20.43 -22.84 -11.89
C LEU B 10 20.81 -22.02 -13.13
N LYS B 11 22.10 -21.79 -13.33
CA LYS B 11 22.56 -21.05 -14.50
C LYS B 11 22.16 -21.73 -15.79
N ASP B 12 22.46 -23.03 -15.91
CA ASP B 12 22.13 -23.85 -17.05
C ASP B 12 20.63 -24.04 -17.27
N LYS B 13 19.86 -24.23 -16.19
CA LYS B 13 18.40 -24.24 -16.32
C LYS B 13 17.83 -22.94 -16.88
N TYR B 14 18.29 -21.79 -16.39
CA TYR B 14 17.81 -20.50 -16.88
C TYR B 14 18.10 -20.39 -18.38
N GLN B 15 19.31 -20.78 -18.77
CA GLN B 15 19.70 -20.79 -20.19
C GLN B 15 18.79 -21.66 -21.06
N TYR B 16 18.45 -22.88 -20.62
CA TYR B 16 17.44 -23.68 -21.28
C TYR B 16 16.07 -23.02 -21.37
N LEU B 17 15.75 -22.10 -20.46
CA LEU B 17 14.44 -21.41 -20.52
C LEU B 17 14.48 -20.07 -21.27
N THR B 18 15.66 -19.66 -21.74
CA THR B 18 15.73 -18.45 -22.55
C THR B 18 16.45 -18.77 -23.86
N ARG B 19 17.78 -18.82 -23.84
CA ARG B 19 18.52 -18.90 -25.10
C ARG B 19 18.36 -20.19 -25.90
N ASP B 20 18.09 -21.33 -25.25
CA ASP B 20 17.80 -22.56 -26.00
C ASP B 20 16.52 -22.54 -26.92
N MET B 21 15.59 -21.61 -26.69
CA MET B 21 14.42 -21.43 -27.55
C MET B 21 14.75 -20.83 -28.93
N ALA B 22 15.90 -20.14 -29.01
CA ALA B 22 16.41 -19.58 -30.29
C ALA B 22 17.10 -20.70 -31.10
N TRP B 23 17.25 -20.50 -32.42
CA TRP B 23 17.87 -21.50 -33.28
C TRP B 23 18.66 -20.84 -34.41
N GLU B 24 19.53 -21.62 -35.05
CA GLU B 24 20.25 -21.14 -36.22
C GLU B 24 19.32 -21.21 -37.44
N PRO B 25 19.08 -20.07 -38.09
CA PRO B 25 18.11 -20.09 -39.19
C PRO B 25 18.63 -20.84 -40.44
N THR B 26 17.70 -21.40 -41.22
CA THR B 26 18.01 -22.22 -42.41
C THR B 26 17.42 -21.55 -43.66
N TYR B 27 16.26 -20.90 -43.51
CA TYR B 27 15.44 -20.43 -44.63
C TYR B 27 15.60 -18.97 -44.94
N GLN B 28 16.13 -18.23 -43.98
CA GLN B 28 16.52 -16.85 -44.20
C GLN B 28 17.93 -16.77 -43.69
N ASP B 29 18.75 -15.86 -44.21
CA ASP B 29 20.12 -15.70 -43.71
C ASP B 29 20.06 -14.94 -42.38
N LYS B 30 20.95 -15.29 -41.47
CA LYS B 30 21.03 -14.63 -40.17
C LYS B 30 21.16 -13.13 -40.31
N LYS B 31 21.90 -12.68 -41.32
CA LYS B 31 22.16 -11.26 -41.49
C LYS B 31 20.94 -10.47 -41.94
N ASP B 32 19.96 -11.12 -42.56
CA ASP B 32 18.71 -10.46 -42.91
C ASP B 32 17.77 -10.41 -41.70
N ILE B 33 17.82 -11.44 -40.87
CA ILE B 33 17.08 -11.43 -39.58
C ILE B 33 17.67 -10.43 -38.57
N PHE B 34 19.02 -10.32 -38.53
CA PHE B 34 19.77 -9.46 -37.61
C PHE B 34 20.72 -8.49 -38.38
N PRO B 35 20.15 -7.45 -39.05
CA PRO B 35 20.90 -6.61 -40.01
C PRO B 35 21.72 -5.47 -39.38
N GLU B 36 21.59 -5.26 -38.07
CA GLU B 36 22.26 -4.10 -37.43
C GLU B 36 23.55 -4.36 -36.66
N GLU B 37 24.05 -5.58 -36.71
CA GLU B 37 25.15 -5.98 -35.84
C GLU B 37 26.59 -5.79 -36.34
N ASP B 38 26.78 -5.38 -37.58
CA ASP B 38 28.12 -5.30 -38.17
C ASP B 38 28.61 -3.86 -38.40
N PHE B 39 27.69 -2.94 -38.56
CA PHE B 39 28.03 -1.62 -39.14
C PHE B 39 28.84 -0.72 -38.22
N GLU B 40 28.71 -0.94 -36.91
CA GLU B 40 29.45 -0.16 -35.93
C GLU B 40 30.93 -0.60 -35.77
N GLY B 41 31.29 -1.73 -36.38
CA GLY B 41 32.65 -2.29 -36.32
C GLY B 41 32.96 -3.17 -35.11
N ILE B 42 31.95 -3.36 -34.24
CA ILE B 42 32.08 -4.26 -33.12
C ILE B 42 32.03 -5.70 -33.61
N LYS B 43 32.96 -6.53 -33.10
CA LYS B 43 32.98 -7.93 -33.45
C LYS B 43 32.61 -8.83 -32.30
N ILE B 44 31.67 -9.72 -32.57
CA ILE B 44 31.22 -10.70 -31.59
C ILE B 44 31.74 -12.07 -32.06
N THR B 45 32.46 -12.73 -31.14
CA THR B 45 33.19 -13.99 -31.36
C THR B 45 32.36 -15.20 -30.95
N ASP B 46 31.56 -15.04 -29.90
CA ASP B 46 30.82 -16.16 -29.31
C ASP B 46 29.80 -15.61 -28.29
N TRP B 47 28.51 -15.66 -28.66
CA TRP B 47 27.42 -15.12 -27.85
C TRP B 47 27.17 -16.00 -26.63
N SER B 48 27.71 -17.21 -26.67
CA SER B 48 27.52 -18.16 -25.58
C SER B 48 28.29 -17.71 -24.34
N GLN B 49 29.29 -16.84 -24.55
CA GLN B 49 30.06 -16.19 -23.47
C GLN B 49 29.26 -15.14 -22.67
N TRP B 50 28.10 -14.75 -23.19
CA TRP B 50 27.18 -13.87 -22.46
C TRP B 50 26.76 -14.54 -21.15
N GLU B 51 26.98 -13.84 -20.04
CA GLU B 51 26.57 -14.31 -18.70
C GLU B 51 25.33 -13.54 -18.26
N ASP B 52 24.23 -14.25 -18.04
CA ASP B 52 22.94 -13.60 -17.76
C ASP B 52 23.08 -12.67 -16.56
N PRO B 53 22.76 -11.37 -16.73
CA PRO B 53 22.98 -10.48 -15.57
C PRO B 53 21.98 -10.69 -14.42
N PHE B 54 20.86 -11.33 -14.71
CA PHE B 54 19.86 -11.72 -13.72
C PHE B 54 19.14 -12.92 -14.29
N ARG B 55 18.52 -13.74 -13.46
CA ARG B 55 17.87 -14.96 -13.90
C ARG B 55 16.43 -14.96 -13.42
N LEU B 56 15.57 -14.31 -14.17
CA LEU B 56 14.21 -14.11 -13.75
C LEU B 56 13.29 -14.60 -14.87
N THR B 57 12.63 -15.74 -14.68
CA THR B 57 11.66 -16.19 -15.65
C THR B 57 10.43 -15.31 -15.51
N MET B 58 9.53 -15.38 -16.49
CA MET B 58 8.39 -14.47 -16.56
C MET B 58 7.41 -14.61 -15.39
N ASP B 59 7.19 -15.84 -14.95
CA ASP B 59 6.28 -16.09 -13.79
C ASP B 59 6.78 -15.30 -12.56
N ALA B 60 8.09 -15.35 -12.32
CA ALA B 60 8.74 -14.65 -11.21
C ALA B 60 8.73 -13.13 -11.36
N TYR B 61 8.98 -12.66 -12.58
CA TYR B 61 8.95 -11.25 -12.86
C TYR B 61 7.52 -10.74 -12.59
N TRP B 62 6.52 -11.39 -13.16
CA TRP B 62 5.15 -10.94 -12.92
C TRP B 62 4.79 -10.91 -11.45
N LYS B 63 5.11 -12.00 -10.74
CA LYS B 63 4.77 -12.15 -9.33
C LYS B 63 5.37 -11.00 -8.50
N TYR B 64 6.67 -10.78 -8.67
CA TYR B 64 7.37 -9.82 -7.84
C TYR B 64 7.05 -8.39 -8.18
N GLN B 65 6.86 -8.10 -9.47
CA GLN B 65 6.49 -6.74 -9.86
C GLN B 65 5.06 -6.42 -9.44
N ALA B 66 4.15 -7.41 -9.47
CA ALA B 66 2.77 -7.15 -9.05
C ALA B 66 2.66 -6.76 -7.60
N GLU B 67 3.43 -7.41 -6.75
CA GLU B 67 3.49 -7.08 -5.34
C GLU B 67 4.02 -5.66 -5.11
N LYS B 68 5.10 -5.26 -5.82
CA LYS B 68 5.56 -3.88 -5.71
C LYS B 68 4.49 -2.89 -6.17
N GLU B 69 3.81 -3.19 -7.28
CA GLU B 69 2.81 -2.26 -7.85
C GLU B 69 1.59 -2.09 -6.96
N LYS B 70 1.09 -3.18 -6.37
CA LYS B 70 -0.02 -3.09 -5.39
C LYS B 70 0.25 -2.06 -4.28
N LYS B 71 1.39 -2.23 -3.61
CA LYS B 71 1.85 -1.35 -2.54
C LYS B 71 2.05 0.08 -3.00
N LEU B 72 2.77 0.26 -4.10
CA LEU B 72 2.97 1.59 -4.70
C LEU B 72 1.68 2.37 -4.95
N TYR B 73 0.72 1.76 -5.64
CA TYR B 73 -0.56 2.40 -5.91
C TYR B 73 -1.41 2.64 -4.66
N ALA B 74 -1.23 1.85 -3.61
CA ALA B 74 -1.99 2.02 -2.35
C ALA B 74 -1.46 3.30 -1.64
N ILE B 75 -0.14 3.45 -1.61
CA ILE B 75 0.52 4.69 -1.16
C ILE B 75 0.17 5.93 -2.01
N PHE B 76 0.21 5.84 -3.35
CA PHE B 76 -0.20 6.96 -4.22
C PHE B 76 -1.62 7.43 -3.86
N ASP B 77 -2.55 6.48 -3.75
CA ASP B 77 -3.92 6.79 -3.41
C ASP B 77 -4.04 7.45 -2.03
N ALA B 78 -3.32 6.94 -1.04
CA ALA B 78 -3.31 7.48 0.30
C ALA B 78 -2.73 8.90 0.34
N PHE B 79 -1.62 9.13 -0.36
CA PHE B 79 -0.99 10.47 -0.51
C PHE B 79 -2.00 11.48 -1.00
N ALA B 80 -2.73 11.12 -2.06
CA ALA B 80 -3.75 12.00 -2.66
C ALA B 80 -4.99 12.22 -1.79
N GLN B 81 -5.50 11.13 -1.20
CA GLN B 81 -6.67 11.23 -0.35
C GLN B 81 -6.36 12.13 0.85
N ASN B 82 -5.13 12.02 1.37
CA ASN B 82 -4.71 12.81 2.51
C ASN B 82 -4.04 14.14 2.21
N ASN B 83 -4.15 14.60 0.97
CA ASN B 83 -3.55 15.87 0.55
C ASN B 83 -2.11 16.03 0.96
N GLY B 84 -1.35 14.98 0.65
CA GLY B 84 0.06 14.88 1.01
C GLY B 84 0.96 15.98 0.44
N HIS B 85 0.53 16.62 -0.62
CA HIS B 85 1.32 17.74 -1.18
C HIS B 85 1.44 18.88 -0.16
N GLN B 86 0.51 18.96 0.80
CA GLN B 86 0.53 20.02 1.83
C GLN B 86 1.67 19.81 2.82
N ASN B 87 2.27 18.62 2.80
CA ASN B 87 3.33 18.29 3.77
C ASN B 87 4.77 18.40 3.28
N ILE B 88 4.96 18.94 2.09
CA ILE B 88 6.31 19.17 1.59
C ILE B 88 6.91 20.41 2.29
N SER B 89 8.23 20.50 2.24
CA SER B 89 8.96 21.53 2.96
C SER B 89 8.51 22.92 2.57
N ASP B 90 8.37 23.18 1.25
CA ASP B 90 8.01 24.53 0.73
C ASP B 90 7.62 24.36 -0.72
N ALA B 91 6.71 25.20 -1.23
CA ALA B 91 6.35 25.08 -2.65
C ALA B 91 7.53 25.23 -3.68
N ARG B 92 8.67 25.82 -3.29
CA ARG B 92 9.86 25.93 -4.16
C ARG B 92 10.34 24.54 -4.57
N TYR B 93 10.17 23.58 -3.67
CA TYR B 93 10.50 22.18 -3.98
C TYR B 93 9.87 21.63 -5.29
N VAL B 94 8.62 22.00 -5.58
CA VAL B 94 7.88 21.46 -6.73
C VAL B 94 8.61 21.77 -8.08
N ASN B 95 9.39 22.84 -8.14
CA ASN B 95 10.21 23.16 -9.32
C ASN B 95 11.13 22.02 -9.72
N ALA B 96 11.62 21.26 -8.73
CA ALA B 96 12.43 20.09 -9.01
C ALA B 96 11.57 19.08 -9.80
N LEU B 97 10.28 18.98 -9.47
CA LEU B 97 9.36 18.02 -10.15
C LEU B 97 8.97 18.50 -11.55
N LYS B 98 8.85 19.81 -11.73
CA LYS B 98 8.60 20.40 -13.05
C LYS B 98 9.72 20.03 -14.02
N LEU B 99 10.96 20.12 -13.57
CA LEU B 99 12.11 19.71 -14.35
C LEU B 99 12.10 18.18 -14.54
N PHE B 100 11.73 17.45 -13.50
CA PHE B 100 11.64 16.00 -13.66
C PHE B 100 10.60 15.48 -14.69
N ILE B 101 9.35 15.95 -14.61
CA ILE B 101 8.29 15.47 -15.48
C ILE B 101 8.49 15.89 -16.95
N SER B 102 9.21 16.98 -17.15
CA SER B 102 9.40 17.45 -18.53
C SER B 102 10.74 17.04 -19.11
N GLY B 103 11.74 16.80 -18.25
CA GLY B 103 13.07 16.47 -18.71
C GLY B 103 13.44 15.01 -18.60
N ILE B 104 13.07 14.39 -17.49
CA ILE B 104 13.48 13.00 -17.21
C ILE B 104 12.44 11.94 -17.49
N SER B 105 11.18 12.12 -17.05
CA SER B 105 10.16 11.11 -17.36
C SER B 105 10.09 10.80 -18.85
N PRO B 106 10.20 11.85 -19.71
CA PRO B 106 10.15 11.50 -21.11
C PRO B 106 11.37 10.65 -21.56
N LEU B 107 12.54 10.78 -20.91
CA LEU B 107 13.67 9.85 -21.18
C LEU B 107 13.31 8.42 -20.80
N GLU B 108 12.48 8.25 -19.78
CA GLU B 108 12.06 6.87 -19.43
C GLU B 108 11.30 6.27 -20.61
N HIS B 109 10.48 7.10 -21.23
CA HIS B 109 9.66 6.60 -22.29
C HIS B 109 10.49 6.31 -23.59
N ALA B 110 11.42 7.19 -23.90
CA ALA B 110 12.41 6.97 -24.99
C ALA B 110 13.22 5.66 -24.74
N ALA B 111 13.62 5.39 -23.48
CA ALA B 111 14.35 4.16 -23.13
C ALA B 111 13.52 2.92 -23.34
N PHE B 112 12.23 2.99 -22.97
CA PHE B 112 11.27 1.91 -23.30
C PHE B 112 11.31 1.58 -24.78
N GLN B 113 11.10 2.58 -25.63
CA GLN B 113 11.26 2.40 -27.10
C GLN B 113 12.63 1.88 -27.59
N GLY B 114 13.72 2.49 -27.13
CA GLY B 114 15.10 2.11 -27.47
C GLY B 114 15.41 0.70 -27.06
N TYR B 115 15.03 0.31 -25.85
CA TYR B 115 15.33 -1.07 -25.41
C TYR B 115 14.46 -2.14 -26.12
N SER B 116 13.23 -1.77 -26.48
CA SER B 116 12.35 -2.69 -27.25
C SER B 116 13.03 -3.01 -28.60
N LYS B 117 13.54 -1.98 -29.24
CA LYS B 117 14.15 -2.13 -30.53
C LYS B 117 15.40 -2.95 -30.41
N VAL B 118 16.24 -2.63 -29.44
CA VAL B 118 17.50 -3.32 -29.21
C VAL B 118 17.25 -4.77 -28.70
N GLY B 119 16.14 -5.01 -28.03
CA GLY B 119 15.75 -6.39 -27.69
C GLY B 119 15.28 -7.24 -28.88
N ARG B 120 15.30 -6.66 -30.10
CA ARG B 120 15.02 -7.43 -31.31
C ARG B 120 16.31 -7.65 -32.15
N GLN B 121 17.23 -6.69 -32.06
CA GLN B 121 18.34 -6.56 -32.95
C GLN B 121 19.52 -7.43 -32.67
N PHE B 122 19.73 -7.85 -31.42
CA PHE B 122 20.90 -8.69 -31.11
C PHE B 122 20.70 -10.15 -31.48
N SER B 123 21.75 -10.82 -31.94
CA SER B 123 21.59 -12.20 -32.33
C SER B 123 21.80 -13.15 -31.16
N GLY B 124 22.14 -12.65 -29.97
CA GLY B 124 22.25 -13.58 -28.84
C GLY B 124 20.96 -13.47 -28.06
N ALA B 125 20.23 -14.57 -27.92
CA ALA B 125 18.92 -14.55 -27.26
C ALA B 125 18.97 -14.14 -25.79
N GLY B 126 20.12 -14.41 -25.15
CA GLY B 126 20.43 -13.96 -23.78
C GLY B 126 20.40 -12.45 -23.63
N ALA B 127 21.04 -11.77 -24.57
CA ALA B 127 21.09 -10.31 -24.57
C ALA B 127 19.73 -9.76 -24.92
N ARG B 128 19.01 -10.43 -25.81
CA ARG B 128 17.70 -9.99 -26.20
C ARG B 128 16.75 -10.05 -25.03
N VAL B 129 16.75 -11.13 -24.23
CA VAL B 129 15.81 -11.16 -23.10
C VAL B 129 16.12 -10.10 -22.03
N ALA B 130 17.39 -9.89 -21.73
CA ALA B 130 17.77 -8.87 -20.78
C ALA B 130 17.32 -7.47 -21.20
N CYS B 131 17.40 -7.16 -22.51
CA CYS B 131 17.02 -5.83 -23.00
C CYS B 131 15.53 -5.65 -22.98
N GLN B 132 14.81 -6.72 -23.25
CA GLN B 132 13.36 -6.70 -23.23
C GLN B 132 12.81 -6.48 -21.85
N MET B 133 13.34 -7.21 -20.87
CA MET B 133 12.99 -6.96 -19.46
C MET B 133 13.32 -5.52 -19.06
N GLN B 134 14.45 -5.00 -19.50
CA GLN B 134 14.69 -3.58 -19.27
C GLN B 134 13.67 -2.65 -19.97
N ALA B 135 13.27 -2.98 -21.20
CA ALA B 135 12.30 -2.14 -21.92
C ALA B 135 11.00 -2.04 -21.09
N ILE B 136 10.49 -3.18 -20.64
CA ILE B 136 9.22 -3.14 -19.93
C ILE B 136 9.35 -2.44 -18.54
N ASP B 137 10.47 -2.62 -17.86
CA ASP B 137 10.79 -1.85 -16.62
C ASP B 137 10.77 -0.34 -16.91
N GLU B 138 11.29 0.09 -18.06
CA GLU B 138 11.32 1.52 -18.41
C GLU B 138 9.92 2.04 -18.69
N LEU B 139 9.06 1.22 -19.28
CA LEU B 139 7.65 1.60 -19.45
C LEU B 139 6.97 1.78 -18.07
N ARG B 140 7.25 0.87 -17.17
CA ARG B 140 6.80 1.00 -15.78
C ARG B 140 7.22 2.34 -15.15
N HIS B 141 8.50 2.69 -15.25
CA HIS B 141 8.94 3.97 -14.70
C HIS B 141 8.23 5.14 -15.31
N SER B 142 8.11 5.13 -16.64
CA SER B 142 7.40 6.17 -17.38
C SER B 142 5.93 6.32 -16.88
N GLN B 143 5.21 5.22 -16.75
CA GLN B 143 3.79 5.31 -16.33
C GLN B 143 3.61 5.65 -14.87
N THR B 144 4.37 5.02 -13.99
CA THR B 144 4.21 5.30 -12.55
C THR B 144 4.64 6.75 -12.24
N GLN B 145 5.55 7.32 -13.04
CA GLN B 145 5.95 8.72 -12.81
C GLN B 145 4.84 9.64 -13.20
N GLN B 146 4.11 9.30 -14.29
CA GLN B 146 2.88 10.03 -14.68
C GLN B 146 1.84 10.02 -13.57
N HIS B 147 1.68 8.85 -12.94
CA HIS B 147 0.73 8.69 -11.82
C HIS B 147 1.26 9.34 -10.51
N ALA B 148 2.56 9.26 -10.23
CA ALA B 148 3.17 9.92 -9.04
C ALA B 148 2.99 11.45 -9.11
N MET B 149 3.21 12.05 -10.29
CA MET B 149 3.19 13.51 -10.43
C MET B 149 1.79 14.07 -10.64
N SER B 150 0.82 13.17 -10.84
CA SER B 150 -0.54 13.54 -11.17
C SER B 150 -1.18 14.42 -10.10
N HIS B 151 -0.91 14.12 -8.81
CA HIS B 151 -1.51 14.87 -7.72
C HIS B 151 -0.90 16.30 -7.66
N TYR B 152 0.40 16.40 -7.86
CA TYR B 152 1.08 17.70 -7.89
C TYR B 152 0.63 18.58 -9.05
N ASN B 153 0.37 17.96 -10.20
CA ASN B 153 -0.15 18.67 -11.37
C ASN B 153 -1.50 19.34 -11.09
N LYS B 154 -2.31 18.72 -10.23
CA LYS B 154 -3.56 19.35 -9.83
C LYS B 154 -3.39 20.60 -8.96
N HIS B 155 -2.26 20.76 -8.27
CA HIS B 155 -2.13 21.88 -7.31
C HIS B 155 -1.06 22.90 -7.64
N PHE B 156 -0.17 22.56 -8.56
CA PHE B 156 0.99 23.43 -8.89
C PHE B 156 1.09 23.58 -10.40
N ASN B 157 1.77 24.64 -10.84
CA ASN B 157 1.86 24.99 -12.23
C ASN B 157 3.09 24.35 -12.82
N GLY B 158 3.24 24.36 -14.13
CA GLY B 158 4.48 23.89 -14.76
C GLY B 158 4.54 22.39 -15.05
N LEU B 159 3.53 21.64 -14.63
CA LEU B 159 3.58 20.17 -14.74
C LEU B 159 2.58 19.62 -15.78
N HIS B 160 1.83 20.54 -16.41
CA HIS B 160 0.69 20.18 -17.22
C HIS B 160 0.91 19.77 -18.69
N ASP B 161 2.13 19.89 -19.20
CA ASP B 161 2.32 19.59 -20.65
C ASP B 161 3.73 19.07 -20.88
N GLY B 162 4.12 18.11 -20.06
CA GLY B 162 5.48 17.63 -20.03
C GLY B 162 5.99 17.17 -21.40
N PRO B 163 5.32 16.15 -22.01
CA PRO B 163 5.69 15.65 -23.34
C PRO B 163 5.71 16.72 -24.43
N HIS B 164 4.67 17.53 -24.47
CA HIS B 164 4.62 18.65 -25.41
C HIS B 164 5.83 19.54 -25.28
N MET B 165 6.22 19.87 -24.05
CA MET B 165 7.34 20.81 -23.87
C MET B 165 8.69 20.17 -24.18
N HIS B 166 8.85 18.91 -23.78
CA HIS B 166 10.08 18.16 -24.03
C HIS B 166 10.55 18.28 -25.52
N ASP B 167 9.60 18.27 -26.47
CA ASP B 167 9.92 18.29 -27.90
C ASP B 167 10.28 19.69 -28.40
N ARG B 168 10.03 20.72 -27.60
CA ARG B 168 10.00 22.10 -28.11
C ARG B 168 10.83 23.07 -27.29
N VAL B 169 10.68 23.03 -25.97
CA VAL B 169 11.28 24.04 -25.08
C VAL B 169 12.79 24.00 -25.12
N TRP B 170 13.40 25.18 -25.13
CA TRP B 170 14.82 25.29 -25.36
C TRP B 170 15.67 24.40 -24.43
N TYR B 171 15.54 24.55 -23.12
CA TYR B 171 16.41 23.83 -22.20
C TYR B 171 16.14 22.33 -22.23
N LEU B 172 14.96 21.90 -22.66
CA LEU B 172 14.63 20.46 -22.73
C LEU B 172 15.25 19.75 -23.96
N SER B 173 15.90 20.51 -24.85
CA SER B 173 16.53 19.88 -26.00
C SER B 173 17.82 19.22 -25.50
N VAL B 174 18.22 19.61 -24.31
CA VAL B 174 19.40 19.04 -23.68
C VAL B 174 19.15 17.53 -23.39
N PRO B 175 18.15 17.18 -22.50
CA PRO B 175 17.84 15.75 -22.45
C PRO B 175 17.28 15.12 -23.76
N LYS B 176 16.44 15.81 -24.53
CA LYS B 176 15.90 15.20 -25.79
C LYS B 176 17.00 14.82 -26.76
N SER B 177 17.98 15.72 -26.94
CA SER B 177 19.07 15.46 -27.92
C SER B 177 19.95 14.32 -27.46
N PHE B 178 20.22 14.26 -26.14
CA PHE B 178 21.02 13.18 -25.55
C PHE B 178 20.44 11.81 -25.96
N PHE B 179 19.12 11.66 -25.83
CA PHE B 179 18.51 10.37 -26.08
C PHE B 179 18.27 10.12 -27.56
N ASP B 180 18.02 11.17 -28.34
CA ASP B 180 17.95 11.02 -29.83
C ASP B 180 19.28 10.58 -30.42
N ASP B 181 20.39 11.12 -29.85
CA ASP B 181 21.75 10.65 -30.23
C ASP B 181 21.93 9.14 -29.97
N ALA B 182 21.63 8.69 -28.74
CA ALA B 182 21.66 7.25 -28.41
C ALA B 182 20.76 6.40 -29.28
N ARG B 183 19.50 6.81 -29.48
CA ARG B 183 18.53 6.04 -30.33
C ARG B 183 18.82 6.03 -31.83
N SER B 184 19.48 7.07 -32.33
CA SER B 184 19.82 7.06 -33.75
C SER B 184 21.10 6.27 -34.01
N ALA B 185 21.87 6.00 -32.95
CA ALA B 185 23.12 5.21 -33.01
C ALA B 185 22.78 3.72 -33.22
N GLY B 186 23.78 2.88 -33.50
CA GLY B 186 23.54 1.45 -33.66
C GLY B 186 23.36 0.76 -32.29
N PRO B 187 23.12 -0.56 -32.28
CA PRO B 187 22.72 -1.26 -31.03
C PRO B 187 23.82 -1.36 -29.97
N PHE B 188 25.07 -1.56 -30.38
CA PHE B 188 26.16 -1.63 -29.41
C PHE B 188 26.45 -0.27 -28.75
N GLU B 189 26.40 0.81 -29.53
CA GLU B 189 26.59 2.16 -28.98
C GLU B 189 25.43 2.50 -28.09
N PHE B 190 24.20 2.18 -28.53
CA PHE B 190 23.03 2.36 -27.64
C PHE B 190 23.22 1.75 -26.25
N LEU B 191 23.65 0.49 -26.20
CA LEU B 191 23.88 -0.18 -24.89
C LEU B 191 25.02 0.42 -24.06
N THR B 192 26.14 0.74 -24.73
CA THR B 192 27.27 1.43 -24.13
C THR B 192 26.93 2.79 -23.57
N ALA B 193 26.09 3.53 -24.28
CA ALA B 193 25.64 4.82 -23.86
C ALA B 193 24.68 4.74 -22.69
N ILE B 194 23.69 3.88 -22.79
CA ILE B 194 22.56 3.93 -21.84
C ILE B 194 22.74 2.90 -20.74
N SER B 195 22.97 1.63 -21.10
CA SER B 195 23.19 0.62 -20.05
C SER B 195 24.49 0.82 -19.25
N PHE B 196 25.62 1.07 -19.92
CA PHE B 196 26.87 1.24 -19.19
C PHE B 196 27.01 2.65 -18.60
N SER B 197 27.07 3.65 -19.45
CA SER B 197 27.36 4.99 -19.01
C SER B 197 26.30 5.61 -18.11
N PHE B 198 25.03 5.50 -18.53
CA PHE B 198 23.88 6.18 -17.88
C PHE B 198 23.36 5.34 -16.71
N GLU B 199 23.16 4.04 -16.92
CA GLU B 199 22.52 3.13 -15.95
C GLU B 199 23.48 2.51 -14.97
N TYR B 200 24.77 2.67 -15.20
CA TYR B 200 25.72 2.05 -14.30
C TYR B 200 26.73 3.05 -13.71
N VAL B 201 27.51 3.70 -14.58
CA VAL B 201 28.47 4.71 -14.14
C VAL B 201 27.83 5.97 -13.54
N LEU B 202 26.84 6.55 -14.23
CA LEU B 202 26.34 7.86 -13.83
C LEU B 202 25.02 7.83 -13.08
N THR B 203 24.55 6.62 -12.79
CA THR B 203 23.17 6.43 -12.32
C THR B 203 22.84 7.05 -10.94
N ASN B 204 23.72 6.90 -9.96
CA ASN B 204 23.50 7.55 -8.66
C ASN B 204 23.53 9.08 -8.68
N LEU B 205 24.14 9.67 -9.71
CA LEU B 205 24.14 11.14 -9.80
C LEU B 205 22.79 11.68 -10.25
N LEU B 206 21.95 10.82 -10.83
CA LEU B 206 20.55 11.18 -11.08
C LEU B 206 19.62 10.66 -9.96
N PHE B 207 19.63 9.36 -9.76
CA PHE B 207 18.76 8.72 -8.78
C PHE B 207 18.85 9.27 -7.36
N VAL B 208 20.04 9.25 -6.75
CA VAL B 208 20.20 9.77 -5.38
C VAL B 208 19.67 11.20 -5.13
N PRO B 209 20.07 12.19 -5.95
CA PRO B 209 19.61 13.55 -5.65
C PRO B 209 18.11 13.72 -5.68
N PHE B 210 17.43 13.10 -6.63
CA PHE B 210 15.98 13.23 -6.70
C PHE B 210 15.29 12.46 -5.56
N MET B 211 15.78 11.26 -5.28
CA MET B 211 15.05 10.38 -4.39
C MET B 211 15.33 10.75 -2.91
N SER B 212 16.61 10.92 -2.53
CA SER B 212 16.98 11.55 -1.26
C SER B 212 16.40 12.94 -1.02
N GLY B 213 16.49 13.82 -2.02
CA GLY B 213 15.87 15.15 -1.97
C GLY B 213 14.40 15.07 -1.58
N ALA B 214 13.68 14.18 -2.26
CA ALA B 214 12.31 13.92 -1.91
C ALA B 214 12.13 13.55 -0.41
N ALA B 215 12.92 12.58 0.06
CA ALA B 215 12.87 12.14 1.46
C ALA B 215 13.07 13.31 2.43
N TYR B 216 14.09 14.11 2.18
CA TYR B 216 14.42 15.28 3.02
C TYR B 216 13.42 16.40 2.90
N ASN B 217 12.53 16.33 1.92
CA ASN B 217 11.56 17.42 1.72
C ASN B 217 10.09 17.07 1.82
N GLY B 218 9.83 15.88 2.38
CA GLY B 218 8.48 15.43 2.72
C GLY B 218 7.63 15.03 1.51
N ASP B 219 8.28 14.63 0.42
CA ASP B 219 7.55 14.19 -0.79
C ASP B 219 7.38 12.66 -0.81
N MET B 220 6.28 12.17 -0.22
CA MET B 220 6.10 10.73 -0.02
C MET B 220 5.92 9.97 -1.34
N ALA B 221 5.31 10.61 -2.33
CA ALA B 221 5.01 9.95 -3.62
C ALA B 221 6.29 9.68 -4.38
N THR B 222 7.14 10.68 -4.51
CA THR B 222 8.49 10.48 -5.10
C THR B 222 9.42 9.50 -4.37
N VAL B 223 9.44 9.60 -3.05
CA VAL B 223 10.20 8.71 -2.18
C VAL B 223 9.77 7.28 -2.42
N THR B 224 8.45 7.09 -2.53
CA THR B 224 7.88 5.75 -2.71
C THR B 224 8.19 5.20 -4.10
N PHE B 225 8.05 6.03 -5.14
CA PHE B 225 8.55 5.60 -6.44
C PHE B 225 10.06 5.17 -6.32
N GLY B 226 10.90 6.01 -5.70
CA GLY B 226 12.30 5.70 -5.52
C GLY B 226 12.52 4.34 -4.91
N PHE B 227 11.90 4.07 -3.75
CA PHE B 227 12.02 2.74 -3.07
C PHE B 227 11.58 1.61 -4.02
N SER B 228 10.58 1.87 -4.85
CA SER B 228 10.00 0.85 -5.73
C SER B 228 10.92 0.49 -6.90
N ALA B 229 11.64 1.49 -7.39
CA ALA B 229 12.53 1.37 -8.53
C ALA B 229 13.90 0.74 -8.17
N GLN B 230 14.24 0.70 -6.89
CA GLN B 230 15.53 0.17 -6.42
C GLN B 230 15.90 -1.25 -6.91
N SER B 231 14.99 -2.21 -6.76
CA SER B 231 15.26 -3.54 -7.31
C SER B 231 15.34 -3.60 -8.85
N ASP B 232 14.62 -2.72 -9.55
CA ASP B 232 14.70 -2.63 -11.02
C ASP B 232 16.12 -2.15 -11.39
N GLU B 233 16.61 -1.14 -10.68
CA GLU B 233 17.93 -0.58 -10.95
C GLU B 233 19.08 -1.53 -10.68
N ALA B 234 18.97 -2.38 -9.67
CA ALA B 234 19.99 -3.41 -9.42
C ALA B 234 20.17 -4.21 -10.70
N ARG B 235 19.07 -4.58 -11.35
CA ARG B 235 19.16 -5.33 -12.60
C ARG B 235 19.79 -4.49 -13.68
N HIS B 236 19.30 -3.28 -13.86
CA HIS B 236 19.79 -2.43 -14.92
C HIS B 236 21.29 -2.14 -14.80
N MET B 237 21.77 -1.88 -13.58
CA MET B 237 23.22 -1.76 -13.28
C MET B 237 23.97 -3.01 -13.68
N THR B 238 23.43 -4.19 -13.34
CA THR B 238 24.12 -5.44 -13.67
C THR B 238 24.17 -5.70 -15.17
N LEU B 239 23.11 -5.32 -15.88
CA LEU B 239 23.13 -5.37 -17.36
C LEU B 239 24.25 -4.47 -17.89
N GLY B 240 24.34 -3.25 -17.38
CA GLY B 240 25.39 -2.30 -17.77
C GLY B 240 26.79 -2.89 -17.63
N LEU B 241 27.05 -3.55 -16.51
CA LEU B 241 28.35 -4.14 -16.21
C LEU B 241 28.64 -5.28 -17.18
N GLU B 242 27.69 -6.21 -17.34
CA GLU B 242 27.85 -7.32 -18.26
C GLU B 242 28.10 -6.87 -19.71
N VAL B 243 27.35 -5.88 -20.17
CA VAL B 243 27.56 -5.26 -21.49
C VAL B 243 29.03 -4.89 -21.78
N ILE B 244 29.67 -4.07 -20.94
CA ILE B 244 31.05 -3.64 -21.28
C ILE B 244 32.03 -4.77 -21.17
N LYS B 245 31.89 -5.62 -20.15
CA LYS B 245 32.80 -6.76 -19.97
C LYS B 245 32.70 -7.67 -21.18
N PHE B 246 31.46 -7.97 -21.57
CA PHE B 246 31.22 -8.85 -22.74
C PHE B 246 31.90 -8.33 -24.02
N ILE B 247 31.59 -7.08 -24.36
CA ILE B 247 32.03 -6.47 -25.58
C ILE B 247 33.57 -6.34 -25.58
N LEU B 248 34.14 -5.97 -24.42
CA LEU B 248 35.61 -5.88 -24.28
C LEU B 248 36.33 -7.22 -24.45
N GLU B 249 35.72 -8.29 -23.95
CA GLU B 249 36.30 -9.63 -24.01
C GLU B 249 36.12 -10.32 -25.36
N GLN B 250 35.18 -9.84 -26.16
CA GLN B 250 34.85 -10.55 -27.39
C GLN B 250 35.93 -10.41 -28.47
N HIS B 251 36.54 -9.24 -28.57
CA HIS B 251 37.62 -9.10 -29.54
C HIS B 251 38.46 -7.89 -29.18
N GLU B 252 39.77 -7.95 -29.40
CA GLU B 252 40.59 -6.81 -28.97
C GLU B 252 40.42 -5.60 -29.87
N ASP B 253 39.84 -5.81 -31.04
CA ASP B 253 39.50 -4.68 -31.91
C ASP B 253 38.32 -3.83 -31.37
N ASN B 254 37.54 -4.39 -30.45
CA ASN B 254 36.45 -3.64 -29.81
C ASN B 254 36.92 -2.61 -28.79
N VAL B 255 38.11 -2.81 -28.23
CA VAL B 255 38.60 -1.97 -27.17
C VAL B 255 38.74 -0.47 -27.56
N PRO B 256 39.36 -0.12 -28.74
CA PRO B 256 39.36 1.30 -29.18
C PRO B 256 37.95 1.89 -29.45
N ILE B 257 37.07 1.09 -30.06
CA ILE B 257 35.70 1.56 -30.29
C ILE B 257 35.00 1.88 -28.96
N VAL B 258 35.06 0.93 -28.02
CA VAL B 258 34.44 1.12 -26.71
C VAL B 258 35.06 2.33 -26.00
N GLN B 259 36.39 2.51 -26.07
CA GLN B 259 37.04 3.64 -25.41
C GLN B 259 36.49 4.97 -25.94
N ARG B 260 36.27 5.08 -27.25
CA ARG B 260 35.71 6.31 -27.85
C ARG B 260 34.28 6.52 -27.40
N TRP B 261 33.50 5.44 -27.33
CA TRP B 261 32.13 5.54 -26.74
C TRP B 261 32.12 5.97 -25.28
N ILE B 262 33.02 5.42 -24.48
CA ILE B 262 33.24 5.89 -23.09
C ILE B 262 33.53 7.38 -23.04
N ASP B 263 34.53 7.84 -23.80
CA ASP B 263 34.80 9.28 -23.84
C ASP B 263 33.54 10.15 -24.20
N LYS B 264 32.85 9.78 -25.28
CA LYS B 264 31.71 10.52 -25.82
C LYS B 264 30.59 10.56 -24.79
N TRP B 265 30.29 9.38 -24.23
CA TRP B 265 29.10 9.27 -23.39
C TRP B 265 29.31 9.74 -21.97
N PHE B 266 30.56 9.60 -21.47
CA PHE B 266 30.95 10.30 -20.23
C PHE B 266 30.63 11.82 -20.36
N TRP B 267 31.09 12.43 -21.46
CA TRP B 267 30.96 13.86 -21.66
C TRP B 267 29.53 14.31 -21.90
N ARG B 268 28.79 13.58 -22.75
CA ARG B 268 27.39 13.87 -22.92
C ARG B 268 26.59 13.62 -21.61
N GLY B 269 26.94 12.56 -20.89
CA GLY B 269 26.21 12.30 -19.62
C GLY B 269 26.49 13.42 -18.62
N PHE B 270 27.74 13.82 -18.57
CA PHE B 270 28.18 14.89 -17.66
C PHE B 270 27.39 16.16 -17.97
N ARG B 271 27.25 16.50 -19.25
CA ARG B 271 26.56 17.75 -19.60
C ARG B 271 25.10 17.68 -19.22
N LEU B 272 24.52 16.51 -19.41
CA LEU B 272 23.11 16.33 -19.06
C LEU B 272 22.91 16.54 -17.56
N LEU B 273 23.83 15.98 -16.77
CA LEU B 273 23.78 16.01 -15.30
C LEU B 273 23.91 17.40 -14.73
N SER B 274 24.53 18.31 -15.48
CA SER B 274 24.57 19.70 -15.03
C SER B 274 23.15 20.23 -14.59
N LEU B 275 22.07 19.75 -15.22
CA LEU B 275 20.72 20.14 -14.77
C LEU B 275 20.42 19.64 -13.34
N VAL B 276 20.89 18.43 -13.01
CA VAL B 276 20.69 17.85 -11.68
C VAL B 276 21.49 18.60 -10.59
N SER B 277 22.70 19.09 -10.93
CA SER B 277 23.54 19.82 -9.96
C SER B 277 22.82 21.04 -9.43
N MET B 278 22.17 21.73 -10.35
CA MET B 278 21.42 22.93 -10.03
C MET B 278 20.19 22.60 -9.19
N MET B 279 19.53 21.49 -9.50
CA MET B 279 18.33 21.06 -8.78
C MET B 279 18.67 20.75 -7.31
N MET B 280 19.75 20.03 -7.06
CA MET B 280 20.05 19.63 -5.68
C MET B 280 20.66 20.76 -4.81
N ASP B 281 21.48 21.63 -5.43
CA ASP B 281 22.07 22.76 -4.72
C ASP B 281 21.09 23.89 -4.47
N TYR B 282 20.14 24.11 -5.38
CA TYR B 282 19.31 25.32 -5.27
C TYR B 282 17.82 25.10 -5.10
N MET B 283 17.28 24.05 -5.71
CA MET B 283 15.82 23.85 -5.68
C MET B 283 15.29 23.07 -4.44
N LEU B 284 16.14 22.32 -3.77
CA LEU B 284 15.69 21.60 -2.59
C LEU B 284 15.81 22.53 -1.41
N PRO B 285 14.67 22.90 -0.77
CA PRO B 285 14.71 23.73 0.45
C PRO B 285 15.60 23.14 1.57
N ASN B 286 15.40 21.87 1.94
CA ASN B 286 16.34 21.11 2.78
C ASN B 286 17.34 20.32 1.94
N LYS B 287 18.62 20.59 2.18
CA LYS B 287 19.66 20.07 1.35
C LYS B 287 20.04 18.65 1.77
N VAL B 288 20.44 17.82 0.81
CA VAL B 288 20.84 16.45 1.09
C VAL B 288 22.36 16.43 1.17
N MET B 289 22.99 16.96 0.13
CA MET B 289 24.43 17.05 -0.01
C MET B 289 24.71 18.03 -1.15
N SER B 290 25.94 18.51 -1.27
CA SER B 290 26.24 19.38 -2.41
C SER B 290 26.46 18.54 -3.69
N TRP B 291 26.22 19.16 -4.86
CA TRP B 291 26.70 18.54 -6.12
C TRP B 291 28.17 18.15 -5.98
N SER B 292 28.97 19.02 -5.38
CA SER B 292 30.40 18.71 -5.13
C SER B 292 30.62 17.34 -4.44
N GLU B 293 29.92 17.15 -3.32
CA GLU B 293 29.98 15.90 -2.58
C GLU B 293 29.47 14.71 -3.38
N ALA B 294 28.28 14.83 -3.97
CA ALA B 294 27.73 13.79 -4.88
C ALA B 294 28.75 13.32 -5.94
N TRP B 295 29.35 14.28 -6.64
CA TRP B 295 30.28 13.99 -7.70
C TRP B 295 31.51 13.28 -7.16
N GLU B 296 32.04 13.76 -6.02
CA GLU B 296 33.20 13.13 -5.33
C GLU B 296 32.95 11.67 -4.98
N VAL B 297 31.77 11.38 -4.46
CA VAL B 297 31.50 10.03 -3.98
C VAL B 297 31.12 9.14 -5.15
N TYR B 298 30.14 9.57 -5.93
CA TYR B 298 29.57 8.67 -6.96
C TYR B 298 30.38 8.56 -8.23
N TYR B 299 31.08 9.63 -8.61
CA TYR B 299 31.98 9.53 -9.73
C TYR B 299 33.44 9.29 -9.33
N GLU B 300 34.06 10.28 -8.69
CA GLU B 300 35.49 10.22 -8.38
C GLU B 300 35.87 8.97 -7.59
N GLN B 301 35.16 8.68 -6.51
CA GLN B 301 35.40 7.47 -5.72
C GLN B 301 34.92 6.21 -6.43
N ASN B 302 33.59 6.05 -6.54
CA ASN B 302 32.99 4.87 -7.17
C ASN B 302 33.40 4.61 -8.64
N GLY B 303 33.40 5.67 -9.44
CA GLY B 303 33.82 5.63 -10.84
C GLY B 303 35.29 5.32 -10.91
N GLY B 304 36.08 5.93 -10.01
CA GLY B 304 37.54 5.72 -9.96
C GLY B 304 37.89 4.26 -9.81
N ALA B 305 37.14 3.59 -8.95
CA ALA B 305 37.28 2.16 -8.69
C ALA B 305 36.85 1.30 -9.87
N LEU B 306 35.74 1.65 -10.49
CA LEU B 306 35.31 0.97 -11.73
C LEU B 306 36.39 0.99 -12.84
N PHE B 307 36.90 2.16 -13.14
CA PHE B 307 37.89 2.28 -14.18
C PHE B 307 39.22 1.58 -13.87
N LYS B 308 39.53 1.38 -12.60
CA LYS B 308 40.66 0.50 -12.23
C LYS B 308 40.37 -1.00 -12.49
N ASP B 309 39.14 -1.46 -12.27
CA ASP B 309 38.66 -2.77 -12.77
C ASP B 309 38.99 -2.91 -14.27
N LEU B 310 38.59 -1.89 -15.05
CA LEU B 310 38.62 -1.95 -16.51
C LEU B 310 39.99 -1.85 -17.11
N GLU B 311 40.98 -1.37 -16.33
CA GLU B 311 42.37 -1.30 -16.78
C GLU B 311 42.89 -2.63 -17.32
N ARG B 312 42.32 -3.74 -16.83
CA ARG B 312 42.72 -5.06 -17.30
C ARG B 312 42.42 -5.30 -18.77
N TYR B 313 41.48 -4.52 -19.32
CA TYR B 313 41.04 -4.66 -20.73
C TYR B 313 41.70 -3.67 -21.68
N GLY B 314 42.46 -2.72 -21.12
CA GLY B 314 43.10 -1.70 -21.92
C GLY B 314 42.31 -0.41 -21.93
N ILE B 315 41.28 -0.32 -21.08
CA ILE B 315 40.48 0.89 -20.99
C ILE B 315 41.09 1.85 -19.98
N ARG B 316 41.16 3.13 -20.35
CA ARG B 316 41.58 4.17 -19.44
C ARG B 316 40.34 5.00 -19.03
N PRO B 317 40.43 5.79 -17.94
CA PRO B 317 39.29 6.61 -17.54
C PRO B 317 38.90 7.64 -18.64
N PRO B 318 37.64 8.13 -18.66
CA PRO B 318 37.22 9.01 -19.80
C PRO B 318 38.04 10.26 -20.01
N LYS B 319 38.16 10.65 -21.26
CA LYS B 319 38.81 11.88 -21.63
C LYS B 319 38.11 13.08 -21.00
N TYR B 320 38.90 14.02 -20.52
CA TYR B 320 38.39 15.27 -19.93
C TYR B 320 37.78 15.03 -18.56
N GLN B 321 38.02 13.88 -17.96
CA GLN B 321 37.42 13.70 -16.66
C GLN B 321 37.97 14.72 -15.67
N ASP B 322 39.22 15.14 -15.88
CA ASP B 322 39.86 16.14 -15.01
C ASP B 322 39.07 17.47 -15.01
N VAL B 323 38.58 17.85 -16.17
CA VAL B 323 37.82 19.09 -16.39
C VAL B 323 36.50 18.97 -15.66
N ALA B 324 35.89 17.80 -15.73
CA ALA B 324 34.60 17.58 -15.05
C ALA B 324 34.73 17.60 -13.50
N ASN B 325 35.79 16.95 -12.99
CA ASN B 325 36.10 17.00 -11.55
C ASN B 325 36.28 18.46 -11.08
N ASP B 326 37.02 19.26 -11.84
CA ASP B 326 37.24 20.68 -11.50
C ASP B 326 35.96 21.50 -11.54
N ALA B 327 35.10 21.21 -12.53
CA ALA B 327 33.87 21.97 -12.75
C ALA B 327 32.83 21.74 -11.64
N LYS B 328 33.05 20.73 -10.80
CA LYS B 328 32.12 20.48 -9.67
C LYS B 328 32.04 21.65 -8.68
N HIS B 329 33.07 22.49 -8.67
CA HIS B 329 33.07 23.66 -7.82
C HIS B 329 32.23 24.83 -8.37
N HIS B 330 31.78 24.67 -9.61
CA HIS B 330 31.18 25.79 -10.35
C HIS B 330 29.80 25.52 -10.94
N LEU B 331 29.60 24.28 -11.34
CA LEU B 331 28.49 23.89 -12.20
C LEU B 331 27.14 24.43 -11.75
N SER B 332 26.72 24.11 -10.53
CA SER B 332 25.33 24.47 -10.12
C SER B 332 25.07 25.94 -10.08
N HIS B 333 26.11 26.71 -9.75
CA HIS B 333 26.01 28.17 -9.65
C HIS B 333 25.93 28.79 -11.02
N GLN B 334 26.73 28.26 -11.95
CA GLN B 334 26.72 28.74 -13.33
C GLN B 334 25.34 28.50 -13.94
N LEU B 335 24.79 27.30 -13.73
CA LEU B 335 23.44 26.96 -14.26
C LEU B 335 22.27 27.70 -13.61
N TRP B 336 22.29 27.84 -12.29
CA TRP B 336 21.26 28.58 -11.60
C TRP B 336 21.19 30.00 -12.11
N THR B 337 22.33 30.68 -12.27
CA THR B 337 22.29 32.09 -12.69
C THR B 337 21.81 32.21 -14.18
N THR B 338 22.05 31.18 -15.00
CA THR B 338 21.58 31.07 -16.40
C THR B 338 20.08 30.94 -16.37
N PHE B 339 19.58 30.02 -15.56
CA PHE B 339 18.14 29.83 -15.47
C PHE B 339 17.42 31.03 -14.87
N TYR B 340 18.02 31.65 -13.86
CA TYR B 340 17.52 32.87 -13.23
C TYR B 340 17.18 33.95 -14.27
N GLN B 341 18.16 34.28 -15.10
CA GLN B 341 18.02 35.33 -16.13
C GLN B 341 17.09 34.98 -17.35
N TYR B 342 16.85 33.68 -17.59
CA TYR B 342 15.99 33.19 -18.70
C TYR B 342 14.73 32.47 -18.25
N CYS B 343 14.41 32.55 -16.98
CA CYS B 343 13.17 31.86 -16.49
C CYS B 343 11.83 32.48 -16.96
N GLN B 344 11.86 33.62 -17.69
CA GLN B 344 10.65 34.07 -18.43
C GLN B 344 10.25 33.06 -19.53
N ALA B 345 11.23 32.26 -19.98
CA ALA B 345 11.08 31.28 -21.07
C ALA B 345 11.18 29.82 -20.58
N THR B 346 10.84 29.56 -19.30
CA THR B 346 10.90 28.19 -18.68
C THR B 346 9.53 27.83 -18.03
N ASN B 347 9.24 26.53 -17.89
CA ASN B 347 8.03 26.08 -17.15
C ASN B 347 8.26 25.92 -15.64
N PHE B 348 9.25 26.62 -15.10
CA PHE B 348 9.48 26.60 -13.65
C PHE B 348 10.06 27.93 -13.17
N HIS B 349 10.10 28.13 -11.86
CA HIS B 349 10.52 29.41 -11.28
C HIS B 349 11.98 29.39 -10.81
N THR B 350 12.59 30.56 -10.73
CA THR B 350 13.87 30.65 -10.06
C THR B 350 13.74 31.78 -9.00
N TRP B 351 14.74 31.93 -8.12
CA TRP B 351 14.65 32.94 -7.06
C TRP B 351 16.04 33.15 -6.58
N ILE B 352 16.24 34.18 -5.73
CA ILE B 352 17.52 34.34 -5.02
C ILE B 352 17.49 33.49 -3.74
N PRO B 353 18.56 32.73 -3.49
CA PRO B 353 18.55 31.85 -2.31
C PRO B 353 18.59 32.66 -1.02
N GLU B 354 18.03 32.11 0.04
CA GLU B 354 18.02 32.75 1.36
C GLU B 354 19.44 32.84 1.87
N LYS B 355 19.69 33.79 2.79
CA LYS B 355 21.00 33.88 3.44
C LYS B 355 21.51 32.59 4.10
N GLU B 356 20.61 31.82 4.71
CA GLU B 356 20.98 30.50 5.25
C GLU B 356 21.40 29.49 4.19
N GLU B 357 20.71 29.47 3.05
CA GLU B 357 21.20 28.63 1.93
C GLU B 357 22.56 29.11 1.40
N MET B 358 22.76 30.43 1.32
CA MET B 358 24.04 30.95 0.87
C MET B 358 25.21 30.58 1.78
N ASP B 359 24.93 30.51 3.07
CA ASP B 359 25.92 30.15 4.05
C ASP B 359 26.33 28.72 3.91
N TRP B 360 25.32 27.86 3.72
CA TRP B 360 25.56 26.46 3.39
C TRP B 360 26.49 26.34 2.18
N MET B 361 26.22 27.17 1.17
CA MET B 361 26.98 27.11 -0.06
C MET B 361 28.40 27.56 0.13
N SER B 362 28.62 28.58 0.96
CA SER B 362 30.00 28.96 1.37
C SER B 362 30.78 27.80 2.00
N GLU B 363 30.10 27.01 2.83
CA GLU B 363 30.69 25.86 3.54
C GLU B 363 30.98 24.73 2.58
N LYS B 364 30.12 24.55 1.58
CA LYS B 364 30.28 23.42 0.65
C LYS B 364 31.17 23.74 -0.55
N TYR B 365 31.35 25.03 -0.83
CA TYR B 365 32.15 25.55 -1.96
C TYR B 365 33.09 26.61 -1.38
N PRO B 366 34.04 26.16 -0.54
CA PRO B 366 34.87 27.08 0.21
C PRO B 366 35.83 27.86 -0.67
N ASP B 367 36.23 27.31 -1.82
CA ASP B 367 37.18 27.94 -2.80
C ASP B 367 36.57 28.78 -3.93
N THR B 368 35.23 28.82 -4.04
CA THR B 368 34.63 29.44 -5.23
C THR B 368 33.40 30.30 -4.93
N PHE B 369 32.60 29.88 -3.97
CA PHE B 369 31.32 30.53 -3.84
C PHE B 369 31.36 32.03 -3.42
N ASP B 370 32.17 32.35 -2.40
CA ASP B 370 32.25 33.74 -1.95
C ASP B 370 32.96 34.62 -2.97
N LYS B 371 33.95 34.04 -3.65
CA LYS B 371 34.71 34.73 -4.71
C LYS B 371 33.84 35.08 -5.94
N TYR B 372 33.21 34.07 -6.54
CA TYR B 372 32.54 34.23 -7.85
C TYR B 372 31.01 34.34 -7.85
N TYR B 373 30.34 33.71 -6.90
CA TYR B 373 28.87 33.56 -7.02
C TYR B 373 28.05 34.36 -6.03
N ARG B 374 28.44 34.36 -4.74
CA ARG B 374 27.73 35.18 -3.73
C ARG B 374 27.53 36.62 -4.16
N PRO B 375 28.58 37.30 -4.68
CA PRO B 375 28.45 38.66 -5.19
C PRO B 375 27.40 38.86 -6.31
N ARG B 376 27.18 37.83 -7.14
CA ARG B 376 26.07 37.86 -8.10
C ARG B 376 24.73 38.01 -7.39
N TYR B 377 24.49 37.20 -6.36
CA TYR B 377 23.18 37.25 -5.69
C TYR B 377 22.97 38.57 -4.96
N GLU B 378 24.06 39.13 -4.43
CA GLU B 378 24.01 40.47 -3.81
C GLU B 378 23.61 41.48 -4.85
N TYR B 379 24.27 41.45 -6.01
CA TYR B 379 23.88 42.36 -7.10
C TYR B 379 22.41 42.17 -7.56
N LEU B 380 22.04 40.94 -7.91
CA LEU B 380 20.67 40.63 -8.37
C LEU B 380 19.60 40.98 -7.34
N ALA B 381 19.89 40.72 -6.05
CA ALA B 381 18.94 41.06 -4.97
C ALA B 381 18.68 42.57 -4.86
N LYS B 382 19.73 43.38 -5.03
CA LYS B 382 19.59 44.85 -4.97
C LYS B 382 18.71 45.31 -6.13
N GLU B 383 18.97 44.72 -7.32
CA GLU B 383 18.23 45.08 -8.53
C GLU B 383 16.78 44.71 -8.38
N ALA B 384 16.52 43.48 -7.90
CA ALA B 384 15.15 43.05 -7.63
C ALA B 384 14.45 44.01 -6.65
N ALA B 385 15.09 44.25 -5.50
CA ALA B 385 14.62 45.24 -4.50
C ALA B 385 14.27 46.62 -5.08
N ALA B 386 15.02 47.04 -6.11
CA ALA B 386 14.84 48.35 -6.77
C ALA B 386 13.72 48.33 -7.84
N GLY B 387 13.03 47.20 -7.94
CA GLY B 387 12.00 47.00 -8.95
C GLY B 387 12.60 46.65 -10.30
N ARG B 388 13.88 46.21 -10.33
CA ARG B 388 14.55 45.95 -11.62
C ARG B 388 15.03 44.48 -11.72
N ARG B 389 14.16 43.54 -11.34
CA ARG B 389 14.53 42.11 -11.36
C ARG B 389 15.11 41.72 -12.75
N PHE B 390 16.28 41.11 -12.78
CA PHE B 390 16.97 40.94 -14.07
C PHE B 390 16.39 39.76 -14.86
N TYR B 391 15.98 40.04 -16.09
CA TYR B 391 15.67 39.04 -17.10
C TYR B 391 16.48 39.40 -18.37
N ASN B 392 17.17 38.41 -18.94
CA ASN B 392 17.97 38.63 -20.11
C ASN B 392 17.08 38.39 -21.32
N ASN B 393 16.83 39.42 -22.12
CA ASN B 393 15.91 39.26 -23.29
C ASN B 393 16.62 39.00 -24.61
N THR B 394 17.90 38.64 -24.57
CA THR B 394 18.55 38.26 -25.79
C THR B 394 18.90 36.78 -25.75
N LEU B 395 18.62 36.06 -26.82
CA LEU B 395 18.91 34.64 -26.85
C LEU B 395 20.38 34.34 -26.81
N PRO B 396 20.73 33.19 -26.21
CA PRO B 396 22.11 32.69 -26.11
C PRO B 396 22.61 31.82 -27.25
N GLN B 397 23.91 31.85 -27.48
CA GLN B 397 24.60 30.83 -28.26
C GLN B 397 24.43 29.46 -27.58
N LEU B 398 24.08 28.41 -28.33
CA LEU B 398 24.02 27.05 -27.80
C LEU B 398 25.14 26.23 -28.40
N CYS B 399 25.57 25.23 -27.66
CA CYS B 399 26.52 24.27 -28.13
C CYS B 399 25.91 23.35 -29.17
N GLN B 400 26.67 23.11 -30.23
CA GLN B 400 26.17 22.32 -31.33
C GLN B 400 25.89 20.84 -30.94
N VAL B 401 26.54 20.34 -29.89
CA VAL B 401 26.43 18.94 -29.48
C VAL B 401 25.48 18.81 -28.28
N CYS B 402 25.80 19.38 -27.13
CA CYS B 402 25.00 19.11 -25.91
C CYS B 402 23.79 20.07 -25.87
N GLN B 403 23.83 21.11 -26.71
CA GLN B 403 22.74 22.09 -26.84
C GLN B 403 22.52 23.03 -25.63
N ILE B 404 23.41 23.00 -24.64
CA ILE B 404 23.30 23.93 -23.48
C ILE B 404 23.84 25.27 -23.95
N PRO B 405 23.29 26.42 -23.46
CA PRO B 405 23.99 27.69 -23.76
C PRO B 405 25.47 27.61 -23.36
N THR B 406 26.35 28.30 -24.06
CA THR B 406 27.78 28.16 -23.80
C THR B 406 28.18 29.01 -22.59
N ILE B 407 27.85 28.51 -21.39
CA ILE B 407 27.94 29.24 -20.14
C ILE B 407 29.15 28.73 -19.32
N PHE B 408 29.81 27.66 -19.78
CA PHE B 408 30.85 27.03 -18.97
C PHE B 408 32.23 27.65 -19.20
N THR B 409 33.08 27.55 -18.17
CA THR B 409 34.33 28.27 -18.13
C THR B 409 35.56 27.37 -18.17
N GLU B 410 36.73 27.97 -18.45
CA GLU B 410 37.99 27.22 -18.60
C GLU B 410 38.43 26.65 -17.27
N LYS B 411 38.91 25.41 -17.26
CA LYS B 411 39.53 24.84 -16.04
C LYS B 411 40.60 25.85 -15.55
N ASP B 412 40.54 26.24 -14.28
CA ASP B 412 41.50 27.23 -13.74
C ASP B 412 41.39 28.66 -14.27
N ALA B 413 40.25 29.01 -14.87
CA ALA B 413 39.98 30.40 -15.23
C ALA B 413 38.45 30.59 -15.24
N PRO B 414 37.82 30.65 -14.05
CA PRO B 414 36.36 30.58 -13.89
C PRO B 414 35.65 31.81 -14.44
N THR B 415 36.42 32.80 -14.89
CA THR B 415 35.83 34.01 -15.44
C THR B 415 35.83 34.02 -17.00
N MET B 416 36.45 33.02 -17.61
CA MET B 416 36.61 32.92 -19.07
C MET B 416 35.82 31.73 -19.62
N LEU B 417 34.91 31.98 -20.60
CA LEU B 417 34.16 30.89 -21.28
C LEU B 417 35.07 29.94 -22.06
N SER B 418 34.83 28.62 -21.93
CA SER B 418 35.53 27.58 -22.73
C SER B 418 34.90 27.33 -24.12
N HIS B 419 34.39 28.40 -24.72
CA HIS B 419 33.99 28.41 -26.12
C HIS B 419 35.03 27.81 -27.08
N ARG B 420 34.55 26.95 -27.98
CA ARG B 420 35.35 26.51 -29.10
C ARG B 420 34.55 26.65 -30.39
N GLN B 421 35.25 26.82 -31.52
CA GLN B 421 34.60 26.84 -32.83
C GLN B 421 35.44 26.17 -33.90
N ILE B 422 34.76 25.63 -34.91
CA ILE B 422 35.46 25.06 -36.07
C ILE B 422 34.75 25.47 -37.36
N GLU B 423 35.31 25.04 -38.50
CA GLU B 423 34.67 25.18 -39.80
C GLU B 423 34.55 23.78 -40.35
N HIS B 424 33.38 23.44 -40.86
CA HIS B 424 33.21 22.15 -41.49
C HIS B 424 32.42 22.31 -42.79
N GLU B 425 33.04 21.92 -43.90
CA GLU B 425 32.44 22.04 -45.22
C GLU B 425 31.75 23.38 -45.41
N GLY B 426 32.49 24.44 -45.15
CA GLY B 426 32.00 25.78 -45.43
C GLY B 426 31.14 26.41 -44.38
N GLU B 427 30.83 25.67 -43.30
CA GLU B 427 29.98 26.21 -42.24
C GLU B 427 30.73 26.33 -40.92
N ARG B 428 30.26 27.24 -40.07
CA ARG B 428 30.91 27.45 -38.74
C ARG B 428 30.06 26.77 -37.68
N TYR B 429 30.71 26.12 -36.71
CA TYR B 429 29.99 25.46 -35.61
C TYR B 429 30.68 25.83 -34.29
N HIS B 430 29.87 25.97 -33.23
CA HIS B 430 30.36 26.44 -31.91
C HIS B 430 30.02 25.40 -30.85
N PHE B 431 30.89 25.29 -29.83
CA PHE B 431 30.76 24.30 -28.76
C PHE B 431 31.09 24.95 -27.44
N CYS B 432 30.60 24.35 -26.35
CA CYS B 432 30.84 24.85 -24.99
C CYS B 432 32.19 24.42 -24.43
N SER B 433 32.90 23.54 -25.11
CA SER B 433 34.03 22.84 -24.48
C SER B 433 34.81 22.11 -25.55
N ASP B 434 36.01 21.66 -25.21
CA ASP B 434 36.77 20.66 -26.00
C ASP B 434 36.08 19.31 -26.04
N GLY B 435 35.43 18.94 -24.95
CA GLY B 435 34.76 17.65 -24.89
C GLY B 435 33.72 17.55 -25.99
N CYS B 436 32.92 18.59 -26.16
CA CYS B 436 31.86 18.60 -27.20
C CYS B 436 32.49 18.80 -28.59
N CYS B 437 33.52 19.65 -28.69
CA CYS B 437 34.21 19.85 -29.96
C CYS B 437 34.73 18.49 -30.49
N ASP B 438 35.32 17.67 -29.62
CA ASP B 438 35.87 16.35 -30.01
C ASP B 438 34.80 15.36 -30.50
N ILE B 439 33.66 15.30 -29.80
CA ILE B 439 32.52 14.50 -30.24
C ILE B 439 32.06 14.97 -31.63
N PHE B 440 31.91 16.29 -31.84
CA PHE B 440 31.54 16.82 -33.20
C PHE B 440 32.54 16.35 -34.30
N LYS B 441 33.83 16.50 -34.04
CA LYS B 441 34.86 16.27 -35.06
C LYS B 441 34.88 14.83 -35.53
N HIS B 442 34.44 13.93 -34.66
CA HIS B 442 34.41 12.55 -35.04
C HIS B 442 33.17 12.14 -35.86
N GLU B 443 32.06 12.87 -35.70
CA GLU B 443 30.79 12.51 -36.36
C GLU B 443 30.06 13.74 -36.87
N PRO B 444 30.71 14.60 -37.72
CA PRO B 444 30.05 15.90 -38.04
C PRO B 444 28.71 15.78 -38.77
N GLU B 445 28.59 14.70 -39.55
CA GLU B 445 27.44 14.44 -40.41
C GLU B 445 26.17 14.23 -39.56
N LYS B 446 26.42 13.80 -38.34
CA LYS B 446 25.34 13.63 -37.34
C LYS B 446 24.93 14.99 -36.74
N TYR B 447 25.88 15.71 -36.13
CA TYR B 447 25.54 16.88 -35.31
C TYR B 447 25.08 18.10 -36.13
N ILE B 448 25.45 18.14 -37.40
CA ILE B 448 25.00 19.24 -38.28
C ILE B 448 23.51 19.21 -38.48
N GLN B 449 22.87 18.05 -38.22
CA GLN B 449 21.40 17.96 -38.27
C GLN B 449 20.62 18.47 -37.06
N ALA B 450 21.29 18.83 -35.95
CA ALA B 450 20.61 19.19 -34.69
C ALA B 450 19.51 20.29 -34.84
N TRP B 451 18.41 20.10 -34.13
CA TRP B 451 17.33 21.10 -34.06
C TRP B 451 17.70 22.01 -32.90
N LEU B 452 18.49 23.06 -33.14
CA LEU B 452 18.94 23.91 -32.05
C LEU B 452 17.86 24.96 -31.81
N PRO B 453 17.19 24.92 -30.63
CA PRO B 453 16.01 25.76 -30.45
C PRO B 453 16.20 27.25 -30.77
N VAL B 454 17.35 27.85 -30.46
CA VAL B 454 17.55 29.30 -30.75
C VAL B 454 17.56 29.57 -32.29
N HIS B 455 18.23 28.68 -33.01
CA HIS B 455 18.30 28.79 -34.46
C HIS B 455 16.93 28.58 -35.09
N GLN B 456 16.19 27.60 -34.60
CA GLN B 456 14.88 27.32 -35.14
C GLN B 456 13.90 28.48 -34.85
N ILE B 457 14.04 29.11 -33.70
CA ILE B 457 13.22 30.31 -33.41
C ILE B 457 13.56 31.38 -34.49
N TYR B 458 14.85 31.60 -34.73
CA TYR B 458 15.29 32.61 -35.71
C TYR B 458 14.93 32.28 -37.17
N GLN B 459 14.75 30.99 -37.50
CA GLN B 459 14.29 30.56 -38.82
C GLN B 459 12.78 30.69 -38.99
N GLY B 460 12.05 30.98 -37.91
CA GLY B 460 10.57 31.10 -37.94
C GLY B 460 9.86 29.76 -37.78
N ASN B 461 10.55 28.79 -37.15
CA ASN B 461 10.00 27.44 -36.98
C ASN B 461 9.39 27.12 -35.59
N CYS B 462 9.28 28.13 -34.75
CA CYS B 462 8.70 27.94 -33.44
C CYS B 462 7.50 28.87 -33.31
N GLU B 463 6.80 28.95 -34.45
CA GLU B 463 5.46 29.50 -34.60
C GLU B 463 5.30 30.75 -33.78
N GLY B 464 6.01 31.80 -34.20
CA GLY B 464 6.17 33.03 -33.45
C GLY B 464 7.47 33.74 -33.75
N GLY B 465 7.41 35.07 -33.76
CA GLY B 465 8.58 35.90 -33.93
C GLY B 465 8.81 36.88 -32.77
N ASP B 466 8.01 36.80 -31.72
CA ASP B 466 8.19 37.79 -30.64
C ASP B 466 8.54 37.24 -29.27
N LEU B 467 8.50 35.92 -29.12
CA LEU B 467 8.97 35.30 -27.87
C LEU B 467 7.87 35.19 -26.81
N GLU B 468 7.10 36.26 -26.56
CA GLU B 468 5.78 36.05 -25.92
C GLU B 468 4.94 35.01 -26.69
N THR B 469 4.86 35.16 -28.01
CA THR B 469 4.18 34.17 -28.84
C THR B 469 4.85 32.79 -28.83
N VAL B 470 6.18 32.75 -28.95
CA VAL B 470 6.91 31.47 -28.83
C VAL B 470 6.55 30.80 -27.49
N VAL B 471 6.68 31.55 -26.39
CA VAL B 471 6.53 30.96 -25.07
C VAL B 471 5.07 30.50 -24.84
N GLN B 472 4.09 31.34 -25.15
CA GLN B 472 2.70 30.95 -24.87
C GLN B 472 2.11 29.98 -25.89
N LYS B 473 2.25 30.30 -27.16
CA LYS B 473 1.57 29.51 -28.17
C LYS B 473 2.36 28.29 -28.62
N TYR B 474 3.67 28.42 -28.68
CA TYR B 474 4.44 27.26 -29.12
C TYR B 474 4.72 26.30 -27.97
N TYR B 475 5.25 26.85 -26.85
CA TYR B 475 5.75 26.07 -25.68
C TYR B 475 4.61 25.59 -24.76
N HIS B 476 3.46 26.29 -24.81
CA HIS B 476 2.27 26.12 -23.96
C HIS B 476 2.57 26.47 -22.51
N ILE B 477 3.55 27.35 -22.31
CA ILE B 477 3.86 27.88 -21.01
C ILE B 477 2.91 29.03 -20.81
N ASN B 478 2.09 28.97 -19.78
CA ASN B 478 1.18 30.07 -19.45
C ASN B 478 1.95 31.18 -18.75
N ILE B 479 2.14 32.26 -19.50
CA ILE B 479 2.88 33.41 -19.05
C ILE B 479 2.17 34.03 -17.86
N GLY B 480 2.92 34.18 -16.77
CA GLY B 480 2.39 34.69 -15.52
C GLY B 480 2.05 33.63 -14.50
N GLU B 481 2.00 32.38 -14.91
CA GLU B 481 1.60 31.25 -14.07
C GLU B 481 2.70 30.21 -13.97
N ASP B 482 3.16 29.72 -15.13
CA ASP B 482 4.30 28.77 -15.17
C ASP B 482 5.69 29.34 -14.98
N ASN B 483 5.91 30.59 -15.44
CA ASN B 483 7.26 31.14 -15.57
C ASN B 483 7.54 32.30 -14.56
N PHE B 484 8.66 33.00 -14.74
CA PHE B 484 9.03 34.17 -13.91
C PHE B 484 9.49 33.76 -12.50
N ASP B 485 9.85 34.74 -11.65
CA ASP B 485 10.38 34.48 -10.29
C ASP B 485 9.33 33.76 -9.44
N TYR B 486 9.81 32.96 -8.48
CA TYR B 486 8.96 32.34 -7.46
C TYR B 486 8.18 33.39 -6.62
N VAL B 487 8.86 34.47 -6.21
CA VAL B 487 8.25 35.55 -5.39
C VAL B 487 7.20 36.26 -6.26
N GLY B 488 5.94 36.18 -5.83
CA GLY B 488 4.85 36.79 -6.58
C GLY B 488 4.07 35.77 -7.39
N SER B 489 4.62 34.58 -7.60
CA SER B 489 4.04 33.59 -8.53
C SER B 489 2.72 33.06 -7.97
N PRO B 490 1.82 32.58 -8.84
CA PRO B 490 0.61 31.90 -8.36
C PRO B 490 0.93 30.74 -7.41
N ASP B 491 2.04 30.01 -7.67
CA ASP B 491 2.47 28.90 -6.81
C ASP B 491 2.76 29.36 -5.39
N GLN B 492 3.52 30.46 -5.26
CA GLN B 492 3.79 31.00 -3.95
C GLN B 492 2.51 31.36 -3.21
N LYS B 493 1.62 32.08 -3.87
CA LYS B 493 0.38 32.58 -3.25
C LYS B 493 -0.53 31.42 -2.83
N HIS B 494 -0.66 30.41 -3.70
CA HIS B 494 -1.37 29.15 -3.38
C HIS B 494 -0.69 28.47 -2.15
N TRP B 495 0.64 28.37 -2.14
CA TRP B 495 1.33 27.81 -0.98
C TRP B 495 1.04 28.56 0.33
N LEU B 496 1.22 29.86 0.32
CA LEU B 496 0.94 30.66 1.51
C LEU B 496 -0.48 30.44 1.96
N SER B 497 -1.38 30.31 1.00
CA SER B 497 -2.77 30.11 1.30
C SER B 497 -3.09 28.73 1.91
N ILE B 498 -2.37 27.68 1.49
CA ILE B 498 -2.33 26.43 2.27
C ILE B 498 -1.69 26.62 3.66
N PRO C 12 13.20 8.76 18.01
CA PRO C 12 12.23 7.98 18.82
C PRO C 12 12.62 7.88 20.29
N ILE C 13 11.63 8.04 21.18
CA ILE C 13 11.82 7.92 22.62
C ILE C 13 11.86 6.47 23.12
N ARG C 14 11.31 5.54 22.34
CA ARG C 14 11.28 4.12 22.69
C ARG C 14 11.09 3.32 21.39
N HIS C 15 11.30 2.02 21.43
CA HIS C 15 11.24 1.18 20.22
C HIS C 15 10.03 0.29 20.09
N THR C 16 9.39 -0.02 21.21
CA THR C 16 8.20 -0.84 21.15
C THR C 16 7.35 -0.57 22.40
N TYR C 17 6.24 -1.29 22.54
CA TYR C 17 5.33 -1.11 23.66
C TYR C 17 5.97 -1.68 24.92
N GLY C 18 5.57 -1.18 26.09
CA GLY C 18 6.11 -1.72 27.37
C GLY C 18 5.99 -3.22 27.58
N HIS C 19 4.84 -3.82 27.25
CA HIS C 19 4.65 -5.26 27.45
C HIS C 19 5.50 -6.11 26.54
N ILE C 20 5.80 -5.60 25.34
CA ILE C 20 6.69 -6.32 24.41
C ILE C 20 8.14 -6.17 24.87
N ALA C 21 8.55 -4.94 25.18
CA ALA C 21 9.90 -4.69 25.76
C ALA C 21 10.24 -5.54 27.00
N ARG C 22 9.27 -5.75 27.90
CA ARG C 22 9.45 -6.67 29.07
C ARG C 22 9.83 -8.13 28.65
N ARG C 23 9.25 -8.61 27.55
CA ARG C 23 9.50 -9.96 27.06
C ARG C 23 10.72 -10.05 26.16
N PHE C 24 10.86 -9.09 25.24
CA PHE C 24 11.83 -9.19 24.14
C PHE C 24 13.01 -8.19 24.17
N GLY C 25 12.94 -7.16 25.03
CA GLY C 25 13.91 -6.06 25.07
C GLY C 25 13.35 -4.81 24.44
N ASP C 26 13.84 -3.62 24.86
CA ASP C 26 13.46 -2.36 24.16
C ASP C 26 14.27 -2.25 22.90
N LYS C 27 13.77 -2.93 21.87
CA LYS C 27 14.32 -2.88 20.56
C LYS C 27 13.13 -3.09 19.63
N PRO C 28 13.26 -2.70 18.36
CA PRO C 28 12.18 -2.82 17.40
C PRO C 28 11.64 -4.26 17.38
N ALA C 29 10.31 -4.41 17.39
CA ALA C 29 9.70 -5.73 17.43
C ALA C 29 8.97 -6.08 16.11
N THR C 30 8.62 -7.35 15.91
CA THR C 30 7.99 -7.80 14.65
C THR C 30 6.50 -7.52 14.69
N ARG C 31 5.87 -7.44 13.52
CA ARG C 31 4.44 -7.34 13.47
C ARG C 31 3.73 -8.45 14.33
N TYR C 32 4.19 -9.69 14.21
CA TYR C 32 3.64 -10.80 15.00
C TYR C 32 3.70 -10.56 16.52
N GLN C 33 4.86 -10.11 16.99
CA GLN C 33 5.08 -9.83 18.41
C GLN C 33 4.13 -8.76 18.90
N GLU C 34 3.97 -7.67 18.13
CA GLU C 34 3.12 -6.56 18.58
C GLU C 34 1.62 -6.91 18.55
N ALA C 35 1.24 -7.83 17.66
CA ALA C 35 -0.16 -8.30 17.49
C ALA C 35 -0.55 -9.36 18.50
N SER C 36 0.42 -10.05 19.10
CA SER C 36 0.16 -11.38 19.70
C SER C 36 0.46 -11.58 21.19
N TYR C 37 1.27 -10.71 21.79
CA TYR C 37 1.63 -10.91 23.18
C TYR C 37 1.03 -9.88 24.12
N ASP C 38 0.35 -10.38 25.15
CA ASP C 38 -0.07 -9.57 26.29
C ASP C 38 -1.05 -8.46 25.92
N ILE C 39 -1.84 -8.71 24.88
CA ILE C 39 -2.86 -7.79 24.44
C ILE C 39 -4.16 -8.00 25.23
N GLU C 40 -4.42 -9.23 25.68
CA GLU C 40 -5.68 -9.59 26.35
C GLU C 40 -5.77 -8.94 27.73
N ALA C 41 -7.01 -8.90 28.25
CA ALA C 41 -7.32 -8.57 29.66
C ALA C 41 -6.93 -9.74 30.56
N LYS C 42 -6.21 -9.43 31.65
CA LYS C 42 -5.68 -10.51 32.51
C LYS C 42 -6.25 -10.57 33.91
N THR C 43 -6.71 -9.43 34.42
CA THR C 43 -7.09 -9.40 35.80
C THR C 43 -8.12 -8.35 36.13
N ASN C 44 -8.54 -8.34 37.38
CA ASN C 44 -9.48 -7.35 37.93
C ASN C 44 -10.83 -7.39 37.21
N PHE C 45 -11.34 -8.59 36.93
CA PHE C 45 -12.65 -8.68 36.26
C PHE C 45 -13.78 -8.26 37.21
N HIS C 46 -14.81 -7.60 36.64
CA HIS C 46 -15.75 -6.94 37.50
C HIS C 46 -16.87 -7.86 38.00
N TYR C 47 -17.20 -8.89 37.25
CA TYR C 47 -18.38 -9.74 37.52
C TYR C 47 -18.06 -11.18 37.15
N ARG C 48 -18.57 -12.12 37.93
CA ARG C 48 -18.44 -13.53 37.56
C ARG C 48 -19.41 -13.87 36.48
N PRO C 49 -19.01 -14.79 35.53
CA PRO C 49 -19.91 -15.26 34.50
C PRO C 49 -21.24 -15.80 35.05
N GLN C 50 -22.36 -15.49 34.41
CA GLN C 50 -23.63 -16.00 34.82
C GLN C 50 -23.75 -17.42 34.32
N TRP C 51 -22.82 -17.82 33.43
CA TRP C 51 -22.94 -19.13 32.73
C TRP C 51 -21.87 -20.14 33.20
N ASP C 52 -21.08 -19.79 34.21
CA ASP C 52 -20.05 -20.67 34.76
C ASP C 52 -19.87 -20.38 36.26
N SER C 53 -20.07 -21.38 37.11
CA SER C 53 -19.90 -21.19 38.58
C SER C 53 -18.48 -21.37 39.11
N GLU C 54 -17.60 -21.99 38.31
CA GLU C 54 -16.28 -22.38 38.77
C GLU C 54 -15.12 -21.43 38.38
N HIS C 55 -15.31 -20.65 37.31
CA HIS C 55 -14.23 -19.89 36.72
C HIS C 55 -14.67 -18.43 36.53
N THR C 56 -13.67 -17.61 36.50
CA THR C 56 -13.69 -16.19 36.25
C THR C 56 -13.80 -15.98 34.73
N LEU C 57 -14.03 -14.74 34.28
CA LEU C 57 -13.73 -14.41 32.89
C LEU C 57 -12.20 -14.68 32.63
N ASN C 58 -11.78 -15.06 31.42
CA ASN C 58 -10.33 -15.19 31.11
C ASN C 58 -9.53 -15.93 32.18
N ASP C 59 -9.95 -17.15 32.48
CA ASP C 59 -9.41 -17.89 33.63
C ASP C 59 -8.53 -19.05 33.16
N PRO C 60 -7.22 -19.02 33.48
CA PRO C 60 -6.36 -20.13 32.96
C PRO C 60 -6.74 -21.52 33.47
N THR C 61 -7.58 -21.58 34.52
CA THR C 61 -7.93 -22.85 35.15
C THR C 61 -9.06 -23.58 34.44
N ARG C 62 -9.59 -22.99 33.37
CA ARG C 62 -10.52 -23.70 32.48
C ARG C 62 -9.92 -25.01 31.90
N THR C 63 -8.60 -25.14 31.92
CA THR C 63 -7.94 -26.40 31.61
C THR C 63 -7.18 -26.89 32.87
N ALA C 64 -7.12 -28.20 33.07
CA ALA C 64 -6.18 -28.78 34.10
C ALA C 64 -4.70 -28.67 33.74
N ILE C 65 -4.38 -28.49 32.45
CA ILE C 65 -2.97 -28.17 32.03
C ILE C 65 -2.47 -26.88 32.72
N ARG C 66 -1.22 -26.87 33.19
CA ARG C 66 -0.62 -25.72 33.89
C ARG C 66 0.64 -25.24 33.21
N MET C 67 0.77 -23.92 33.06
CA MET C 67 1.86 -23.30 32.37
C MET C 67 2.23 -22.07 33.18
N GLU C 68 3.52 -21.84 33.37
CA GLU C 68 3.97 -20.62 34.03
C GLU C 68 3.70 -19.42 33.15
N ASP C 69 3.83 -19.63 31.83
CA ASP C 69 3.59 -18.58 30.85
C ASP C 69 3.01 -19.23 29.60
N TRP C 70 1.70 -19.10 29.40
CA TRP C 70 1.05 -19.57 28.16
C TRP C 70 1.64 -18.95 26.86
N CYS C 71 2.37 -17.83 26.97
CA CYS C 71 3.10 -17.29 25.79
C CYS C 71 4.33 -18.08 25.35
N ALA C 72 4.72 -19.09 26.13
CA ALA C 72 5.63 -20.14 25.63
C ALA C 72 5.11 -20.85 24.37
N VAL C 73 3.79 -20.86 24.17
CA VAL C 73 3.20 -21.33 22.93
C VAL C 73 3.19 -20.17 21.91
N SER C 74 4.09 -20.25 20.94
CA SER C 74 4.21 -19.27 19.88
C SER C 74 4.04 -19.97 18.53
N ASP C 75 3.61 -19.23 17.52
CA ASP C 75 3.31 -19.80 16.23
C ASP C 75 4.54 -19.72 15.39
N PRO C 76 5.07 -20.88 14.94
CA PRO C 76 6.23 -20.83 14.04
C PRO C 76 5.93 -20.16 12.69
N ARG C 77 4.67 -20.13 12.26
CA ARG C 77 4.27 -19.45 11.01
C ARG C 77 4.21 -17.93 11.21
N GLN C 78 4.27 -17.46 12.46
CA GLN C 78 4.10 -16.05 12.78
C GLN C 78 2.82 -15.44 12.23
N PHE C 79 1.72 -16.19 12.26
CA PHE C 79 0.45 -15.63 11.77
C PHE C 79 -0.22 -14.65 12.74
N TYR C 80 -0.14 -13.34 12.44
CA TYR C 80 -1.18 -12.38 12.87
C TYR C 80 -2.19 -12.33 11.68
N TYR C 81 -3.29 -11.61 11.86
CA TYR C 81 -4.39 -11.62 10.95
C TYR C 81 -3.98 -11.40 9.52
N GLY C 82 -3.21 -10.33 9.29
CA GLY C 82 -2.72 -9.97 7.94
C GLY C 82 -1.96 -11.10 7.24
N ALA C 83 -1.07 -11.79 7.97
CA ALA C 83 -0.29 -12.90 7.39
C ALA C 83 -1.17 -14.14 7.11
N TYR C 84 -2.12 -14.44 8.01
CA TYR C 84 -3.13 -15.48 7.80
C TYR C 84 -3.95 -15.30 6.49
N VAL C 85 -4.64 -14.15 6.36
CA VAL C 85 -5.50 -13.99 5.21
C VAL C 85 -4.63 -13.91 3.95
N GLY C 86 -3.44 -13.31 4.04
CA GLY C 86 -2.48 -13.20 2.93
C GLY C 86 -2.13 -14.58 2.41
N ASN C 87 -1.74 -15.47 3.32
CA ASN C 87 -1.47 -16.85 2.98
C ASN C 87 -2.69 -17.59 2.42
N ARG C 88 -3.85 -17.47 3.07
CA ARG C 88 -5.07 -18.10 2.58
C ARG C 88 -5.53 -17.59 1.17
N ALA C 89 -5.40 -16.29 0.91
CA ALA C 89 -5.81 -15.71 -0.36
C ALA C 89 -5.03 -16.34 -1.54
N LYS C 90 -3.76 -16.63 -1.30
CA LYS C 90 -2.85 -17.26 -2.25
C LYS C 90 -3.31 -18.70 -2.54
N MET C 91 -3.64 -19.42 -1.47
CA MET C 91 -4.08 -20.81 -1.57
C MET C 91 -5.44 -20.94 -2.25
N GLN C 92 -6.39 -20.08 -1.90
CA GLN C 92 -7.66 -20.10 -2.59
C GLN C 92 -7.62 -19.69 -4.08
N GLU C 93 -6.71 -18.83 -4.49
CA GLU C 93 -6.56 -18.54 -5.90
C GLU C 93 -6.39 -19.85 -6.71
N SER C 94 -5.47 -20.72 -6.29
CA SER C 94 -5.28 -22.02 -6.97
C SER C 94 -6.46 -22.96 -6.83
N ALA C 95 -7.05 -23.05 -5.64
CA ALA C 95 -8.23 -23.91 -5.48
C ALA C 95 -9.36 -23.47 -6.39
N GLU C 96 -9.63 -22.17 -6.47
CA GLU C 96 -10.76 -21.66 -7.26
C GLU C 96 -10.63 -21.95 -8.77
N THR C 97 -9.39 -21.86 -9.26
CA THR C 97 -9.04 -22.15 -10.64
C THR C 97 -9.24 -23.66 -10.93
N SER C 98 -8.85 -24.51 -9.99
CA SER C 98 -9.04 -25.98 -10.14
C SER C 98 -10.52 -26.36 -10.14
N PHE C 99 -11.31 -25.69 -9.31
CA PHE C 99 -12.77 -25.86 -9.33
C PHE C 99 -13.39 -25.43 -10.65
N GLY C 100 -12.92 -24.31 -11.21
CA GLY C 100 -13.47 -23.86 -12.49
C GLY C 100 -13.10 -24.77 -13.64
N PHE C 101 -11.86 -25.23 -13.66
CA PHE C 101 -11.33 -26.17 -14.63
C PHE C 101 -12.11 -27.49 -14.63
N CYS C 102 -12.29 -28.09 -13.45
CA CYS C 102 -13.06 -29.33 -13.33
C CYS C 102 -14.53 -29.13 -13.73
N GLU C 103 -15.11 -28.01 -13.36
CA GLU C 103 -16.49 -27.76 -13.68
C GLU C 103 -16.71 -27.51 -15.21
N LYS C 104 -15.82 -26.73 -15.84
CA LYS C 104 -15.93 -26.44 -17.26
C LYS C 104 -15.64 -27.64 -18.19
N ARG C 105 -14.85 -28.60 -17.73
CA ARG C 105 -14.51 -29.79 -18.51
C ARG C 105 -15.33 -30.99 -18.07
N ASN C 106 -16.29 -30.79 -17.17
CA ASN C 106 -17.15 -31.90 -16.71
C ASN C 106 -16.41 -33.10 -16.11
N LEU C 107 -15.31 -32.82 -15.42
CA LEU C 107 -14.48 -33.87 -14.84
C LEU C 107 -15.17 -34.69 -13.75
N LEU C 108 -16.16 -34.11 -13.05
CA LEU C 108 -16.87 -34.86 -12.00
C LEU C 108 -18.12 -35.51 -12.55
N THR C 109 -18.82 -34.81 -13.43
CA THR C 109 -20.09 -35.30 -13.99
C THR C 109 -19.86 -36.36 -15.06
N ARG C 110 -18.66 -36.39 -15.62
CA ARG C 110 -18.36 -37.46 -16.59
C ARG C 110 -17.91 -38.81 -15.93
N LEU C 111 -17.62 -38.80 -14.64
CA LEU C 111 -17.32 -40.06 -13.89
C LEU C 111 -18.54 -41.00 -13.87
N SER C 112 -18.31 -42.30 -13.72
CA SER C 112 -19.38 -43.30 -13.61
C SER C 112 -20.28 -43.03 -12.42
N GLU C 113 -21.51 -43.52 -12.50
CA GLU C 113 -22.40 -43.43 -11.33
C GLU C 113 -21.85 -44.12 -10.07
N GLU C 114 -21.18 -45.28 -10.17
CA GLU C 114 -20.62 -45.88 -8.97
C GLU C 114 -19.53 -44.96 -8.37
N THR C 115 -18.65 -44.43 -9.23
CA THR C 115 -17.59 -43.49 -8.78
C THR C 115 -18.20 -42.27 -8.08
N GLN C 116 -19.24 -41.68 -8.65
CA GLN C 116 -19.88 -40.54 -8.02
C GLN C 116 -20.47 -40.90 -6.67
N LYS C 117 -21.12 -42.06 -6.58
CA LYS C 117 -21.63 -42.55 -5.30
C LYS C 117 -20.52 -42.82 -4.28
N GLN C 118 -19.37 -43.35 -4.69
CA GLN C 118 -18.24 -43.48 -3.77
C GLN C 118 -17.83 -42.10 -3.21
N LEU C 119 -17.79 -41.08 -4.04
CA LEU C 119 -17.42 -39.75 -3.55
C LEU C 119 -18.44 -39.20 -2.56
N LEU C 120 -19.73 -39.38 -2.82
CA LEU C 120 -20.77 -38.91 -1.88
C LEU C 120 -20.82 -39.65 -0.56
N ARG C 121 -20.45 -40.91 -0.59
CA ARG C 121 -20.47 -41.76 0.58
C ARG C 121 -19.15 -41.74 1.42
N LEU C 122 -18.01 -41.58 0.79
CA LEU C 122 -16.77 -41.71 1.51
C LEU C 122 -16.03 -40.42 1.76
N LEU C 123 -16.28 -39.42 0.93
CA LEU C 123 -15.56 -38.15 0.99
C LEU C 123 -16.40 -36.99 1.50
N VAL C 124 -17.49 -36.75 0.83
CA VAL C 124 -18.30 -35.54 1.10
C VAL C 124 -18.82 -35.45 2.54
N PRO C 125 -19.18 -36.61 3.20
CA PRO C 125 -19.66 -36.48 4.61
C PRO C 125 -18.61 -35.96 5.61
N LEU C 126 -17.34 -35.95 5.22
CA LEU C 126 -16.32 -35.29 6.01
C LEU C 126 -16.62 -33.81 6.22
N ARG C 127 -17.53 -33.21 5.47
CA ARG C 127 -17.87 -31.80 5.71
C ARG C 127 -18.51 -31.67 7.10
N HIS C 128 -19.15 -32.74 7.58
CA HIS C 128 -19.80 -32.71 8.93
C HIS C 128 -18.75 -32.77 10.02
N VAL C 129 -17.69 -33.55 9.77
CA VAL C 129 -16.57 -33.63 10.68
C VAL C 129 -15.86 -32.26 10.76
N GLU C 130 -15.70 -31.59 9.62
CA GLU C 130 -15.14 -30.23 9.56
C GLU C 130 -15.99 -29.22 10.35
N LEU C 131 -17.31 -29.34 10.28
CA LEU C 131 -18.18 -28.48 11.08
C LEU C 131 -17.94 -28.62 12.59
N GLY C 132 -17.84 -29.88 13.02
CA GLY C 132 -17.52 -30.26 14.38
C GLY C 132 -16.22 -29.63 14.78
N ALA C 133 -15.20 -29.70 13.91
CA ALA C 133 -13.90 -29.07 14.19
C ALA C 133 -14.00 -27.54 14.22
N ASN C 134 -14.79 -26.96 13.34
CA ASN C 134 -15.05 -25.54 13.42
C ASN C 134 -15.62 -25.15 14.80
N MET C 135 -16.60 -25.91 15.31
CA MET C 135 -17.25 -25.57 16.57
C MET C 135 -16.29 -25.75 17.74
N ASN C 136 -15.54 -26.87 17.74
CA ASN C 136 -14.57 -27.11 18.79
C ASN C 136 -13.50 -26.02 18.83
N ASN C 137 -13.03 -25.59 17.65
CA ASN C 137 -11.98 -24.56 17.65
C ASN C 137 -12.52 -23.20 18.07
N ALA C 138 -13.78 -22.91 17.73
CA ALA C 138 -14.41 -21.67 18.23
C ALA C 138 -14.46 -21.70 19.77
N LYS C 139 -14.80 -22.86 20.33
CA LYS C 139 -14.81 -23.00 21.79
C LYS C 139 -13.45 -22.70 22.42
N ILE C 140 -12.41 -23.34 21.88
CA ILE C 140 -11.05 -23.08 22.31
C ILE C 140 -10.63 -21.60 22.27
N ALA C 141 -10.87 -20.92 21.14
CA ALA C 141 -10.63 -19.46 21.00
C ALA C 141 -11.32 -18.61 22.07
N GLY C 142 -12.52 -19.00 22.48
CA GLY C 142 -13.25 -18.28 23.52
C GLY C 142 -12.77 -18.63 24.91
N ASP C 143 -12.08 -19.77 25.07
CA ASP C 143 -11.65 -20.28 26.39
C ASP C 143 -10.19 -20.13 26.75
N ALA C 144 -9.28 -20.14 25.76
CA ALA C 144 -7.85 -19.98 26.05
C ALA C 144 -7.52 -18.55 26.44
N THR C 145 -6.56 -18.33 27.33
CA THR C 145 -6.26 -16.96 27.78
C THR C 145 -5.26 -16.21 26.90
N ALA C 146 -4.19 -16.88 26.50
CA ALA C 146 -3.11 -16.22 25.81
C ALA C 146 -3.54 -15.92 24.38
N THR C 147 -3.27 -14.71 23.90
CA THR C 147 -3.56 -14.37 22.51
C THR C 147 -2.80 -15.24 21.51
N THR C 148 -1.57 -15.63 21.82
CA THR C 148 -0.85 -16.52 20.90
C THR C 148 -1.63 -17.82 20.69
N VAL C 149 -2.29 -18.35 21.73
CA VAL C 149 -2.98 -19.63 21.62
C VAL C 149 -4.39 -19.40 21.00
N SER C 150 -5.14 -18.42 21.51
CA SER C 150 -6.49 -18.17 21.02
C SER C 150 -6.54 -17.84 19.52
N GLN C 151 -5.63 -17.02 19.00
CA GLN C 151 -5.73 -16.73 17.56
C GLN C 151 -5.43 -17.95 16.69
N MET C 152 -4.53 -18.84 17.08
CA MET C 152 -4.31 -20.03 16.24
C MET C 152 -5.54 -20.88 16.17
N HIS C 153 -6.32 -20.93 17.24
CA HIS C 153 -7.61 -21.65 17.23
C HIS C 153 -8.74 -21.02 16.39
N ILE C 154 -8.89 -19.68 16.37
CA ILE C 154 -9.85 -19.09 15.42
C ILE C 154 -9.41 -19.23 13.95
N TYR C 155 -8.11 -19.15 13.65
CA TYR C 155 -7.67 -19.31 12.27
C TYR C 155 -7.95 -20.73 11.84
N THR C 156 -7.55 -21.70 12.65
CA THR C 156 -7.81 -23.12 12.29
C THR C 156 -9.34 -23.42 12.16
N GLY C 157 -10.15 -22.78 13.03
CA GLY C 157 -11.62 -22.90 12.99
C GLY C 157 -12.23 -22.42 11.67
N MET C 158 -11.80 -21.23 11.22
CA MET C 158 -12.34 -20.68 10.01
C MET C 158 -11.85 -21.53 8.79
N ASP C 159 -10.63 -22.04 8.89
CA ASP C 159 -10.06 -22.93 7.86
C ASP C 159 -10.96 -24.17 7.73
N ARG C 160 -11.42 -24.74 8.87
CA ARG C 160 -12.31 -25.94 8.84
C ARG C 160 -13.63 -25.69 8.16
N LEU C 161 -14.25 -24.54 8.46
CA LEU C 161 -15.39 -24.08 7.69
C LEU C 161 -15.11 -24.02 6.17
N GLY C 162 -13.98 -23.42 5.76
CA GLY C 162 -13.60 -23.32 4.36
C GLY C 162 -13.35 -24.66 3.73
N ILE C 163 -12.74 -25.59 4.48
CA ILE C 163 -12.52 -26.95 3.94
C ILE C 163 -13.89 -27.68 3.78
N GLY C 164 -14.77 -27.49 4.74
CA GLY C 164 -16.16 -27.99 4.67
C GLY C 164 -16.87 -27.47 3.46
N GLN C 165 -16.73 -26.16 3.17
CA GLN C 165 -17.29 -25.58 1.95
C GLN C 165 -16.72 -26.14 0.62
N TYR C 166 -15.41 -26.44 0.57
CA TYR C 166 -14.83 -27.07 -0.66
C TYR C 166 -15.40 -28.49 -0.86
N LEU C 167 -15.47 -29.27 0.21
CA LEU C 167 -16.13 -30.59 0.17
C LEU C 167 -17.58 -30.50 -0.31
N SER C 168 -18.34 -29.53 0.19
CA SER C 168 -19.73 -29.34 -0.23
C SER C 168 -19.82 -29.07 -1.76
N ARG C 169 -18.89 -28.25 -2.28
CA ARG C 169 -18.83 -27.90 -3.71
C ARG C 169 -18.48 -29.05 -4.64
N ILE C 170 -17.74 -30.02 -4.14
CA ILE C 170 -17.51 -31.24 -4.90
C ILE C 170 -18.90 -31.90 -5.17
N ALA C 171 -19.74 -31.98 -4.13
CA ALA C 171 -21.09 -32.53 -4.29
C ALA C 171 -21.97 -31.66 -5.17
N LEU C 172 -21.90 -30.34 -5.03
CA LEU C 172 -22.69 -29.45 -5.90
C LEU C 172 -22.27 -29.57 -7.37
N MET C 173 -20.98 -29.84 -7.61
CA MET C 173 -20.47 -30.06 -8.98
C MET C 173 -21.06 -31.36 -9.55
N ILE C 174 -21.03 -32.44 -8.78
CA ILE C 174 -21.70 -33.70 -9.16
C ILE C 174 -23.20 -33.50 -9.44
N ASP C 175 -23.90 -32.68 -8.66
CA ASP C 175 -25.33 -32.54 -8.93
C ASP C 175 -25.83 -31.38 -9.84
N GLY C 176 -24.91 -30.70 -10.54
CA GLY C 176 -25.29 -29.53 -11.37
C GLY C 176 -25.86 -28.35 -10.57
N SER C 177 -25.43 -28.24 -9.32
CA SER C 177 -25.79 -27.12 -8.44
C SER C 177 -27.28 -27.12 -8.05
N THR C 178 -27.78 -28.29 -7.67
CA THR C 178 -29.15 -28.47 -7.17
C THR C 178 -29.24 -28.82 -5.70
N GLY C 179 -28.17 -29.33 -5.08
CA GLY C 179 -28.24 -29.72 -3.66
C GLY C 179 -28.61 -31.17 -3.39
N ALA C 180 -29.12 -31.86 -4.40
CA ALA C 180 -29.54 -33.27 -4.25
C ALA C 180 -28.38 -34.20 -3.76
N ALA C 181 -27.16 -33.96 -4.23
CA ALA C 181 -26.01 -34.76 -3.80
C ALA C 181 -25.67 -34.50 -2.34
N LEU C 182 -25.81 -33.23 -1.88
CA LEU C 182 -25.55 -32.93 -0.48
C LEU C 182 -26.63 -33.60 0.39
N ASP C 183 -27.88 -33.62 -0.10
CA ASP C 183 -28.93 -34.39 0.61
C ASP C 183 -28.56 -35.87 0.70
N GLU C 184 -28.13 -36.43 -0.42
CA GLU C 184 -27.81 -37.87 -0.48
C GLU C 184 -26.67 -38.18 0.52
N SER C 185 -25.70 -37.26 0.56
CA SER C 185 -24.52 -37.43 1.40
C SER C 185 -24.78 -37.24 2.90
N LYS C 186 -25.67 -36.31 3.25
CA LYS C 186 -26.11 -36.19 4.60
C LYS C 186 -26.86 -37.43 5.14
N ALA C 187 -27.64 -38.09 4.30
CA ALA C 187 -28.33 -39.31 4.71
C ALA C 187 -27.32 -40.39 5.07
N TYR C 188 -26.17 -40.42 4.39
CA TYR C 188 -25.12 -41.42 4.72
C TYR C 188 -24.57 -41.09 6.10
N TRP C 189 -24.30 -39.80 6.35
CA TRP C 189 -23.73 -39.34 7.65
C TRP C 189 -24.67 -39.74 8.82
N MET C 190 -25.96 -39.51 8.63
CA MET C 190 -27.00 -39.73 9.64
C MET C 190 -27.35 -41.21 9.84
N ASP C 191 -27.50 -41.95 8.75
CA ASP C 191 -28.10 -43.31 8.78
C ASP C 191 -27.20 -44.49 8.36
N ASP C 192 -26.07 -44.26 7.68
CA ASP C 192 -25.25 -45.38 7.25
C ASP C 192 -24.41 -45.86 8.42
N GLU C 193 -24.35 -47.17 8.62
CA GLU C 193 -23.61 -47.72 9.74
C GLU C 193 -22.12 -47.37 9.72
N MET C 194 -21.55 -47.23 8.52
CA MET C 194 -20.13 -46.91 8.37
C MET C 194 -19.82 -45.55 9.02
N TRP C 195 -20.74 -44.60 8.96
CA TRP C 195 -20.47 -43.28 9.58
C TRP C 195 -20.79 -43.14 11.06
N GLN C 196 -21.55 -44.07 11.62
CA GLN C 196 -22.01 -43.87 13.02
C GLN C 196 -20.91 -43.79 14.09
N PRO C 197 -19.87 -44.67 14.06
CA PRO C 197 -18.76 -44.39 14.97
C PRO C 197 -18.10 -43.00 14.91
N MET C 198 -17.93 -42.46 13.72
CA MET C 198 -17.39 -41.11 13.57
C MET C 198 -18.40 -40.06 14.05
N ARG C 199 -19.69 -40.22 13.71
CA ARG C 199 -20.67 -39.23 14.16
C ARG C 199 -20.75 -39.17 15.70
N LYS C 200 -20.69 -40.35 16.33
CA LYS C 200 -20.74 -40.45 17.77
C LYS C 200 -19.51 -39.77 18.37
N LEU C 201 -18.35 -40.02 17.80
CA LEU C 201 -17.12 -39.40 18.27
C LEU C 201 -17.17 -37.87 18.19
N VAL C 202 -17.61 -37.35 17.05
CA VAL C 202 -17.68 -35.90 16.84
C VAL C 202 -18.65 -35.31 17.88
N GLU C 203 -19.86 -35.90 18.01
CA GLU C 203 -20.81 -35.42 19.06
C GLU C 203 -20.24 -35.48 20.47
N ASP C 204 -19.48 -36.54 20.80
CA ASP C 204 -18.77 -36.64 22.10
C ASP C 204 -17.74 -35.52 22.32
N THR C 205 -16.98 -35.12 21.28
CA THR C 205 -16.04 -34.00 21.44
C THR C 205 -16.77 -32.67 21.78
N LEU C 206 -18.00 -32.53 21.33
CA LEU C 206 -18.74 -31.27 21.45
C LEU C 206 -19.20 -31.02 22.88
N VAL C 207 -18.96 -32.01 23.73
CA VAL C 207 -19.44 -31.97 25.09
C VAL C 207 -18.22 -31.91 26.09
N VAL C 208 -16.99 -31.93 25.58
CA VAL C 208 -15.75 -31.85 26.41
C VAL C 208 -15.56 -30.43 26.99
N ASP C 209 -15.27 -30.34 28.28
CA ASP C 209 -15.18 -29.07 28.99
C ASP C 209 -13.79 -28.45 28.93
N ASP C 210 -12.75 -29.27 29.14
CA ASP C 210 -11.34 -28.82 29.24
C ASP C 210 -10.86 -28.49 27.84
N TRP C 211 -10.48 -27.23 27.57
CA TRP C 211 -10.14 -26.81 26.19
C TRP C 211 -8.86 -27.41 25.66
N PHE C 212 -7.90 -27.73 26.52
CA PHE C 212 -6.71 -28.34 26.01
C PHE C 212 -6.94 -29.83 25.73
N GLU C 213 -7.79 -30.47 26.51
CA GLU C 213 -8.23 -31.82 26.15
C GLU C 213 -8.86 -31.79 24.76
N LEU C 214 -9.67 -30.76 24.49
CA LEU C 214 -10.35 -30.64 23.24
C LEU C 214 -9.36 -30.37 22.10
N THR C 215 -8.41 -29.46 22.29
CA THR C 215 -7.45 -29.23 21.26
C THR C 215 -6.59 -30.48 20.97
N LEU C 216 -6.19 -31.16 22.02
CA LEU C 216 -5.51 -32.43 21.84
C LEU C 216 -6.36 -33.41 20.99
N VAL C 217 -7.60 -33.63 21.37
CA VAL C 217 -8.41 -34.63 20.69
C VAL C 217 -8.73 -34.23 19.26
N GLN C 218 -9.18 -32.99 19.05
CA GLN C 218 -9.56 -32.56 17.71
C GLN C 218 -8.35 -32.34 16.79
N ASN C 219 -7.42 -31.50 17.23
CA ASN C 219 -6.38 -30.99 16.36
C ASN C 219 -5.12 -31.87 16.21
N ILE C 220 -4.96 -32.83 17.12
CA ILE C 220 -3.88 -33.75 17.07
C ILE C 220 -4.35 -35.17 16.81
N LEU C 221 -5.22 -35.72 17.66
CA LEU C 221 -5.57 -37.16 17.54
C LEU C 221 -6.52 -37.46 16.38
N ILE C 222 -7.63 -36.74 16.28
CA ILE C 222 -8.53 -36.97 15.15
C ILE C 222 -7.87 -36.53 13.85
N ASP C 223 -7.49 -35.24 13.75
CA ASP C 223 -6.91 -34.77 12.52
C ASP C 223 -5.58 -35.52 12.15
N GLY C 224 -4.77 -35.80 13.16
CA GLY C 224 -3.47 -36.48 12.99
C GLY C 224 -3.56 -37.88 12.36
N MET C 225 -4.71 -38.51 12.47
CA MET C 225 -4.96 -39.80 11.78
C MET C 225 -5.86 -39.66 10.58
N MET C 226 -6.89 -38.82 10.69
CA MET C 226 -7.85 -38.65 9.64
C MET C 226 -7.27 -38.02 8.36
N TYR C 227 -6.55 -36.91 8.49
CA TYR C 227 -6.00 -36.26 7.31
C TYR C 227 -5.08 -37.17 6.47
N PRO C 228 -4.08 -37.82 7.09
CA PRO C 228 -3.26 -38.86 6.40
C PRO C 228 -4.09 -39.97 5.77
N LEU C 229 -5.09 -40.51 6.50
CA LEU C 229 -5.94 -41.56 5.97
C LEU C 229 -6.67 -41.12 4.74
N VAL C 230 -7.36 -39.98 4.83
CA VAL C 230 -8.18 -39.51 3.73
C VAL C 230 -7.42 -38.85 2.58
N TYR C 231 -6.53 -37.91 2.87
CA TYR C 231 -6.01 -37.09 1.79
C TYR C 231 -4.69 -37.64 1.29
N ASP C 232 -4.18 -38.66 1.93
CA ASP C 232 -2.99 -39.33 1.46
C ASP C 232 -3.36 -40.74 0.98
N LYS C 233 -3.75 -41.60 1.93
CA LYS C 233 -4.03 -43.01 1.60
C LYS C 233 -5.26 -43.28 0.69
N MET C 234 -6.45 -42.79 1.06
CA MET C 234 -7.65 -42.87 0.20
C MET C 234 -7.47 -42.10 -1.11
N ASP C 235 -6.66 -41.04 -1.08
CA ASP C 235 -6.37 -40.28 -2.28
C ASP C 235 -5.69 -41.14 -3.34
N GLN C 236 -4.67 -41.89 -2.92
CA GLN C 236 -4.03 -42.87 -3.79
C GLN C 236 -5.03 -43.93 -4.27
N TRP C 237 -5.84 -44.45 -3.36
CA TRP C 237 -6.86 -45.43 -3.69
C TRP C 237 -7.84 -44.89 -4.72
N PHE C 238 -8.28 -43.65 -4.58
CA PHE C 238 -9.27 -43.10 -5.52
C PHE C 238 -8.78 -43.12 -6.98
N GLU C 239 -7.48 -43.02 -7.15
CA GLU C 239 -6.89 -43.10 -8.48
C GLU C 239 -7.13 -44.46 -9.15
N SER C 240 -7.13 -45.53 -8.35
CA SER C 240 -7.47 -46.90 -8.79
C SER C 240 -8.98 -47.12 -9.10
N GLN C 241 -9.77 -46.14 -8.72
CA GLN C 241 -11.19 -46.22 -8.86
C GLN C 241 -11.63 -45.29 -9.98
N GLY C 242 -10.70 -44.61 -10.64
CA GLY C 242 -11.07 -43.70 -11.73
C GLY C 242 -11.37 -42.26 -11.36
N ALA C 243 -11.13 -41.90 -10.11
CA ALA C 243 -11.47 -40.57 -9.58
C ALA C 243 -10.22 -39.67 -9.31
N GLU C 244 -9.13 -39.95 -9.99
CA GLU C 244 -7.86 -39.22 -9.86
C GLU C 244 -8.05 -37.67 -9.97
N ASP C 245 -8.99 -37.25 -10.81
CA ASP C 245 -9.22 -35.83 -11.02
C ASP C 245 -9.73 -35.09 -9.78
N VAL C 246 -10.29 -35.81 -8.80
CA VAL C 246 -10.71 -35.20 -7.54
C VAL C 246 -9.52 -34.66 -6.70
N SER C 247 -8.36 -35.29 -6.87
CA SER C 247 -7.11 -34.87 -6.26
C SER C 247 -6.77 -33.41 -6.47
N MET C 248 -7.11 -32.86 -7.64
CA MET C 248 -6.86 -31.45 -7.82
C MET C 248 -7.79 -30.54 -7.02
N LEU C 249 -8.92 -31.09 -6.60
CA LEU C 249 -9.87 -30.34 -5.78
C LEU C 249 -9.54 -30.46 -4.28
N THR C 250 -8.72 -31.45 -3.88
CA THR C 250 -8.39 -31.71 -2.49
C THR C 250 -6.94 -31.34 -2.14
N GLU C 251 -6.28 -30.66 -3.08
CA GLU C 251 -4.93 -30.25 -2.87
C GLU C 251 -4.82 -29.21 -1.73
N PHE C 252 -5.80 -28.32 -1.67
CA PHE C 252 -5.90 -27.32 -0.57
C PHE C 252 -5.80 -28.01 0.79
N MET C 253 -6.56 -29.10 0.99
CA MET C 253 -6.50 -29.88 2.25
C MET C 253 -5.10 -30.43 2.57
N ARG C 254 -4.40 -30.97 1.59
CA ARG C 254 -3.00 -31.44 1.81
C ARG C 254 -2.01 -30.31 2.23
N ASP C 255 -2.10 -29.18 1.53
CA ASP C 255 -1.27 -28.04 1.85
C ASP C 255 -1.62 -27.42 3.21
N TRP C 256 -2.91 -27.25 3.48
CA TRP C 256 -3.35 -26.83 4.79
C TRP C 256 -2.80 -27.75 5.89
N TYR C 257 -2.88 -29.05 5.70
CA TYR C 257 -2.52 -29.95 6.79
C TYR C 257 -1.01 -29.96 7.09
N LYS C 258 -0.19 -29.94 6.06
CA LYS C 258 1.26 -29.83 6.17
C LYS C 258 1.62 -28.55 6.97
N GLU C 259 0.95 -27.43 6.64
CA GLU C 259 1.11 -26.18 7.41
C GLU C 259 0.61 -26.28 8.85
N SER C 260 -0.49 -26.99 9.09
CA SER C 260 -1.02 -27.11 10.43
C SER C 260 -0.10 -27.84 11.38
N LEU C 261 0.70 -28.77 10.88
CA LEU C 261 1.68 -29.47 11.69
C LEU C 261 2.64 -28.50 12.38
N ARG C 262 2.94 -27.37 11.77
CA ARG C 262 3.95 -26.51 12.35
C ARG C 262 3.45 -25.97 13.66
N TRP C 263 2.22 -25.46 13.73
CA TRP C 263 1.81 -24.80 14.99
C TRP C 263 1.33 -25.82 16.01
N THR C 264 0.70 -26.89 15.54
CA THR C 264 0.18 -27.90 16.48
C THR C 264 1.36 -28.63 17.12
N ASN C 265 2.43 -28.95 16.38
CA ASN C 265 3.60 -29.56 17.03
C ASN C 265 4.32 -28.59 17.98
N ALA C 266 4.41 -27.32 17.62
CA ALA C 266 5.00 -26.29 18.50
C ALA C 266 4.26 -26.14 19.83
N MET C 267 2.92 -26.15 19.77
CA MET C 267 2.09 -26.07 20.94
C MET C 267 2.27 -27.30 21.88
N MET C 268 2.21 -28.49 21.31
CA MET C 268 2.44 -29.71 22.06
C MET C 268 3.83 -29.78 22.65
N LYS C 269 4.88 -29.36 21.95
CA LYS C 269 6.22 -29.43 22.57
C LYS C 269 6.31 -28.53 23.82
N ALA C 270 5.75 -27.31 23.73
CA ALA C 270 5.79 -26.36 24.81
C ALA C 270 5.00 -26.86 26.02
N VAL C 271 3.79 -27.36 25.80
CA VAL C 271 3.00 -27.84 26.92
C VAL C 271 3.54 -29.15 27.56
N ALA C 272 3.94 -30.12 26.75
CA ALA C 272 4.47 -31.38 27.28
C ALA C 272 5.82 -31.16 27.91
N GLY C 273 6.63 -30.28 27.34
CA GLY C 273 7.96 -30.03 27.88
C GLY C 273 7.96 -29.22 29.15
N GLU C 274 6.84 -28.61 29.49
CA GLU C 274 6.72 -27.78 30.71
C GLU C 274 6.92 -28.57 31.99
N SER C 275 6.25 -29.73 32.11
CA SER C 275 6.28 -30.52 33.34
C SER C 275 5.87 -31.98 33.15
N GLU C 276 6.38 -32.84 34.03
CA GLU C 276 5.96 -34.24 34.03
C GLU C 276 4.47 -34.36 34.34
N THR C 277 3.99 -33.54 35.26
CA THR C 277 2.56 -33.53 35.56
C THR C 277 1.72 -33.20 34.31
N ASN C 278 2.15 -32.27 33.46
CA ASN C 278 1.43 -32.01 32.19
C ASN C 278 1.45 -33.25 31.31
N ARG C 279 2.62 -33.91 31.19
CA ARG C 279 2.78 -35.11 30.35
C ARG C 279 1.89 -36.28 30.79
N GLU C 280 1.74 -36.42 32.10
CA GLU C 280 0.90 -37.48 32.66
C GLU C 280 -0.56 -37.20 32.37
N LEU C 281 -0.96 -35.94 32.41
CA LEU C 281 -2.31 -35.59 31.98
C LEU C 281 -2.57 -35.88 30.48
N LEU C 282 -1.69 -35.40 29.61
CA LEU C 282 -1.78 -35.61 28.17
C LEU C 282 -1.83 -37.10 27.83
N GLN C 283 -0.94 -37.91 28.42
CA GLN C 283 -1.01 -39.36 28.25
C GLN C 283 -2.34 -40.03 28.68
N LYS C 284 -2.93 -39.62 29.80
CA LYS C 284 -4.26 -40.10 30.25
C LYS C 284 -5.35 -39.82 29.24
N TRP C 285 -5.29 -38.62 28.67
CA TRP C 285 -6.17 -38.22 27.59
C TRP C 285 -5.90 -38.97 26.27
N ILE C 286 -4.64 -39.14 25.87
CA ILE C 286 -4.31 -39.99 24.71
C ILE C 286 -4.86 -41.42 24.88
N ASP C 287 -4.67 -42.00 26.07
CA ASP C 287 -5.10 -43.38 26.36
C ASP C 287 -6.59 -43.55 26.29
N HIS C 288 -7.35 -42.52 26.65
CA HIS C 288 -8.80 -42.55 26.55
C HIS C 288 -9.30 -42.34 25.13
N TRP C 289 -8.77 -41.31 24.47
CA TRP C 289 -9.31 -40.83 23.19
C TRP C 289 -8.66 -41.39 21.92
N GLU C 290 -7.36 -41.63 21.97
CA GLU C 290 -6.72 -42.13 20.77
C GLU C 290 -7.38 -43.41 20.24
N PRO C 291 -7.68 -44.42 21.10
CA PRO C 291 -8.37 -45.59 20.56
C PRO C 291 -9.74 -45.30 19.91
N GLN C 292 -10.43 -44.26 20.39
CA GLN C 292 -11.75 -43.90 19.82
C GLN C 292 -11.64 -43.29 18.41
N ALA C 293 -10.65 -42.43 18.21
CA ALA C 293 -10.29 -41.90 16.91
C ALA C 293 -9.97 -43.06 15.97
N TYR C 294 -9.16 -44.03 16.41
CA TYR C 294 -8.89 -45.20 15.54
C TYR C 294 -10.16 -45.97 15.18
N GLU C 295 -11.00 -46.25 16.17
CA GLU C 295 -12.27 -46.97 15.90
C GLU C 295 -13.26 -46.19 15.05
N ALA C 296 -13.20 -44.85 15.08
CA ALA C 296 -14.13 -44.06 14.31
C ALA C 296 -13.82 -44.15 12.81
N LEU C 297 -12.53 -44.30 12.49
CA LEU C 297 -12.00 -44.28 11.15
C LEU C 297 -11.95 -45.66 10.50
N LYS C 298 -11.97 -46.69 11.34
CA LYS C 298 -11.91 -48.08 10.86
C LYS C 298 -12.96 -48.44 9.81
N PRO C 299 -14.29 -48.12 10.04
CA PRO C 299 -15.24 -48.46 8.96
C PRO C 299 -15.00 -47.73 7.63
N LEU C 300 -14.53 -46.49 7.68
CA LEU C 300 -14.19 -45.75 6.47
C LEU C 300 -13.02 -46.38 5.71
N ALA C 301 -11.95 -46.66 6.42
CA ALA C 301 -10.78 -47.33 5.87
C ALA C 301 -11.13 -48.74 5.31
N GLU C 302 -11.93 -49.50 6.03
CA GLU C 302 -12.24 -50.82 5.46
C GLU C 302 -13.23 -50.78 4.28
N ALA C 303 -13.97 -49.68 4.15
CA ALA C 303 -14.81 -49.47 3.00
C ALA C 303 -14.02 -48.93 1.82
N SER C 304 -12.75 -48.62 1.99
CA SER C 304 -12.02 -48.00 0.87
C SER C 304 -10.63 -48.58 0.69
N VAL C 305 -9.64 -47.85 1.17
CA VAL C 305 -8.23 -48.20 1.04
C VAL C 305 -7.85 -49.52 1.78
N GLY C 306 -8.61 -49.90 2.80
CA GLY C 306 -8.27 -51.04 3.59
C GLY C 306 -7.70 -50.65 4.91
N ILE C 307 -7.87 -51.55 5.87
CA ILE C 307 -7.35 -51.33 7.21
C ILE C 307 -5.84 -51.04 7.31
N ASP C 308 -5.02 -51.61 6.42
CA ASP C 308 -3.59 -51.33 6.42
C ASP C 308 -3.36 -49.81 6.33
N GLY C 309 -4.18 -49.12 5.54
CA GLY C 309 -3.98 -47.67 5.36
C GLY C 309 -4.23 -46.94 6.67
N LEU C 310 -5.17 -47.44 7.44
CA LEU C 310 -5.43 -46.89 8.75
C LEU C 310 -4.33 -47.22 9.79
N ASN C 311 -3.85 -48.48 9.83
CA ASN C 311 -2.70 -48.80 10.68
C ASN C 311 -1.46 -47.97 10.37
N GLU C 312 -1.21 -47.67 9.08
CA GLU C 312 -0.10 -46.79 8.67
C GLU C 312 -0.32 -45.38 9.27
N ALA C 313 -1.54 -44.84 9.11
CA ALA C 313 -1.84 -43.52 9.70
C ALA C 313 -1.71 -43.52 11.20
N ARG C 314 -2.16 -44.60 11.89
CA ARG C 314 -2.02 -44.70 13.35
C ARG C 314 -0.55 -44.76 13.80
N ALA C 315 0.28 -45.50 13.05
CA ALA C 315 1.71 -45.54 13.37
C ALA C 315 2.38 -44.18 13.09
N GLU C 316 1.98 -43.46 12.03
CA GLU C 316 2.52 -42.11 11.76
C GLU C 316 2.21 -41.18 12.97
N LEU C 317 0.98 -41.20 13.46
CA LEU C 317 0.65 -40.42 14.65
C LEU C 317 1.47 -40.85 15.90
N SER C 318 1.61 -42.15 16.12
CA SER C 318 2.45 -42.64 17.21
C SER C 318 3.88 -42.07 17.17
N ALA C 319 4.48 -42.04 15.99
CA ALA C 319 5.82 -41.52 15.83
C ALA C 319 5.83 -40.01 16.11
N ARG C 320 4.84 -39.26 15.59
CA ARG C 320 4.70 -37.83 15.90
C ARG C 320 4.60 -37.60 17.43
N LEU C 321 3.83 -38.43 18.15
CA LEU C 321 3.61 -38.22 19.58
C LEU C 321 4.89 -38.39 20.40
N LYS C 322 5.86 -39.15 19.87
CA LYS C 322 7.21 -39.31 20.48
C LYS C 322 8.02 -38.00 20.54
N LYS C 323 7.73 -37.06 19.65
CA LYS C 323 8.32 -35.71 19.68
C LYS C 323 7.99 -34.98 20.98
N PHE C 324 6.92 -35.42 21.64
CA PHE C 324 6.41 -34.74 22.85
C PHE C 324 6.67 -35.57 24.10
N GLU C 325 7.33 -36.71 23.91
CA GLU C 325 7.61 -37.69 24.96
C GLU C 325 6.33 -38.34 25.43
N LEU C 326 5.41 -38.51 24.49
CA LEU C 326 4.16 -39.17 24.76
C LEU C 326 4.12 -40.38 23.84
N GLN C 327 3.13 -41.23 24.02
CA GLN C 327 3.01 -42.34 23.10
C GLN C 327 1.58 -42.82 22.97
N SER C 328 1.36 -43.62 21.92
CA SER C 328 0.10 -44.28 21.61
C SER C 328 0.43 -45.64 20.96
N ARG C 329 -0.57 -46.45 20.60
CA ARG C 329 -0.36 -47.84 20.11
C ARG C 329 0.05 -48.03 18.63
N GLU D 4 -18.69 5.65 7.55
CA GLU D 4 -19.26 7.02 7.36
C GLU D 4 -18.29 8.18 7.67
N ILE D 5 -17.00 7.99 7.35
CA ILE D 5 -15.91 8.97 7.65
C ILE D 5 -16.00 10.30 6.87
N LYS D 6 -16.10 11.42 7.60
CA LYS D 6 -16.07 12.77 6.98
C LYS D 6 -14.63 13.14 6.58
N THR D 7 -14.47 13.91 5.50
CA THR D 7 -13.14 14.34 5.02
C THR D 7 -13.15 15.81 4.57
N ASN D 8 -11.97 16.44 4.59
CA ASN D 8 -11.84 17.89 4.38
C ASN D 8 -11.22 18.28 3.02
N SER D 9 -11.47 17.47 1.98
CA SER D 9 -10.70 17.56 0.71
C SER D 9 -10.57 18.97 0.05
N VAL D 10 -9.55 19.14 -0.80
CA VAL D 10 -9.17 20.47 -1.34
C VAL D 10 -9.81 20.83 -2.71
N GLU D 11 -9.65 22.11 -3.10
CA GLU D 11 -9.92 22.62 -4.44
C GLU D 11 -8.65 22.61 -5.32
N PRO D 12 -8.56 21.62 -6.23
CA PRO D 12 -7.48 21.53 -7.20
C PRO D 12 -7.57 22.62 -8.26
N ILE D 13 -6.40 23.05 -8.69
CA ILE D 13 -6.23 24.05 -9.73
C ILE D 13 -6.63 23.55 -11.14
N ARG D 14 -6.47 22.25 -11.38
CA ARG D 14 -6.91 21.63 -12.63
C ARG D 14 -7.10 20.17 -12.37
N HIS D 15 -7.66 19.43 -13.31
CA HIS D 15 -7.99 18.03 -13.06
C HIS D 15 -7.05 16.96 -13.60
N THR D 16 -6.36 17.26 -14.70
CA THR D 16 -5.45 16.29 -15.32
C THR D 16 -4.42 17.06 -16.17
N TYR D 17 -3.58 16.33 -16.90
CA TYR D 17 -2.57 16.95 -17.78
C TYR D 17 -3.20 17.57 -19.03
N GLY D 18 -2.54 18.59 -19.61
CA GLY D 18 -3.10 19.26 -20.79
C GLY D 18 -3.38 18.33 -21.97
N HIS D 19 -2.44 17.44 -22.26
CA HIS D 19 -2.61 16.51 -23.36
C HIS D 19 -3.79 15.54 -23.14
N ILE D 20 -4.02 15.16 -21.89
CA ILE D 20 -5.21 14.37 -21.51
C ILE D 20 -6.49 15.22 -21.67
N ALA D 21 -6.46 16.46 -21.23
CA ALA D 21 -7.66 17.29 -21.24
C ALA D 21 -8.06 17.66 -22.66
N ARG D 22 -7.06 17.87 -23.53
CA ARG D 22 -7.32 18.05 -24.97
C ARG D 22 -8.07 16.88 -25.60
N ARG D 23 -7.68 15.67 -25.24
CA ARG D 23 -8.25 14.47 -25.83
C ARG D 23 -9.58 14.06 -25.16
N PHE D 24 -9.69 14.19 -23.84
CA PHE D 24 -10.90 13.70 -23.17
C PHE D 24 -11.73 14.69 -22.36
N GLY D 25 -11.31 15.95 -22.30
CA GLY D 25 -12.05 16.99 -21.52
C GLY D 25 -11.35 17.31 -20.22
N ASP D 26 -11.57 18.49 -19.63
CA ASP D 26 -10.91 18.78 -18.35
C ASP D 26 -11.78 18.21 -17.29
N LYS D 27 -11.46 16.98 -16.94
CA LYS D 27 -12.12 16.24 -15.89
C LYS D 27 -11.09 15.17 -15.49
N PRO D 28 -11.20 14.61 -14.25
CA PRO D 28 -10.28 13.57 -13.76
C PRO D 28 -10.19 12.38 -14.70
N ALA D 29 -8.98 11.89 -14.89
CA ALA D 29 -8.72 10.90 -15.95
C ALA D 29 -8.46 9.53 -15.31
N THR D 30 -8.58 8.46 -16.09
CA THR D 30 -8.25 7.13 -15.53
C THR D 30 -6.74 6.94 -15.46
N ARG D 31 -6.31 5.98 -14.66
CA ARG D 31 -4.90 5.57 -14.65
C ARG D 31 -4.46 5.16 -16.07
N TYR D 32 -5.29 4.38 -16.76
CA TYR D 32 -5.00 3.98 -18.15
C TYR D 32 -4.80 5.18 -19.04
N GLN D 33 -5.69 6.18 -18.95
CA GLN D 33 -5.58 7.37 -19.80
C GLN D 33 -4.28 8.14 -19.54
N GLU D 34 -3.98 8.48 -18.29
CA GLU D 34 -2.75 9.22 -17.97
C GLU D 34 -1.46 8.48 -18.37
N ALA D 35 -1.55 7.16 -18.44
CA ALA D 35 -0.38 6.34 -18.67
C ALA D 35 -0.12 6.09 -20.13
N SER D 36 -1.14 6.30 -20.97
CA SER D 36 -1.15 5.69 -22.28
C SER D 36 -1.28 6.61 -23.50
N TYR D 37 -1.58 7.90 -23.28
CA TYR D 37 -1.93 8.79 -24.37
C TYR D 37 -0.97 9.95 -24.44
N ASP D 38 -0.35 10.16 -25.62
CA ASP D 38 0.46 11.39 -25.93
C ASP D 38 1.66 11.59 -25.02
N ILE D 39 2.22 10.52 -24.52
CA ILE D 39 3.29 10.60 -23.58
C ILE D 39 4.65 10.47 -24.33
N GLU D 40 4.60 9.92 -25.53
CA GLU D 40 5.81 9.69 -26.35
C GLU D 40 6.26 10.96 -27.08
N ALA D 41 7.52 10.98 -27.51
CA ALA D 41 8.05 12.09 -28.37
C ALA D 41 7.45 11.94 -29.73
N LYS D 42 7.07 13.08 -30.33
CA LYS D 42 6.39 13.10 -31.62
C LYS D 42 7.08 13.89 -32.73
N THR D 43 7.89 14.87 -32.36
CA THR D 43 8.43 15.76 -33.39
C THR D 43 9.78 16.38 -33.01
N ASN D 44 10.36 17.15 -33.94
CA ASN D 44 11.62 17.84 -33.72
C ASN D 44 12.75 16.90 -33.35
N PHE D 45 12.81 15.71 -33.97
CA PHE D 45 13.93 14.79 -33.70
C PHE D 45 15.27 15.33 -34.21
N HIS D 46 16.33 15.10 -33.45
CA HIS D 46 17.54 15.85 -33.73
C HIS D 46 18.45 15.26 -34.78
N TYR D 47 18.37 13.94 -34.96
CA TYR D 47 19.25 13.19 -35.84
C TYR D 47 18.54 12.02 -36.52
N ARG D 48 18.90 11.80 -37.79
CA ARG D 48 18.33 10.67 -38.55
C ARG D 48 18.98 9.38 -38.09
N PRO D 49 18.22 8.29 -38.03
CA PRO D 49 18.80 7.02 -37.61
C PRO D 49 19.98 6.56 -38.49
N GLN D 50 21.05 6.06 -37.88
CA GLN D 50 22.18 5.45 -38.65
C GLN D 50 21.78 4.10 -39.27
N TRP D 51 20.63 3.57 -38.86
CA TRP D 51 20.23 2.20 -39.20
C TRP D 51 19.00 2.13 -40.13
N ASP D 52 18.52 3.28 -40.62
CA ASP D 52 17.34 3.36 -41.51
C ASP D 52 17.48 4.56 -42.45
N SER D 53 17.47 4.35 -43.77
CA SER D 53 17.60 5.50 -44.72
C SER D 53 16.33 6.32 -44.99
N GLU D 54 15.18 5.79 -44.57
CA GLU D 54 13.88 6.15 -45.10
C GLU D 54 12.99 6.83 -44.05
N HIS D 55 13.20 6.56 -42.76
CA HIS D 55 12.27 7.06 -41.77
C HIS D 55 13.01 7.74 -40.63
N THR D 56 12.35 8.68 -39.98
CA THR D 56 12.90 9.33 -38.81
C THR D 56 12.74 8.39 -37.58
N LEU D 57 13.22 8.82 -36.43
CA LEU D 57 12.89 8.17 -35.18
C LEU D 57 11.36 8.39 -35.03
N ASN D 58 10.63 7.47 -34.38
CA ASN D 58 9.16 7.69 -34.13
C ASN D 58 8.36 8.14 -35.39
N ASP D 59 8.38 7.31 -36.43
CA ASP D 59 7.85 7.69 -37.75
C ASP D 59 6.67 6.82 -38.08
N PRO D 60 5.46 7.41 -38.21
CA PRO D 60 4.26 6.56 -38.52
C PRO D 60 4.24 5.92 -39.91
N THR D 61 5.13 6.38 -40.78
CA THR D 61 5.29 5.81 -42.10
C THR D 61 6.07 4.51 -42.14
N ARG D 62 6.50 3.98 -40.99
CA ARG D 62 7.10 2.60 -40.94
C ARG D 62 6.10 1.55 -41.32
N THR D 63 4.82 1.93 -41.31
CA THR D 63 3.76 1.10 -41.88
C THR D 63 3.06 1.83 -43.03
N ALA D 64 2.58 1.05 -43.99
CA ALA D 64 1.80 1.60 -45.13
C ALA D 64 0.36 1.94 -44.71
N ILE D 65 -0.11 1.30 -43.65
CA ILE D 65 -1.40 1.63 -43.05
C ILE D 65 -1.42 3.09 -42.63
N ARG D 66 -2.55 3.76 -42.81
CA ARG D 66 -2.70 5.17 -42.45
C ARG D 66 -3.86 5.37 -41.50
N MET D 67 -3.65 6.20 -40.48
CA MET D 67 -4.67 6.57 -39.49
C MET D 67 -4.61 8.04 -39.23
N GLU D 68 -5.79 8.67 -39.23
CA GLU D 68 -5.91 10.05 -38.79
C GLU D 68 -5.30 10.16 -37.39
N ASP D 69 -5.56 9.16 -36.56
CA ASP D 69 -5.14 9.22 -35.15
C ASP D 69 -4.84 7.82 -34.60
N TRP D 70 -3.57 7.45 -34.42
CA TRP D 70 -3.25 6.08 -33.95
C TRP D 70 -3.78 5.73 -32.54
N CYS D 71 -4.01 6.73 -31.69
CA CYS D 71 -4.76 6.58 -30.41
C CYS D 71 -6.23 6.22 -30.54
N ALA D 72 -6.78 6.18 -31.77
CA ALA D 72 -8.04 5.48 -32.01
C ALA D 72 -7.92 4.00 -31.59
N VAL D 73 -6.72 3.44 -31.69
CA VAL D 73 -6.53 2.06 -31.27
C VAL D 73 -6.24 2.09 -29.77
N SER D 74 -7.17 1.56 -28.98
CA SER D 74 -7.08 1.57 -27.52
C SER D 74 -7.37 0.16 -26.99
N ASP D 75 -6.97 -0.09 -25.76
CA ASP D 75 -7.01 -1.43 -25.19
C ASP D 75 -8.32 -1.56 -24.39
N PRO D 76 -9.22 -2.49 -24.78
CA PRO D 76 -10.42 -2.81 -24.01
C PRO D 76 -10.15 -3.30 -22.58
N ARG D 77 -9.02 -3.97 -22.35
CA ARG D 77 -8.61 -4.43 -21.01
C ARG D 77 -8.08 -3.26 -20.13
N GLN D 78 -7.76 -2.12 -20.76
CA GLN D 78 -7.18 -0.95 -20.05
C GLN D 78 -5.88 -1.25 -19.27
N PHE D 79 -5.01 -2.06 -19.88
CA PHE D 79 -3.77 -2.43 -19.27
C PHE D 79 -2.74 -1.29 -19.38
N TYR D 80 -2.45 -0.64 -18.27
CA TYR D 80 -1.18 0.06 -18.09
C TYR D 80 -0.33 -0.95 -17.36
N TYR D 81 0.93 -0.62 -17.07
CA TYR D 81 1.87 -1.60 -16.54
C TYR D 81 1.35 -2.33 -15.28
N GLY D 82 0.87 -1.56 -14.29
CA GLY D 82 0.45 -2.19 -13.05
C GLY D 82 -0.75 -3.12 -13.23
N ALA D 83 -1.67 -2.81 -14.14
CA ALA D 83 -2.86 -3.68 -14.38
C ALA D 83 -2.44 -4.96 -15.08
N TYR D 84 -1.48 -4.80 -15.97
CA TYR D 84 -0.91 -5.94 -16.66
C TYR D 84 -0.21 -6.91 -15.72
N VAL D 85 0.73 -6.43 -14.90
CA VAL D 85 1.47 -7.38 -14.08
C VAL D 85 0.54 -7.96 -12.98
N GLY D 86 -0.42 -7.16 -12.51
CA GLY D 86 -1.37 -7.62 -11.50
C GLY D 86 -2.17 -8.78 -12.05
N ASN D 87 -2.65 -8.64 -13.28
CA ASN D 87 -3.40 -9.72 -13.92
C ASN D 87 -2.51 -10.94 -14.16
N ARG D 88 -1.32 -10.74 -14.69
CA ARG D 88 -0.44 -11.89 -14.90
C ARG D 88 -0.01 -12.63 -13.62
N ALA D 89 0.25 -11.89 -12.54
CA ALA D 89 0.64 -12.49 -11.26
C ALA D 89 -0.42 -13.45 -10.78
N LYS D 90 -1.68 -13.08 -10.88
CA LYS D 90 -2.83 -13.93 -10.54
C LYS D 90 -2.83 -15.21 -11.39
N MET D 91 -2.66 -15.05 -12.71
CA MET D 91 -2.59 -16.18 -13.62
C MET D 91 -1.45 -17.13 -13.33
N GLN D 92 -0.25 -16.60 -13.07
CA GLN D 92 0.93 -17.48 -12.84
C GLN D 92 0.81 -18.26 -11.52
N GLU D 93 0.07 -17.70 -10.57
CA GLU D 93 -0.17 -18.39 -9.30
C GLU D 93 -0.78 -19.77 -9.55
N SER D 94 -1.82 -19.82 -10.37
CA SER D 94 -2.47 -21.09 -10.66
C SER D 94 -1.57 -21.97 -11.52
N ALA D 95 -0.80 -21.37 -12.44
CA ALA D 95 0.04 -22.17 -13.34
C ALA D 95 1.18 -22.80 -12.57
N GLU D 96 1.77 -22.08 -11.62
CA GLU D 96 2.90 -22.61 -10.82
C GLU D 96 2.48 -23.77 -9.94
N THR D 97 1.28 -23.67 -9.40
CA THR D 97 0.69 -24.71 -8.56
C THR D 97 0.35 -25.96 -9.39
N SER D 98 -0.13 -25.78 -10.62
CA SER D 98 -0.40 -26.94 -11.52
C SER D 98 0.87 -27.66 -11.93
N PHE D 99 1.93 -26.90 -12.23
CA PHE D 99 3.27 -27.47 -12.47
C PHE D 99 3.83 -28.25 -11.29
N GLY D 100 3.72 -27.71 -10.08
CA GLY D 100 4.19 -28.40 -8.88
C GLY D 100 3.45 -29.71 -8.63
N PHE D 101 2.14 -29.69 -8.83
CA PHE D 101 1.25 -30.86 -8.72
C PHE D 101 1.62 -31.98 -9.73
N CYS D 102 1.87 -31.63 -11.00
CA CYS D 102 2.23 -32.63 -12.01
C CYS D 102 3.63 -33.19 -11.72
N GLU D 103 4.54 -32.32 -11.28
CA GLU D 103 5.88 -32.70 -10.93
C GLU D 103 5.90 -33.62 -9.68
N LYS D 104 5.21 -33.22 -8.61
CA LYS D 104 5.14 -34.04 -7.38
C LYS D 104 4.45 -35.40 -7.57
N ARG D 105 3.49 -35.47 -8.49
CA ARG D 105 2.73 -36.68 -8.74
C ARG D 105 3.20 -37.51 -9.94
N ASN D 106 4.26 -37.06 -10.61
CA ASN D 106 4.84 -37.73 -11.74
C ASN D 106 3.84 -38.00 -12.84
N LEU D 107 2.99 -37.02 -13.07
CA LEU D 107 1.94 -37.17 -14.08
C LEU D 107 2.51 -37.27 -15.50
N LEU D 108 3.66 -36.66 -15.76
CA LEU D 108 4.31 -36.70 -17.07
C LEU D 108 5.35 -37.78 -17.19
N THR D 109 6.12 -37.99 -16.12
CA THR D 109 7.19 -39.00 -16.14
C THR D 109 6.62 -40.43 -16.08
N ARG D 110 5.42 -40.60 -15.52
CA ARG D 110 4.76 -41.92 -15.55
C ARG D 110 4.16 -42.32 -16.91
N LEU D 111 4.11 -41.39 -17.88
CA LEU D 111 3.62 -41.70 -19.22
C LEU D 111 4.64 -42.64 -19.92
N SER D 112 4.16 -43.44 -20.88
CA SER D 112 5.03 -44.34 -21.64
C SER D 112 6.03 -43.49 -22.44
N GLU D 113 7.15 -44.09 -22.84
CA GLU D 113 8.11 -43.30 -23.59
C GLU D 113 7.51 -42.82 -24.95
N GLU D 114 6.63 -43.63 -25.54
CA GLU D 114 5.95 -43.25 -26.79
C GLU D 114 5.03 -42.01 -26.66
N THR D 115 4.29 -41.93 -25.56
CA THR D 115 3.45 -40.77 -25.28
C THR D 115 4.29 -39.52 -25.00
N GLN D 116 5.39 -39.69 -24.27
CA GLN D 116 6.31 -38.58 -24.04
C GLN D 116 6.94 -38.04 -25.33
N LYS D 117 7.24 -38.92 -26.29
CA LYS D 117 7.84 -38.48 -27.55
C LYS D 117 6.85 -37.70 -28.38
N GLN D 118 5.58 -38.12 -28.36
CA GLN D 118 4.49 -37.36 -28.98
C GLN D 118 4.40 -35.94 -28.43
N LEU D 119 4.64 -35.74 -27.14
CA LEU D 119 4.64 -34.37 -26.59
C LEU D 119 5.86 -33.58 -27.04
N LEU D 120 7.01 -34.24 -27.02
CA LEU D 120 8.25 -33.60 -27.46
C LEU D 120 8.21 -33.24 -28.93
N ARG D 121 7.38 -33.96 -29.69
CA ARG D 121 7.31 -33.81 -31.15
C ARG D 121 6.16 -32.91 -31.59
N LEU D 122 5.03 -32.96 -30.89
CA LEU D 122 3.86 -32.22 -31.35
C LEU D 122 3.63 -30.90 -30.61
N LEU D 123 4.03 -30.87 -29.34
CA LEU D 123 3.72 -29.73 -28.41
C LEU D 123 4.95 -28.88 -28.10
N VAL D 124 6.00 -29.50 -27.58
CA VAL D 124 7.12 -28.72 -27.09
C VAL D 124 7.78 -27.79 -28.14
N PRO D 125 7.92 -28.24 -29.43
CA PRO D 125 8.61 -27.31 -30.36
C PRO D 125 7.89 -25.98 -30.65
N LEU D 126 6.62 -25.89 -30.28
CA LEU D 126 5.92 -24.62 -30.26
C LEU D 126 6.63 -23.52 -29.44
N ARG D 127 7.52 -23.87 -28.49
CA ARG D 127 8.32 -22.82 -27.84
C ARG D 127 9.11 -21.98 -28.82
N HIS D 128 9.49 -22.59 -29.96
CA HIS D 128 10.29 -21.87 -30.97
C HIS D 128 9.43 -20.86 -31.74
N VAL D 129 8.17 -21.20 -31.87
CA VAL D 129 7.19 -20.33 -32.50
C VAL D 129 6.92 -19.15 -31.56
N GLU D 130 6.78 -19.45 -30.24
CA GLU D 130 6.63 -18.40 -29.21
C GLU D 130 7.81 -17.43 -29.26
N LEU D 131 9.01 -17.98 -29.42
CA LEU D 131 10.21 -17.16 -29.48
C LEU D 131 10.09 -16.23 -30.66
N GLY D 132 9.81 -16.76 -31.86
CA GLY D 132 9.52 -15.91 -33.03
C GLY D 132 8.53 -14.79 -32.72
N ALA D 133 7.42 -15.14 -32.05
CA ALA D 133 6.36 -14.16 -31.70
C ALA D 133 6.82 -13.14 -30.66
N ASN D 134 7.60 -13.57 -29.67
CA ASN D 134 8.30 -12.61 -28.80
C ASN D 134 9.12 -11.62 -29.63
N MET D 135 9.94 -12.13 -30.57
CA MET D 135 10.83 -11.24 -31.35
C MET D 135 10.02 -10.27 -32.25
N ASN D 136 8.96 -10.79 -32.86
CA ASN D 136 8.11 -9.94 -33.74
C ASN D 136 7.39 -8.83 -33.01
N ASN D 137 6.92 -9.14 -31.80
CA ASN D 137 6.27 -8.14 -30.96
C ASN D 137 7.23 -7.15 -30.34
N ALA D 138 8.46 -7.55 -29.99
CA ALA D 138 9.49 -6.57 -29.67
C ALA D 138 9.77 -5.60 -30.80
N LYS D 139 9.89 -6.13 -32.01
CA LYS D 139 9.99 -5.25 -33.22
C LYS D 139 8.83 -4.22 -33.32
N ILE D 140 7.59 -4.67 -33.19
CA ILE D 140 6.44 -3.75 -33.30
C ILE D 140 6.52 -2.73 -32.18
N ALA D 141 6.83 -3.17 -30.95
CA ALA D 141 6.80 -2.24 -29.81
C ALA D 141 7.83 -1.09 -30.06
N GLY D 142 8.90 -1.42 -30.77
CA GLY D 142 9.91 -0.44 -31.09
C GLY D 142 9.55 0.45 -32.28
N ASP D 143 8.66 -0.02 -33.15
CA ASP D 143 8.30 0.69 -34.42
C ASP D 143 7.00 1.49 -34.42
N ALA D 144 6.01 1.03 -33.64
CA ALA D 144 4.72 1.67 -33.54
C ALA D 144 4.86 3.02 -32.83
N THR D 145 4.16 4.07 -33.26
CA THR D 145 4.36 5.40 -32.67
C THR D 145 3.48 5.66 -31.40
N ALA D 146 2.24 5.18 -31.41
CA ALA D 146 1.32 5.47 -30.30
C ALA D 146 1.64 4.57 -29.11
N THR D 147 1.69 5.17 -27.92
CA THR D 147 1.89 4.40 -26.66
C THR D 147 0.84 3.32 -26.46
N THR D 148 -0.41 3.58 -26.85
CA THR D 148 -1.51 2.62 -26.72
C THR D 148 -1.21 1.39 -27.55
N VAL D 149 -0.57 1.58 -28.71
CA VAL D 149 -0.24 0.45 -29.59
C VAL D 149 1.05 -0.23 -29.17
N SER D 150 2.13 0.53 -28.92
CA SER D 150 3.38 -0.14 -28.55
C SER D 150 3.30 -0.89 -27.17
N GLN D 151 2.55 -0.34 -26.21
CA GLN D 151 2.47 -1.07 -24.94
C GLN D 151 1.74 -2.41 -25.12
N MET D 152 0.74 -2.48 -25.98
CA MET D 152 0.02 -3.76 -26.14
C MET D 152 0.92 -4.80 -26.76
N HIS D 153 1.84 -4.34 -27.61
CA HIS D 153 2.83 -5.26 -28.18
C HIS D 153 4.00 -5.71 -27.25
N ILE D 154 4.51 -4.84 -26.38
CA ILE D 154 5.49 -5.32 -25.43
C ILE D 154 4.85 -6.31 -24.43
N TYR D 155 3.64 -6.03 -23.96
CA TYR D 155 2.93 -6.95 -23.04
C TYR D 155 2.75 -8.34 -23.70
N THR D 156 2.28 -8.34 -24.93
CA THR D 156 2.07 -9.61 -25.63
C THR D 156 3.40 -10.36 -25.93
N GLY D 157 4.45 -9.62 -26.28
CA GLY D 157 5.77 -10.26 -26.52
C GLY D 157 6.34 -10.88 -25.26
N MET D 158 6.16 -10.21 -24.12
CA MET D 158 6.57 -10.79 -22.85
C MET D 158 5.72 -12.01 -22.46
N ASP D 159 4.43 -11.98 -22.73
CA ASP D 159 3.54 -13.16 -22.57
C ASP D 159 4.04 -14.34 -23.41
N ARG D 160 4.48 -14.07 -24.64
CA ARG D 160 4.94 -15.15 -25.55
C ARG D 160 6.19 -15.81 -24.99
N LEU D 161 7.10 -15.03 -24.43
CA LEU D 161 8.27 -15.58 -23.76
C LEU D 161 7.86 -16.43 -22.55
N GLY D 162 6.95 -15.93 -21.71
CA GLY D 162 6.35 -16.70 -20.61
C GLY D 162 5.71 -18.00 -21.08
N ILE D 163 4.92 -17.96 -22.15
CA ILE D 163 4.33 -19.19 -22.70
C ILE D 163 5.40 -20.21 -23.18
N GLY D 164 6.42 -19.71 -23.85
CA GLY D 164 7.54 -20.54 -24.31
C GLY D 164 8.25 -21.16 -23.16
N GLN D 165 8.37 -20.42 -22.05
CA GLN D 165 8.96 -20.98 -20.81
C GLN D 165 8.13 -22.11 -20.18
N TYR D 166 6.82 -21.94 -20.05
CA TYR D 166 5.95 -23.06 -19.67
C TYR D 166 6.09 -24.32 -20.53
N LEU D 167 6.12 -24.16 -21.86
CA LEU D 167 6.26 -25.30 -22.79
C LEU D 167 7.61 -25.98 -22.58
N SER D 168 8.68 -25.18 -22.45
CA SER D 168 9.98 -25.67 -22.00
C SER D 168 9.94 -26.53 -20.73
N ARG D 169 9.22 -26.06 -19.72
CA ARG D 169 9.16 -26.76 -18.45
C ARG D 169 8.45 -28.11 -18.51
N ILE D 170 7.51 -28.22 -19.40
CA ILE D 170 6.89 -29.53 -19.64
C ILE D 170 7.98 -30.52 -20.05
N ALA D 171 8.87 -30.09 -20.95
CA ALA D 171 9.94 -30.98 -21.39
C ALA D 171 10.88 -31.28 -20.25
N LEU D 172 11.19 -30.26 -19.42
CA LEU D 172 12.03 -30.44 -18.26
C LEU D 172 11.40 -31.37 -17.25
N MET D 173 10.08 -31.35 -17.17
CA MET D 173 9.38 -32.26 -16.30
C MET D 173 9.60 -33.66 -16.82
N ILE D 174 9.45 -33.88 -18.13
CA ILE D 174 9.62 -35.19 -18.75
C ILE D 174 11.01 -35.76 -18.61
N ASP D 175 12.06 -34.92 -18.67
CA ASP D 175 13.44 -35.40 -18.49
C ASP D 175 14.02 -35.29 -17.08
N GLY D 176 13.21 -34.83 -16.14
CA GLY D 176 13.66 -34.72 -14.78
C GLY D 176 14.68 -33.64 -14.56
N SER D 177 14.52 -32.52 -15.27
CA SER D 177 15.30 -31.29 -15.06
C SER D 177 16.78 -31.43 -15.51
N THR D 178 16.95 -32.16 -16.60
CA THR D 178 18.23 -32.50 -17.16
C THR D 178 18.50 -31.73 -18.51
N GLY D 179 17.43 -31.36 -19.21
CA GLY D 179 17.58 -30.68 -20.51
C GLY D 179 17.56 -31.61 -21.72
N ALA D 180 17.71 -32.93 -21.47
CA ALA D 180 17.76 -33.94 -22.53
C ALA D 180 16.53 -33.89 -23.44
N ALA D 181 15.33 -33.70 -22.87
CA ALA D 181 14.08 -33.68 -23.62
C ALA D 181 14.01 -32.41 -24.45
N LEU D 182 14.70 -31.35 -24.02
CA LEU D 182 14.70 -30.11 -24.77
C LEU D 182 15.62 -30.23 -26.00
N ASP D 183 16.74 -30.91 -25.81
CA ASP D 183 17.64 -31.29 -26.93
C ASP D 183 16.88 -32.08 -28.00
N GLU D 184 16.13 -33.07 -27.57
CA GLU D 184 15.42 -33.96 -28.47
C GLU D 184 14.37 -33.20 -29.28
N SER D 185 13.60 -32.37 -28.59
CA SER D 185 12.50 -31.60 -29.18
C SER D 185 13.05 -30.56 -30.14
N LYS D 186 14.15 -29.91 -29.80
CA LYS D 186 14.78 -29.01 -30.73
C LYS D 186 15.23 -29.71 -32.03
N ALA D 187 15.70 -30.95 -31.93
CA ALA D 187 16.08 -31.72 -33.09
C ALA D 187 14.88 -31.95 -34.00
N TYR D 188 13.67 -32.15 -33.46
CA TYR D 188 12.44 -32.19 -34.30
C TYR D 188 12.18 -30.87 -35.08
N TRP D 189 12.25 -29.75 -34.37
CA TRP D 189 12.11 -28.41 -34.95
C TRP D 189 13.06 -28.20 -36.14
N MET D 190 14.31 -28.61 -35.96
CA MET D 190 15.38 -28.36 -36.94
C MET D 190 15.37 -29.33 -38.14
N ASP D 191 15.07 -30.61 -37.86
CA ASP D 191 15.24 -31.70 -38.83
C ASP D 191 14.01 -32.53 -39.21
N ASP D 192 12.96 -32.54 -38.39
CA ASP D 192 11.75 -33.28 -38.77
C ASP D 192 11.00 -32.53 -39.85
N GLU D 193 10.68 -33.22 -40.95
CA GLU D 193 9.99 -32.59 -42.06
C GLU D 193 8.64 -31.96 -41.66
N MET D 194 7.99 -32.53 -40.65
CA MET D 194 6.72 -32.06 -40.12
C MET D 194 6.80 -30.59 -39.69
N TRP D 195 7.95 -30.17 -39.11
CA TRP D 195 8.12 -28.79 -38.61
C TRP D 195 8.63 -27.81 -39.63
N GLN D 196 9.10 -28.31 -40.79
CA GLN D 196 9.82 -27.40 -41.70
C GLN D 196 8.96 -26.28 -42.29
N PRO D 197 7.71 -26.57 -42.68
CA PRO D 197 6.88 -25.45 -43.15
C PRO D 197 6.68 -24.38 -42.06
N MET D 198 6.55 -24.81 -40.81
CA MET D 198 6.36 -23.81 -39.73
C MET D 198 7.63 -23.02 -39.51
N ARG D 199 8.76 -23.72 -39.46
CA ARG D 199 10.00 -23.07 -39.17
C ARG D 199 10.36 -22.06 -40.26
N LYS D 200 10.15 -22.44 -41.54
CA LYS D 200 10.33 -21.53 -42.67
C LYS D 200 9.39 -20.31 -42.58
N LEU D 201 8.13 -20.55 -42.23
CA LEU D 201 7.19 -19.44 -42.09
C LEU D 201 7.65 -18.49 -40.96
N VAL D 202 7.99 -19.04 -39.78
CA VAL D 202 8.51 -18.19 -38.69
C VAL D 202 9.74 -17.39 -39.11
N GLU D 203 10.72 -18.05 -39.74
CA GLU D 203 11.87 -17.32 -40.27
C GLU D 203 11.51 -16.20 -41.30
N ASP D 204 10.50 -16.48 -42.13
CA ASP D 204 9.97 -15.48 -43.08
C ASP D 204 9.36 -14.24 -42.39
N THR D 205 8.58 -14.46 -41.36
CA THR D 205 8.05 -13.33 -40.58
C THR D 205 9.12 -12.40 -39.99
N LEU D 206 10.27 -12.97 -39.64
CA LEU D 206 11.31 -12.25 -38.94
C LEU D 206 12.00 -11.21 -39.84
N VAL D 207 11.65 -11.25 -41.12
CA VAL D 207 12.28 -10.41 -42.09
C VAL D 207 11.26 -9.37 -42.63
N VAL D 208 10.03 -9.44 -42.17
CA VAL D 208 8.97 -8.48 -42.55
C VAL D 208 9.35 -7.09 -42.04
N ASP D 209 9.26 -6.07 -42.89
CA ASP D 209 9.57 -4.67 -42.53
C ASP D 209 8.39 -3.88 -41.96
N ASP D 210 7.21 -4.06 -42.53
CA ASP D 210 6.03 -3.26 -42.19
C ASP D 210 5.47 -3.78 -40.88
N TRP D 211 5.41 -2.93 -39.85
CA TRP D 211 5.06 -3.48 -38.53
C TRP D 211 3.59 -3.89 -38.45
N PHE D 212 2.72 -3.16 -39.13
CA PHE D 212 1.32 -3.60 -39.11
C PHE D 212 1.09 -4.89 -39.88
N GLU D 213 1.75 -5.03 -41.03
CA GLU D 213 1.78 -6.32 -41.74
C GLU D 213 2.21 -7.40 -40.73
N LEU D 214 3.30 -7.12 -39.99
CA LEU D 214 3.80 -8.06 -38.99
C LEU D 214 2.80 -8.39 -37.87
N THR D 215 2.15 -7.38 -37.29
CA THR D 215 1.18 -7.69 -36.21
C THR D 215 0.00 -8.54 -36.72
N LEU D 216 -0.49 -8.21 -37.90
CA LEU D 216 -1.54 -8.94 -38.59
C LEU D 216 -1.16 -10.40 -38.77
N VAL D 217 0.02 -10.66 -39.32
CA VAL D 217 0.44 -12.03 -39.64
C VAL D 217 0.66 -12.83 -38.36
N GLN D 218 1.44 -12.26 -37.46
CA GLN D 218 1.74 -12.88 -36.17
C GLN D 218 0.51 -12.99 -35.22
N ASN D 219 -0.09 -11.85 -34.93
CA ASN D 219 -1.03 -11.75 -33.82
C ASN D 219 -2.47 -12.11 -34.20
N ILE D 220 -2.81 -12.07 -35.51
CA ILE D 220 -4.15 -12.46 -35.99
C ILE D 220 -4.08 -13.79 -36.78
N LEU D 221 -3.33 -13.80 -37.88
CA LEU D 221 -3.35 -14.97 -38.78
C LEU D 221 -2.69 -16.24 -38.22
N ILE D 222 -1.44 -16.17 -37.75
CA ILE D 222 -0.81 -17.37 -37.20
C ILE D 222 -1.49 -17.80 -35.87
N ASP D 223 -1.56 -16.88 -34.92
CA ASP D 223 -2.14 -17.16 -33.60
C ASP D 223 -3.61 -17.55 -33.69
N GLY D 224 -4.35 -16.91 -34.59
CA GLY D 224 -5.78 -17.13 -34.68
C GLY D 224 -6.19 -18.47 -35.28
N MET D 225 -5.22 -19.19 -35.83
CA MET D 225 -5.45 -20.55 -36.30
C MET D 225 -4.71 -21.49 -35.39
N MET D 226 -3.46 -21.14 -35.03
CA MET D 226 -2.63 -22.02 -34.19
C MET D 226 -3.19 -22.33 -32.79
N TYR D 227 -3.58 -21.29 -32.07
CA TYR D 227 -4.06 -21.46 -30.71
C TYR D 227 -5.31 -22.34 -30.65
N PRO D 228 -6.35 -22.06 -31.47
CA PRO D 228 -7.48 -23.03 -31.48
C PRO D 228 -7.06 -24.45 -31.87
N LEU D 229 -6.23 -24.61 -32.91
CA LEU D 229 -5.83 -25.95 -33.33
C LEU D 229 -5.14 -26.69 -32.21
N VAL D 230 -4.18 -26.03 -31.59
CA VAL D 230 -3.34 -26.68 -30.57
C VAL D 230 -4.02 -26.82 -29.18
N TYR D 231 -4.53 -25.71 -28.65
CA TYR D 231 -4.99 -25.73 -27.24
C TYR D 231 -6.46 -26.02 -27.08
N ASP D 232 -7.18 -26.12 -28.20
CA ASP D 232 -8.53 -26.63 -28.20
C ASP D 232 -8.62 -27.99 -28.86
N LYS D 233 -8.32 -28.04 -30.15
CA LYS D 233 -8.52 -29.29 -30.91
C LYS D 233 -7.51 -30.39 -30.59
N MET D 234 -6.21 -30.09 -30.66
CA MET D 234 -5.22 -31.05 -30.20
C MET D 234 -5.44 -31.40 -28.73
N ASP D 235 -5.81 -30.42 -27.90
CA ASP D 235 -6.02 -30.65 -26.47
C ASP D 235 -7.07 -31.75 -26.21
N GLN D 236 -8.19 -31.70 -26.92
CA GLN D 236 -9.17 -32.81 -26.86
C GLN D 236 -8.55 -34.15 -27.27
N TRP D 237 -7.81 -34.15 -28.37
CA TRP D 237 -7.23 -35.37 -28.91
C TRP D 237 -6.19 -36.00 -27.99
N PHE D 238 -5.46 -35.18 -27.22
CA PHE D 238 -4.49 -35.71 -26.21
C PHE D 238 -5.12 -36.75 -25.26
N GLU D 239 -6.41 -36.60 -25.00
CA GLU D 239 -7.14 -37.52 -24.12
C GLU D 239 -7.17 -38.96 -24.68
N SER D 240 -7.47 -39.07 -25.98
CA SER D 240 -7.42 -40.32 -26.74
C SER D 240 -6.01 -40.94 -26.79
N GLN D 241 -4.97 -40.15 -26.52
CA GLN D 241 -3.58 -40.63 -26.54
C GLN D 241 -3.03 -40.96 -25.16
N GLY D 242 -3.84 -40.77 -24.13
CA GLY D 242 -3.40 -41.00 -22.77
C GLY D 242 -2.65 -39.84 -22.12
N ALA D 243 -2.68 -38.67 -22.76
CA ALA D 243 -1.88 -37.52 -22.32
C ALA D 243 -2.72 -36.39 -21.71
N GLU D 244 -3.94 -36.74 -21.29
CA GLU D 244 -4.95 -35.81 -20.78
C GLU D 244 -4.40 -34.84 -19.71
N ASP D 245 -3.48 -35.30 -18.85
CA ASP D 245 -2.95 -34.45 -17.76
C ASP D 245 -2.19 -33.18 -18.22
N VAL D 246 -1.64 -33.15 -19.43
CA VAL D 246 -1.03 -31.90 -19.93
C VAL D 246 -2.01 -30.74 -20.09
N SER D 247 -3.31 -31.00 -20.11
CA SER D 247 -4.34 -29.95 -20.15
C SER D 247 -4.25 -28.95 -19.01
N MET D 248 -3.86 -29.42 -17.82
CA MET D 248 -3.80 -28.53 -16.71
C MET D 248 -2.57 -27.64 -16.86
N LEU D 249 -1.58 -28.10 -17.62
CA LEU D 249 -0.38 -27.29 -17.89
C LEU D 249 -0.56 -26.23 -18.97
N THR D 250 -1.58 -26.37 -19.79
CA THR D 250 -1.77 -25.45 -20.90
C THR D 250 -2.98 -24.56 -20.67
N GLU D 251 -3.50 -24.55 -19.45
CA GLU D 251 -4.68 -23.74 -19.20
C GLU D 251 -4.27 -22.26 -19.26
N PHE D 252 -3.06 -21.96 -18.83
CA PHE D 252 -2.56 -20.60 -18.95
C PHE D 252 -2.77 -20.08 -20.40
N MET D 253 -2.42 -20.92 -21.39
CA MET D 253 -2.45 -20.55 -22.82
C MET D 253 -3.88 -20.35 -23.29
N ARG D 254 -4.82 -21.17 -22.83
CA ARG D 254 -6.24 -20.93 -23.20
C ARG D 254 -6.83 -19.63 -22.63
N ASP D 255 -6.57 -19.38 -21.34
CA ASP D 255 -6.98 -18.12 -20.72
C ASP D 255 -6.31 -16.91 -21.41
N TRP D 256 -5.00 -17.00 -21.65
CA TRP D 256 -4.26 -15.94 -22.35
C TRP D 256 -4.89 -15.61 -23.71
N TYR D 257 -5.14 -16.66 -24.48
CA TYR D 257 -5.69 -16.51 -25.82
C TYR D 257 -7.01 -15.84 -25.82
N LYS D 258 -7.92 -16.27 -24.94
CA LYS D 258 -9.25 -15.65 -24.84
C LYS D 258 -9.16 -14.15 -24.56
N GLU D 259 -8.27 -13.78 -23.66
CA GLU D 259 -8.06 -12.35 -23.33
C GLU D 259 -7.46 -11.59 -24.52
N SER D 260 -6.61 -12.22 -25.31
CA SER D 260 -5.87 -11.51 -26.36
C SER D 260 -6.76 -11.15 -27.53
N LEU D 261 -7.80 -11.95 -27.74
CA LEU D 261 -8.85 -11.60 -28.69
C LEU D 261 -9.47 -10.23 -28.41
N ARG D 262 -9.54 -9.81 -27.14
CA ARG D 262 -10.12 -8.49 -26.86
C ARG D 262 -9.34 -7.37 -27.56
N TRP D 263 -8.03 -7.32 -27.39
CA TRP D 263 -7.32 -6.17 -27.92
C TRP D 263 -7.00 -6.34 -29.40
N THR D 264 -6.72 -7.58 -29.86
CA THR D 264 -6.42 -7.75 -31.27
C THR D 264 -7.64 -7.51 -32.14
N ASN D 265 -8.82 -7.98 -31.75
CA ASN D 265 -10.07 -7.54 -32.43
C ASN D 265 -10.37 -6.03 -32.35
N ALA D 266 -10.17 -5.36 -31.21
CA ALA D 266 -10.36 -3.90 -31.16
C ALA D 266 -9.37 -3.15 -32.10
N MET D 267 -8.11 -3.61 -32.17
CA MET D 267 -7.15 -2.99 -33.07
C MET D 267 -7.52 -3.20 -34.56
N MET D 268 -7.83 -4.43 -34.95
CA MET D 268 -8.37 -4.69 -36.30
C MET D 268 -9.62 -3.88 -36.64
N LYS D 269 -10.60 -3.79 -35.75
CA LYS D 269 -11.81 -2.99 -36.01
C LYS D 269 -11.52 -1.53 -36.34
N ALA D 270 -10.58 -0.92 -35.61
CA ALA D 270 -10.27 0.49 -35.77
C ALA D 270 -9.45 0.75 -37.04
N VAL D 271 -8.52 -0.16 -37.35
CA VAL D 271 -7.66 -0.02 -38.54
C VAL D 271 -8.45 -0.30 -39.87
N ALA D 272 -9.17 -1.42 -39.90
CA ALA D 272 -10.08 -1.72 -41.00
C ALA D 272 -11.23 -0.68 -41.19
N GLY D 273 -11.88 -0.26 -40.12
CA GLY D 273 -12.93 0.76 -40.19
C GLY D 273 -12.46 2.15 -40.57
N GLU D 274 -11.17 2.41 -40.50
CA GLU D 274 -10.67 3.74 -40.81
C GLU D 274 -10.93 4.12 -42.31
N SER D 275 -10.60 3.25 -43.24
CA SER D 275 -10.67 3.59 -44.67
C SER D 275 -10.73 2.34 -45.55
N GLU D 276 -11.34 2.47 -46.73
CA GLU D 276 -11.31 1.36 -47.68
C GLU D 276 -9.85 1.07 -48.13
N THR D 277 -8.99 2.07 -48.16
CA THR D 277 -7.60 1.84 -48.54
C THR D 277 -6.88 0.90 -47.54
N ASN D 278 -7.07 1.16 -46.25
CA ASN D 278 -6.49 0.34 -45.19
C ASN D 278 -6.99 -1.07 -45.41
N ARG D 279 -8.30 -1.20 -45.54
CA ARG D 279 -8.95 -2.47 -45.81
C ARG D 279 -8.43 -3.19 -47.09
N GLU D 280 -8.32 -2.47 -48.20
CA GLU D 280 -7.64 -2.99 -49.41
C GLU D 280 -6.26 -3.59 -49.08
N LEU D 281 -5.43 -2.81 -48.39
CA LEU D 281 -4.09 -3.21 -47.99
C LEU D 281 -4.12 -4.47 -47.09
N LEU D 282 -5.02 -4.48 -46.11
CA LEU D 282 -5.16 -5.61 -45.22
C LEU D 282 -5.55 -6.86 -45.99
N GLN D 283 -6.49 -6.72 -46.95
CA GLN D 283 -6.90 -7.89 -47.73
C GLN D 283 -5.71 -8.50 -48.52
N LYS D 284 -4.87 -7.63 -49.06
CA LYS D 284 -3.72 -8.07 -49.84
C LYS D 284 -2.80 -8.90 -48.92
N TRP D 285 -2.56 -8.41 -47.69
CA TRP D 285 -1.68 -9.12 -46.75
C TRP D 285 -2.31 -10.44 -46.33
N ILE D 286 -3.62 -10.46 -46.04
CA ILE D 286 -4.29 -11.76 -45.73
C ILE D 286 -4.17 -12.79 -46.89
N ASP D 287 -4.37 -12.32 -48.13
CA ASP D 287 -4.27 -13.19 -49.32
C ASP D 287 -2.89 -13.80 -49.45
N HIS D 288 -1.86 -13.00 -49.20
CA HIS D 288 -0.48 -13.51 -49.20
C HIS D 288 -0.15 -14.47 -48.03
N TRP D 289 -0.57 -14.09 -46.81
CA TRP D 289 -0.08 -14.80 -45.62
C TRP D 289 -0.99 -15.83 -45.03
N GLU D 290 -2.31 -15.65 -45.11
CA GLU D 290 -3.20 -16.62 -44.46
C GLU D 290 -3.01 -18.09 -44.93
N PRO D 291 -2.87 -18.33 -46.27
CA PRO D 291 -2.64 -19.69 -46.74
C PRO D 291 -1.26 -20.23 -46.35
N GLN D 292 -0.29 -19.36 -46.08
CA GLN D 292 0.99 -19.83 -45.57
C GLN D 292 0.89 -20.32 -44.12
N ALA D 293 0.04 -19.63 -43.35
CA ALA D 293 -0.30 -20.00 -41.97
C ALA D 293 -1.01 -21.35 -41.93
N TYR D 294 -1.96 -21.54 -42.83
CA TYR D 294 -2.67 -22.81 -42.96
C TYR D 294 -1.74 -23.94 -43.39
N GLU D 295 -0.93 -23.67 -44.40
CA GLU D 295 0.00 -24.68 -44.89
C GLU D 295 1.09 -25.03 -43.86
N ALA D 296 1.46 -24.07 -43.00
CA ALA D 296 2.43 -24.35 -41.92
C ALA D 296 1.86 -25.22 -40.79
N LEU D 297 0.57 -25.08 -40.53
CA LEU D 297 -0.13 -25.87 -39.54
C LEU D 297 -0.57 -27.23 -40.04
N LYS D 298 -0.67 -27.40 -41.37
CA LYS D 298 -1.21 -28.64 -41.95
C LYS D 298 -0.45 -29.93 -41.50
N PRO D 299 0.90 -29.97 -41.61
CA PRO D 299 1.53 -31.21 -41.12
C PRO D 299 1.33 -31.53 -39.63
N LEU D 300 1.16 -30.50 -38.80
CA LEU D 300 0.83 -30.70 -37.41
C LEU D 300 -0.56 -31.27 -37.23
N ALA D 301 -1.55 -30.71 -37.93
CA ALA D 301 -2.91 -31.24 -37.81
C ALA D 301 -2.91 -32.69 -38.29
N GLU D 302 -2.21 -32.97 -39.40
CA GLU D 302 -2.21 -34.31 -40.01
C GLU D 302 -1.61 -35.37 -39.08
N ALA D 303 -0.64 -34.95 -38.27
CA ALA D 303 0.10 -35.86 -37.40
C ALA D 303 -0.60 -36.09 -36.07
N SER D 304 -1.78 -35.49 -35.89
CA SER D 304 -2.43 -35.46 -34.58
C SER D 304 -3.93 -35.57 -34.76
N VAL D 305 -4.59 -34.43 -34.83
CA VAL D 305 -6.05 -34.40 -34.69
C VAL D 305 -6.78 -34.59 -36.04
N GLY D 306 -6.05 -34.43 -37.15
CA GLY D 306 -6.59 -34.64 -38.51
C GLY D 306 -6.88 -33.32 -39.17
N ILE D 307 -6.81 -33.29 -40.51
CA ILE D 307 -6.96 -32.03 -41.26
C ILE D 307 -8.28 -31.27 -41.00
N ASP D 308 -9.33 -31.98 -40.60
CA ASP D 308 -10.62 -31.36 -40.31
C ASP D 308 -10.58 -30.43 -39.12
N GLY D 309 -9.71 -30.74 -38.15
CA GLY D 309 -9.44 -29.87 -37.01
C GLY D 309 -8.87 -28.54 -37.48
N LEU D 310 -7.88 -28.58 -38.40
CA LEU D 310 -7.34 -27.36 -39.04
C LEU D 310 -8.37 -26.61 -39.91
N ASN D 311 -9.22 -27.36 -40.62
CA ASN D 311 -10.21 -26.70 -41.49
C ASN D 311 -11.21 -25.94 -40.68
N GLU D 312 -11.58 -26.47 -39.52
CA GLU D 312 -12.47 -25.76 -38.60
C GLU D 312 -11.83 -24.50 -37.97
N ALA D 313 -10.52 -24.56 -37.74
CA ALA D 313 -9.82 -23.42 -37.15
C ALA D 313 -9.75 -22.32 -38.20
N ARG D 314 -9.55 -22.72 -39.46
CA ARG D 314 -9.53 -21.79 -40.56
C ARG D 314 -10.89 -21.12 -40.75
N ALA D 315 -11.94 -21.91 -40.54
CA ALA D 315 -13.30 -21.40 -40.70
C ALA D 315 -13.59 -20.42 -39.59
N GLU D 316 -13.17 -20.75 -38.37
CA GLU D 316 -13.30 -19.83 -37.23
C GLU D 316 -12.56 -18.49 -37.45
N LEU D 317 -11.31 -18.53 -37.90
CA LEU D 317 -10.60 -17.30 -38.32
C LEU D 317 -11.32 -16.52 -39.43
N SER D 318 -11.87 -17.24 -40.40
CA SER D 318 -12.65 -16.62 -41.49
C SER D 318 -13.85 -15.82 -41.00
N ALA D 319 -14.61 -16.42 -40.08
CA ALA D 319 -15.79 -15.82 -39.44
C ALA D 319 -15.37 -14.57 -38.71
N ARG D 320 -14.25 -14.68 -38.00
CA ARG D 320 -13.66 -13.54 -37.29
C ARG D 320 -13.29 -12.40 -38.25
N LEU D 321 -12.61 -12.70 -39.37
CA LEU D 321 -12.21 -11.66 -40.32
C LEU D 321 -13.40 -10.95 -41.00
N LYS D 322 -14.51 -11.68 -41.20
CA LYS D 322 -15.76 -11.11 -41.74
C LYS D 322 -16.29 -9.95 -40.92
N LYS D 323 -16.10 -9.97 -39.61
CA LYS D 323 -16.44 -8.84 -38.75
C LYS D 323 -15.72 -7.53 -39.13
N PHE D 324 -14.54 -7.63 -39.73
CA PHE D 324 -13.76 -6.45 -40.11
C PHE D 324 -13.97 -6.07 -41.57
N GLU D 325 -14.91 -6.75 -42.23
CA GLU D 325 -15.19 -6.56 -43.65
C GLU D 325 -13.99 -7.07 -44.43
N LEU D 326 -13.49 -8.24 -44.06
CA LEU D 326 -12.32 -8.82 -44.72
C LEU D 326 -12.56 -10.29 -45.00
N GLN D 327 -11.82 -10.83 -45.96
CA GLN D 327 -12.09 -12.17 -46.46
C GLN D 327 -10.93 -13.12 -46.26
N SER D 328 -11.28 -14.35 -45.91
CA SER D 328 -10.35 -15.48 -45.97
C SER D 328 -11.11 -16.72 -46.44
N ARG D 329 -10.36 -17.64 -47.05
CA ARG D 329 -10.95 -18.75 -47.79
C ARG D 329 -11.16 -20.04 -46.95
N GLY D 330 -11.77 -19.88 -45.76
CA GLY D 330 -12.41 -20.98 -45.02
C GLY D 330 -13.91 -20.71 -44.89
N VAL D 331 -14.67 -21.65 -44.31
CA VAL D 331 -16.18 -21.55 -44.15
C VAL D 331 -16.72 -20.21 -43.48
N SER E 2 -34.00 -9.49 38.95
CA SER E 2 -32.98 -10.40 39.53
C SER E 2 -32.10 -11.00 38.40
N VAL E 3 -30.86 -11.42 38.74
CA VAL E 3 -29.92 -12.01 37.75
C VAL E 3 -30.27 -13.44 37.32
N ASN E 4 -30.32 -13.70 36.00
CA ASN E 4 -30.48 -15.06 35.48
C ASN E 4 -29.12 -15.73 35.36
N ALA E 5 -29.00 -16.97 35.85
CA ALA E 5 -27.72 -17.66 35.82
C ALA E 5 -27.94 -19.18 35.74
N LEU E 6 -26.86 -19.91 35.49
CA LEU E 6 -26.93 -21.37 35.41
C LEU E 6 -26.70 -21.97 36.80
N TYR E 7 -26.70 -21.11 37.81
CA TYR E 7 -26.39 -21.53 39.16
C TYR E 7 -26.91 -20.45 40.10
N ASP E 8 -26.76 -20.65 41.41
CA ASP E 8 -27.28 -19.66 42.39
C ASP E 8 -26.27 -18.53 42.52
N TYR E 9 -26.63 -17.40 41.93
CA TYR E 9 -25.71 -16.31 41.63
C TYR E 9 -25.77 -15.37 42.83
N LYS E 10 -25.04 -15.74 43.87
CA LYS E 10 -25.06 -15.03 45.14
C LYS E 10 -23.63 -14.84 45.56
N PHE E 11 -23.18 -13.60 45.77
CA PHE E 11 -21.80 -13.34 46.18
C PHE E 11 -21.77 -12.29 47.26
N GLU E 12 -20.64 -12.16 47.93
CA GLU E 12 -20.46 -11.13 48.93
C GLU E 12 -20.08 -9.82 48.24
N PRO E 13 -20.59 -8.69 48.76
CA PRO E 13 -20.19 -7.43 48.10
C PRO E 13 -18.69 -7.21 48.26
N LYS E 14 -18.04 -6.78 47.18
CA LYS E 14 -16.64 -6.41 47.23
C LYS E 14 -16.31 -5.33 48.25
N ASP E 15 -17.22 -4.41 48.53
CA ASP E 15 -16.87 -3.28 49.40
C ASP E 15 -17.55 -3.28 50.77
N LYS E 16 -17.79 -4.48 51.33
CA LYS E 16 -18.26 -4.58 52.71
C LYS E 16 -17.23 -3.98 53.70
N VAL E 17 -17.72 -3.47 54.82
CA VAL E 17 -16.87 -2.72 55.76
C VAL E 17 -15.66 -3.51 56.24
N GLU E 18 -15.85 -4.82 56.42
CA GLU E 18 -14.76 -5.73 56.82
C GLU E 18 -13.51 -5.60 55.96
N ASN E 19 -13.64 -5.11 54.71
CA ASN E 19 -12.49 -5.03 53.80
C ASN E 19 -11.65 -3.78 53.95
N PHE E 20 -11.97 -2.97 54.95
CA PHE E 20 -11.33 -1.67 55.07
C PHE E 20 -10.37 -1.45 56.27
N HIS E 21 -9.89 -2.56 56.83
CA HIS E 21 -8.81 -2.58 57.84
C HIS E 21 -9.08 -1.67 59.08
N GLY E 22 -10.34 -1.69 59.52
CA GLY E 22 -10.77 -0.92 60.69
C GLY E 22 -11.44 0.39 60.35
N MET E 23 -11.20 0.88 59.12
CA MET E 23 -11.76 2.16 58.68
C MET E 23 -13.11 2.00 58.03
N GLN E 24 -13.66 3.12 57.57
CA GLN E 24 -14.88 3.05 56.83
C GLN E 24 -14.81 4.12 55.73
N LEU E 25 -15.54 3.88 54.63
CA LEU E 25 -15.73 4.89 53.55
C LEU E 25 -16.76 5.94 53.97
N LEU E 26 -16.46 7.18 53.65
CA LEU E 26 -17.38 8.28 53.85
C LEU E 26 -17.32 9.18 52.62
N TYR E 27 -18.47 9.63 52.16
CA TYR E 27 -18.52 10.54 51.01
C TYR E 27 -19.00 11.87 51.46
N VAL E 28 -18.44 12.94 50.95
CA VAL E 28 -18.93 14.25 51.32
C VAL E 28 -19.24 15.09 50.08
N TYR E 29 -20.46 15.60 50.01
CA TYR E 29 -20.90 16.52 48.94
C TYR E 29 -21.12 17.96 49.44
N TRP E 30 -20.41 18.92 48.80
CA TRP E 30 -20.51 20.35 49.07
C TRP E 30 -21.22 21.01 47.87
N PRO E 31 -22.57 21.14 47.91
CA PRO E 31 -23.21 21.71 46.71
C PRO E 31 -22.73 23.10 46.33
N ASP E 32 -22.82 23.41 45.03
CA ASP E 32 -22.42 24.71 44.43
C ASP E 32 -20.93 24.95 44.43
N HIS E 33 -20.15 23.86 44.45
CA HIS E 33 -18.70 23.95 44.46
C HIS E 33 -18.08 22.96 43.46
N LEU E 34 -18.52 23.07 42.21
CA LEU E 34 -18.25 22.05 41.18
C LEU E 34 -16.83 22.14 40.70
N LEU E 35 -16.06 23.09 41.25
CA LEU E 35 -14.61 23.02 41.11
C LEU E 35 -14.08 21.60 41.38
N PHE E 36 -14.65 20.94 42.39
CA PHE E 36 -14.36 19.54 42.67
C PHE E 36 -15.48 18.85 41.92
N CYS E 37 -15.13 18.11 40.88
CA CYS E 37 -16.15 17.57 39.99
C CYS E 37 -17.16 16.62 40.62
N ALA E 38 -16.74 15.88 41.67
CA ALA E 38 -17.58 14.85 42.30
C ALA E 38 -17.47 14.93 43.84
N PRO E 39 -18.42 14.30 44.56
CA PRO E 39 -18.27 14.15 45.98
C PRO E 39 -16.95 13.46 46.31
N PHE E 40 -16.34 13.88 47.41
CA PHE E 40 -15.11 13.27 47.89
C PHE E 40 -15.40 11.90 48.43
N ALA E 41 -14.49 10.97 48.17
CA ALA E 41 -14.54 9.63 48.79
C ALA E 41 -13.41 9.59 49.79
N LEU E 42 -13.76 9.46 51.06
CA LEU E 42 -12.77 9.48 52.13
C LEU E 42 -12.70 8.13 52.89
N LEU E 43 -11.52 7.82 53.43
CA LEU E 43 -11.30 6.69 54.32
C LEU E 43 -10.93 7.30 55.66
N VAL E 44 -11.70 6.90 56.66
CA VAL E 44 -11.89 7.65 57.90
C VAL E 44 -11.95 6.63 59.07
N GLN E 45 -11.48 7.04 60.25
CA GLN E 45 -11.55 6.18 61.45
C GLN E 45 -12.92 6.41 62.08
N PRO E 46 -13.75 5.36 62.21
CA PRO E 46 -15.09 5.50 62.82
C PRO E 46 -15.06 6.14 64.24
N GLY E 47 -13.90 6.08 64.89
CA GLY E 47 -13.74 6.70 66.19
C GLY E 47 -13.39 8.19 66.20
N MET E 48 -13.01 8.76 65.06
CA MET E 48 -12.61 10.17 65.06
C MET E 48 -13.84 11.03 65.34
N THR E 49 -13.64 12.21 65.90
CA THR E 49 -14.79 13.07 66.26
C THR E 49 -15.26 13.82 65.01
N PHE E 50 -16.51 14.23 64.99
CA PHE E 50 -17.01 15.06 63.91
C PHE E 50 -16.15 16.31 63.72
N SER E 51 -15.66 16.94 64.78
CA SER E 51 -14.84 18.15 64.62
C SER E 51 -13.46 17.83 64.05
N ALA E 52 -12.91 16.65 64.34
CA ALA E 52 -11.65 16.20 63.71
C ALA E 52 -11.82 15.96 62.18
N LEU E 53 -12.95 15.37 61.78
CA LEU E 53 -13.29 15.17 60.35
C LEU E 53 -13.26 16.49 59.59
N VAL E 54 -13.95 17.48 60.14
CA VAL E 54 -13.94 18.81 59.58
C VAL E 54 -12.57 19.43 59.54
N ASP E 55 -11.88 19.53 60.68
CA ASP E 55 -10.60 20.25 60.69
C ASP E 55 -9.44 19.51 60.06
N GLU E 56 -9.40 18.18 60.16
CA GLU E 56 -8.26 17.43 59.66
C GLU E 56 -8.42 16.94 58.20
N ILE E 57 -9.66 16.71 57.78
CA ILE E 57 -9.94 16.15 56.46
C ILE E 57 -10.71 17.07 55.54
N LEU E 58 -11.88 17.53 55.96
CA LEU E 58 -12.72 18.34 55.08
C LEU E 58 -12.11 19.71 54.69
N LYS E 59 -11.59 20.42 55.66
CA LYS E 59 -10.92 21.71 55.40
C LYS E 59 -9.71 21.62 54.40
N PRO E 60 -8.73 20.73 54.65
CA PRO E 60 -7.68 20.46 53.64
C PRO E 60 -8.16 20.04 52.26
N ALA E 61 -9.13 19.14 52.19
CA ALA E 61 -9.70 18.66 50.91
C ALA E 61 -10.29 19.83 50.07
N THR E 62 -10.82 20.85 50.73
CA THR E 62 -11.54 21.90 50.01
C THR E 62 -10.73 23.17 49.82
N ALA E 63 -9.47 23.15 50.26
CA ALA E 63 -8.65 24.35 50.35
C ALA E 63 -8.46 25.09 49.04
N ALA E 64 -8.55 24.38 47.90
CA ALA E 64 -8.31 24.99 46.58
C ALA E 64 -9.40 25.96 46.15
N HIS E 65 -10.60 25.82 46.73
CA HIS E 65 -11.69 26.72 46.39
C HIS E 65 -11.59 27.99 47.21
N PRO E 66 -11.76 29.15 46.57
CA PRO E 66 -11.85 30.45 47.26
C PRO E 66 -12.81 30.53 48.44
N ASP E 67 -13.97 29.88 48.37
CA ASP E 67 -14.91 29.85 49.52
C ASP E 67 -14.43 29.07 50.78
N SER E 68 -13.42 28.21 50.64
CA SER E 68 -13.02 27.29 51.73
C SER E 68 -12.64 28.07 53.00
N ALA E 69 -11.81 29.10 52.83
CA ALA E 69 -11.31 29.88 53.97
C ALA E 69 -12.43 30.60 54.73
N LYS E 70 -13.54 30.89 54.04
CA LYS E 70 -14.69 31.60 54.65
C LYS E 70 -15.73 30.66 55.31
N ALA E 71 -15.60 29.35 55.10
CA ALA E 71 -16.67 28.39 55.45
C ALA E 71 -16.54 27.90 56.88
N ASP E 72 -17.64 27.91 57.63
CA ASP E 72 -17.68 27.21 58.93
C ASP E 72 -18.50 25.93 58.72
N PHE E 73 -17.85 24.86 58.24
CA PHE E 73 -18.54 23.59 57.98
C PHE E 73 -18.94 23.11 59.37
N LEU E 74 -20.06 22.48 59.64
CA LEU E 74 -20.26 22.17 61.12
C LEU E 74 -21.39 22.99 61.64
N ASN E 75 -21.23 24.32 61.58
CA ASN E 75 -22.36 25.19 61.81
C ASN E 75 -23.11 25.48 60.52
N ALA E 76 -22.65 24.88 59.40
CA ALA E 76 -23.38 24.87 58.12
C ALA E 76 -24.60 23.95 58.20
N GLU E 77 -25.32 23.77 57.09
CA GLU E 77 -26.47 22.86 57.09
C GLU E 77 -26.11 21.46 56.58
N TRP E 78 -26.53 20.41 57.28
CA TRP E 78 -26.01 19.07 56.99
C TRP E 78 -27.11 18.13 56.68
N LEU E 79 -26.85 17.24 55.72
CA LEU E 79 -27.72 16.09 55.50
C LEU E 79 -26.85 14.88 55.70
N LEU E 80 -27.45 13.79 56.14
CA LEU E 80 -26.77 12.50 56.27
C LEU E 80 -27.66 11.51 55.59
N ASN E 81 -27.19 10.93 54.50
CA ASN E 81 -28.00 10.00 53.72
C ASN E 81 -29.35 10.59 53.28
N ASP E 82 -29.30 11.89 52.93
CA ASP E 82 -30.42 12.67 52.44
C ASP E 82 -31.41 13.10 53.52
N GLU E 83 -31.08 12.87 54.80
CA GLU E 83 -31.97 13.25 55.90
C GLU E 83 -31.34 14.41 56.68
N PRO E 84 -32.15 15.40 57.14
CA PRO E 84 -31.61 16.50 57.97
C PRO E 84 -30.76 15.96 59.12
N PHE E 85 -29.62 16.59 59.41
CA PHE E 85 -28.67 16.04 60.36
C PHE E 85 -28.02 17.14 61.15
N THR E 86 -28.01 16.94 62.46
CA THR E 86 -27.27 17.90 63.29
C THR E 86 -26.06 17.24 63.99
N PRO E 87 -24.86 17.61 63.53
CA PRO E 87 -23.65 17.01 64.01
C PRO E 87 -23.37 17.37 65.47
N LYS E 88 -22.77 16.44 66.19
CA LYS E 88 -22.19 16.67 67.52
C LYS E 88 -20.67 16.74 67.39
N ALA E 89 -20.11 17.92 67.55
CA ALA E 89 -18.70 18.13 67.31
C ALA E 89 -17.76 17.16 68.05
N ASP E 90 -18.03 16.90 69.33
CA ASP E 90 -17.10 16.15 70.17
C ASP E 90 -17.43 14.64 70.22
N ALA E 91 -18.42 14.20 69.45
CA ALA E 91 -18.82 12.78 69.39
C ALA E 91 -18.23 12.06 68.16
N SER E 92 -17.92 10.79 68.32
CA SER E 92 -17.30 10.03 67.24
C SER E 92 -18.27 9.93 66.03
N LEU E 93 -17.71 9.61 64.87
CA LEU E 93 -18.53 9.39 63.68
C LEU E 93 -19.52 8.27 63.91
N LYS E 94 -19.04 7.15 64.44
CA LYS E 94 -19.85 5.96 64.61
C LYS E 94 -21.02 6.14 65.61
N GLU E 95 -20.77 6.81 66.74
CA GLU E 95 -21.84 7.02 67.73
C GLU E 95 -22.99 7.92 67.26
N GLN E 96 -22.72 8.81 66.31
CA GLN E 96 -23.79 9.59 65.72
C GLN E 96 -24.43 9.01 64.45
N GLY E 97 -24.09 7.77 64.09
CA GLY E 97 -24.80 7.09 63.00
C GLY E 97 -24.20 7.28 61.60
N ILE E 98 -22.99 7.82 61.56
CA ILE E 98 -22.28 7.99 60.28
C ILE E 98 -21.56 6.65 60.02
N ASP E 99 -22.23 5.79 59.27
CA ASP E 99 -21.78 4.42 59.05
C ASP E 99 -21.07 4.28 57.67
N HIS E 100 -20.64 3.07 57.35
CA HIS E 100 -19.79 2.84 56.16
C HIS E 100 -20.58 3.20 54.89
N LYS E 101 -19.93 3.94 54.00
CA LYS E 101 -20.56 4.43 52.77
C LYS E 101 -21.78 5.38 52.92
N SER E 102 -21.90 6.01 54.08
CA SER E 102 -22.78 7.19 54.23
C SER E 102 -22.29 8.34 53.35
N MET E 103 -23.21 9.19 52.97
CA MET E 103 -22.85 10.46 52.35
C MET E 103 -23.39 11.57 53.20
N LEU E 104 -22.50 12.44 53.66
CA LEU E 104 -22.85 13.74 54.16
C LEU E 104 -22.95 14.82 53.05
N THR E 105 -24.00 15.66 53.11
CA THR E 105 -24.13 16.80 52.21
C THR E 105 -23.99 18.02 53.08
N VAL E 106 -23.14 18.97 52.71
CA VAL E 106 -22.98 20.17 53.54
C VAL E 106 -23.24 21.39 52.71
N THR E 107 -24.24 22.18 53.11
CA THR E 107 -24.60 23.41 52.42
C THR E 107 -24.19 24.59 53.29
N THR E 108 -23.47 25.52 52.70
CA THR E 108 -22.92 26.70 53.36
C THR E 108 -23.61 27.97 52.83
N PRO E 109 -24.70 28.40 53.46
CA PRO E 109 -25.41 29.65 53.06
C PRO E 109 -24.45 30.80 52.81
N GLY E 110 -24.63 31.48 51.70
CA GLY E 110 -23.79 32.65 51.45
C GLY E 110 -22.53 32.32 50.67
N LEU E 111 -22.20 31.03 50.58
CA LEU E 111 -21.03 30.62 49.80
C LEU E 111 -21.58 29.67 48.75
N LYS E 112 -21.83 30.23 47.55
CA LYS E 112 -22.54 29.50 46.53
C LYS E 112 -21.68 29.32 45.28
N GLY E 113 -20.38 29.47 45.40
CA GLY E 113 -19.54 29.13 44.29
C GLY E 113 -19.32 30.36 43.42
N MET E 114 -18.49 30.16 42.40
CA MET E 114 -18.09 31.25 41.56
C MET E 114 -19.02 31.43 40.39
N ALA E 115 -19.17 32.71 40.02
CA ALA E 115 -19.64 33.16 38.73
C ALA E 115 -21.11 32.85 38.44
N ASN E 116 -21.92 32.75 39.46
CA ASN E 116 -23.30 32.30 39.29
C ASN E 116 -23.44 30.95 38.57
N ALA E 117 -22.40 30.13 38.68
CA ALA E 117 -22.29 28.87 37.95
C ALA E 117 -22.07 27.68 38.91
N GLY E 118 -22.15 27.92 40.23
CA GLY E 118 -22.02 26.87 41.28
C GLY E 118 -20.67 26.15 41.22
N TYR E 119 -19.63 26.90 40.84
CA TYR E 119 -18.32 26.36 40.58
C TYR E 119 -17.41 26.62 41.77
N SER F 2 34.36 9.55 -38.45
CA SER F 2 33.16 9.78 -39.33
C SER F 2 32.04 8.86 -38.87
N VAL F 3 30.80 9.11 -39.31
CA VAL F 3 29.62 8.35 -38.83
C VAL F 3 29.59 6.98 -39.49
N ASN F 4 29.35 5.91 -38.71
CA ASN F 4 29.02 4.61 -39.27
C ASN F 4 27.52 4.50 -39.39
N ALA F 5 27.10 3.90 -40.49
CA ALA F 5 25.69 3.75 -40.80
C ALA F 5 25.46 2.63 -41.81
N LEU F 6 24.20 2.24 -41.93
CA LEU F 6 23.84 1.18 -42.85
C LEU F 6 23.77 1.71 -44.30
N TYR F 7 23.88 3.04 -44.49
CA TYR F 7 23.67 3.70 -45.77
C TYR F 7 24.59 4.89 -45.85
N ASP F 8 24.58 5.59 -46.98
CA ASP F 8 25.39 6.78 -47.20
C ASP F 8 24.80 7.95 -46.39
N TYR F 9 25.44 8.22 -45.25
CA TYR F 9 24.88 9.08 -44.20
C TYR F 9 25.35 10.52 -44.42
N LYS F 10 24.64 11.27 -45.27
CA LYS F 10 25.04 12.64 -45.67
C LYS F 10 23.76 13.44 -45.68
N PHE F 11 23.76 14.56 -44.99
CA PHE F 11 22.58 15.41 -44.86
C PHE F 11 23.02 16.87 -45.00
N GLU F 12 22.09 17.74 -45.36
CA GLU F 12 22.31 19.17 -45.39
C GLU F 12 22.32 19.72 -43.94
N PRO F 13 23.19 20.71 -43.64
CA PRO F 13 23.15 21.32 -42.31
C PRO F 13 21.82 21.97 -42.10
N LYS F 14 21.24 21.80 -40.92
CA LYS F 14 19.96 22.47 -40.65
C LYS F 14 20.07 24.00 -40.62
N ASP F 15 21.25 24.52 -40.24
CA ASP F 15 21.40 25.96 -40.05
C ASP F 15 22.23 26.69 -41.16
N LYS F 16 22.22 26.14 -42.38
CA LYS F 16 22.76 26.88 -43.54
C LYS F 16 22.10 28.24 -43.70
N VAL F 17 22.85 29.21 -44.22
CA VAL F 17 22.41 30.59 -44.26
C VAL F 17 21.09 30.78 -45.03
N GLU F 18 20.88 29.97 -46.06
CA GLU F 18 19.70 30.04 -46.92
C GLU F 18 18.39 29.90 -46.15
N ASN F 19 18.44 29.19 -45.01
CA ASN F 19 17.29 28.99 -44.12
C ASN F 19 16.91 30.19 -43.25
N PHE F 20 17.62 31.32 -43.38
CA PHE F 20 17.29 32.48 -42.54
C PHE F 20 16.75 33.70 -43.30
N HIS F 21 16.19 33.44 -44.50
CA HIS F 21 15.33 34.43 -45.18
C HIS F 21 16.07 35.75 -45.50
N GLY F 22 17.32 35.68 -45.97
CA GLY F 22 18.09 36.90 -46.26
C GLY F 22 18.82 37.49 -45.06
N MET F 23 18.59 36.90 -43.88
CA MET F 23 19.33 37.28 -42.66
C MET F 23 20.52 36.36 -42.36
N GLN F 24 21.28 36.74 -41.34
CA GLN F 24 22.39 35.92 -40.91
C GLN F 24 22.51 35.87 -39.39
N LEU F 25 23.03 34.75 -38.89
CA LEU F 25 23.32 34.62 -37.46
C LEU F 25 24.68 35.22 -37.16
N LEU F 26 24.75 35.98 -36.07
CA LEU F 26 25.99 36.51 -35.49
C LEU F 26 26.03 36.34 -33.97
N TYR F 27 27.18 35.94 -33.45
CA TYR F 27 27.37 35.76 -32.00
C TYR F 27 28.37 36.82 -31.50
N VAL F 28 28.09 37.43 -30.34
CA VAL F 28 28.97 38.41 -29.73
C VAL F 28 29.26 38.02 -28.24
N TYR F 29 30.54 37.89 -27.93
CA TYR F 29 31.04 37.62 -26.58
C TYR F 29 31.75 38.90 -26.01
N TRP F 30 31.33 39.35 -24.83
CA TRP F 30 31.98 40.45 -24.09
C TRP F 30 32.61 39.89 -22.82
N PRO F 31 33.92 39.59 -22.84
CA PRO F 31 34.62 39.05 -21.67
C PRO F 31 34.44 39.84 -20.40
N ASP F 32 34.49 39.09 -19.27
CA ASP F 32 34.35 39.65 -17.91
C ASP F 32 33.03 40.33 -17.62
N HIS F 33 31.96 39.91 -18.31
CA HIS F 33 30.60 40.39 -18.04
C HIS F 33 29.60 39.23 -17.99
N LEU F 34 29.88 38.31 -17.06
CA LEU F 34 29.15 37.05 -16.86
C LEU F 34 27.72 37.24 -16.35
N LEU F 35 27.34 38.48 -16.06
CA LEU F 35 25.90 38.84 -15.87
C LEU F 35 25.04 38.23 -16.97
N PHE F 36 25.52 38.38 -18.20
CA PHE F 36 24.96 37.70 -19.36
C PHE F 36 25.67 36.33 -19.40
N CYS F 37 24.93 35.23 -19.25
CA CYS F 37 25.60 33.94 -19.00
C CYS F 37 26.39 33.39 -20.19
N ALA F 38 25.94 33.73 -21.40
CA ALA F 38 26.52 33.20 -22.65
C ALA F 38 26.64 34.30 -23.71
N PRO F 39 27.48 34.06 -24.73
CA PRO F 39 27.54 34.98 -25.88
C PRO F 39 26.11 35.15 -26.46
N PHE F 40 25.82 36.38 -26.87
CA PHE F 40 24.54 36.67 -27.48
C PHE F 40 24.45 36.00 -28.85
N ALA F 41 23.27 35.42 -29.18
CA ALA F 41 22.96 34.92 -30.53
C ALA F 41 22.01 35.91 -31.18
N LEU F 42 22.47 36.56 -32.27
CA LEU F 42 21.71 37.65 -32.91
C LEU F 42 21.37 37.28 -34.33
N LEU F 43 20.23 37.78 -34.81
CA LEU F 43 19.86 37.64 -36.20
C LEU F 43 19.96 39.04 -36.85
N VAL F 44 20.88 39.20 -37.82
CA VAL F 44 21.29 40.54 -38.35
C VAL F 44 21.17 40.59 -39.88
N GLN F 45 20.97 41.79 -40.45
CA GLN F 45 20.98 41.97 -41.92
C GLN F 45 22.45 42.05 -42.33
N PRO F 46 22.90 41.20 -43.27
CA PRO F 46 24.34 41.32 -43.63
C PRO F 46 24.74 42.69 -44.22
N GLY F 47 23.76 43.47 -44.63
CA GLY F 47 24.08 44.74 -45.23
C GLY F 47 24.27 45.81 -44.19
N MET F 48 23.80 45.59 -42.97
CA MET F 48 23.87 46.62 -41.94
C MET F 48 25.32 47.00 -41.65
N THR F 49 25.56 48.25 -41.23
CA THR F 49 26.92 48.74 -41.04
C THR F 49 27.42 48.34 -39.67
N PHE F 50 28.73 48.21 -39.49
CA PHE F 50 29.23 47.82 -38.18
C PHE F 50 28.80 48.82 -37.12
N SER F 51 28.76 50.10 -37.50
CA SER F 51 28.36 51.15 -36.58
C SER F 51 26.93 50.91 -36.05
N ALA F 52 25.99 50.57 -36.92
CA ALA F 52 24.61 50.27 -36.54
C ALA F 52 24.44 48.96 -35.71
N LEU F 53 25.32 47.97 -35.92
CA LEU F 53 25.37 46.76 -35.07
C LEU F 53 25.58 47.21 -33.66
N VAL F 54 26.63 48.03 -33.46
CA VAL F 54 26.94 48.57 -32.14
C VAL F 54 25.80 49.40 -31.53
N ASP F 55 25.32 50.40 -32.26
CA ASP F 55 24.30 51.29 -31.69
C ASP F 55 22.90 50.72 -31.55
N GLU F 56 22.48 49.88 -32.47
CA GLU F 56 21.11 49.41 -32.46
C GLU F 56 20.88 47.99 -31.91
N ILE F 57 21.94 47.17 -31.88
CA ILE F 57 21.84 45.82 -31.33
C ILE F 57 22.63 45.70 -30.04
N LEU F 58 23.94 45.92 -30.10
CA LEU F 58 24.83 45.58 -28.99
C LEU F 58 24.63 46.44 -27.74
N LYS F 59 24.62 47.76 -27.92
CA LYS F 59 24.25 48.72 -26.88
C LYS F 59 22.98 48.31 -26.04
N PRO F 60 21.79 48.20 -26.66
CA PRO F 60 20.59 47.78 -25.89
C PRO F 60 20.62 46.35 -25.31
N ALA F 61 21.29 45.41 -25.98
CA ALA F 61 21.46 44.04 -25.48
C ALA F 61 22.25 44.01 -24.17
N THR F 62 23.25 44.87 -24.07
CA THR F 62 24.16 44.90 -22.92
C THR F 62 23.74 45.89 -21.83
N ALA F 63 22.56 46.52 -22.01
CA ALA F 63 22.00 47.61 -21.17
C ALA F 63 21.86 47.33 -19.67
N ALA F 64 21.62 46.08 -19.30
CA ALA F 64 21.46 45.72 -17.88
C ALA F 64 22.76 45.83 -17.11
N HIS F 65 23.90 45.79 -17.78
CA HIS F 65 25.15 45.81 -17.05
C HIS F 65 25.57 47.25 -16.70
N PRO F 66 25.94 47.49 -15.42
CA PRO F 66 26.53 48.78 -15.05
C PRO F 66 27.62 49.33 -16.01
N ASP F 67 28.52 48.49 -16.53
CA ASP F 67 29.61 48.94 -17.42
C ASP F 67 29.12 49.41 -18.80
N SER F 68 27.86 49.13 -19.13
CA SER F 68 27.33 49.35 -20.46
C SER F 68 27.44 50.83 -20.89
N ALA F 69 26.88 51.71 -20.05
CA ALA F 69 26.76 53.14 -20.32
C ALA F 69 28.12 53.80 -20.57
N LYS F 70 29.18 53.13 -20.14
CA LYS F 70 30.53 53.65 -20.21
C LYS F 70 31.29 53.10 -21.42
N ALA F 71 30.90 51.90 -21.86
CA ALA F 71 31.62 51.14 -22.87
C ALA F 71 31.69 51.88 -24.18
N ASP F 72 32.87 51.91 -24.79
CA ASP F 72 33.00 52.44 -26.13
C ASP F 72 33.31 51.26 -27.05
N PHE F 73 32.25 50.54 -27.47
CA PHE F 73 32.42 49.27 -28.18
C PHE F 73 33.12 49.39 -29.52
N LEU F 74 32.78 50.42 -30.30
CA LEU F 74 33.42 50.61 -31.60
C LEU F 74 34.96 50.66 -31.46
N ASN F 75 35.42 51.36 -30.44
CA ASN F 75 36.85 51.56 -30.24
C ASN F 75 37.51 50.58 -29.27
N ALA F 76 36.78 49.53 -28.90
CA ALA F 76 37.34 48.50 -28.04
C ALA F 76 38.22 47.52 -28.85
N GLU F 77 38.81 46.54 -28.16
CA GLU F 77 39.60 45.47 -28.80
C GLU F 77 38.70 44.32 -29.34
N TRP F 78 38.75 44.06 -30.66
CA TRP F 78 37.87 43.06 -31.30
C TRP F 78 38.58 41.82 -31.80
N LEU F 79 37.88 40.69 -31.72
CA LEU F 79 38.27 39.48 -32.42
C LEU F 79 37.12 39.06 -33.36
N LEU F 80 37.47 38.50 -34.51
CA LEU F 80 36.51 37.85 -35.39
C LEU F 80 36.98 36.42 -35.58
N ASN F 81 36.18 35.48 -35.07
CA ASN F 81 36.51 34.07 -35.16
C ASN F 81 37.92 33.77 -34.65
N ASP F 82 38.23 34.36 -33.51
CA ASP F 82 39.44 34.10 -32.74
C ASP F 82 40.67 34.83 -33.35
N GLU F 83 40.42 35.87 -34.17
CA GLU F 83 41.48 36.53 -34.94
C GLU F 83 41.38 38.04 -34.80
N PRO F 84 42.50 38.71 -34.55
CA PRO F 84 42.48 40.18 -34.36
C PRO F 84 41.74 40.85 -35.51
N PHE F 85 40.88 41.79 -35.17
CA PHE F 85 39.97 42.31 -36.14
C PHE F 85 39.86 43.81 -35.96
N THR F 86 39.86 44.53 -37.08
CA THR F 86 39.71 45.98 -37.05
C THR F 86 38.45 46.33 -37.79
N PRO F 87 37.38 46.66 -37.04
CA PRO F 87 36.12 47.07 -37.65
C PRO F 87 36.23 48.35 -38.49
N LYS F 88 35.39 48.43 -39.53
CA LYS F 88 35.19 49.63 -40.34
C LYS F 88 33.76 50.01 -40.10
N ALA F 89 33.54 51.13 -39.39
CA ALA F 89 32.23 51.50 -38.89
C ALA F 89 31.14 51.60 -39.95
N ASP F 90 31.51 52.08 -41.13
CA ASP F 90 30.55 52.46 -42.16
C ASP F 90 30.42 51.39 -43.24
N ALA F 91 31.26 50.34 -43.17
CA ALA F 91 31.12 49.20 -44.06
C ALA F 91 30.08 48.23 -43.49
N SER F 92 29.39 47.52 -44.39
CA SER F 92 28.46 46.46 -43.97
C SER F 92 29.22 45.32 -43.30
N LEU F 93 28.48 44.48 -42.60
CA LEU F 93 29.04 43.27 -42.01
C LEU F 93 29.58 42.30 -43.07
N LYS F 94 28.73 41.96 -44.03
CA LYS F 94 29.07 41.06 -45.13
C LYS F 94 30.35 41.52 -45.87
N GLU F 95 30.43 42.81 -46.17
CA GLU F 95 31.57 43.30 -46.95
C GLU F 95 32.88 43.38 -46.13
N GLN F 96 32.82 43.28 -44.80
CA GLN F 96 34.07 43.20 -44.03
C GLN F 96 34.40 41.81 -43.51
N GLY F 97 33.71 40.80 -44.05
CA GLY F 97 34.01 39.40 -43.75
C GLY F 97 33.31 38.82 -42.53
N ILE F 98 32.33 39.54 -41.99
CA ILE F 98 31.50 38.99 -40.88
C ILE F 98 30.37 38.16 -41.48
N ASP F 99 30.62 36.86 -41.60
CA ASP F 99 29.72 35.98 -42.30
C ASP F 99 28.78 35.22 -41.31
N HIS F 100 27.89 34.38 -41.84
CA HIS F 100 26.91 33.62 -41.03
C HIS F 100 27.62 32.79 -39.95
N LYS F 101 27.09 32.91 -38.72
CA LYS F 101 27.64 32.21 -37.54
C LYS F 101 29.08 32.59 -37.15
N SER F 102 29.50 33.80 -37.53
CA SER F 102 30.74 34.36 -37.04
C SER F 102 30.55 34.72 -35.59
N MET F 103 31.62 34.63 -34.80
CA MET F 103 31.60 35.23 -33.46
C MET F 103 32.58 36.38 -33.36
N LEU F 104 32.06 37.49 -32.84
CA LEU F 104 32.85 38.62 -32.48
C LEU F 104 33.09 38.59 -31.00
N THR F 105 34.32 38.90 -30.63
CA THR F 105 34.67 39.07 -29.22
C THR F 105 35.12 40.51 -29.06
N VAL F 106 34.45 41.24 -28.18
CA VAL F 106 34.81 42.61 -27.84
C VAL F 106 35.31 42.66 -26.39
N THR F 107 36.57 43.08 -26.20
CA THR F 107 37.16 43.31 -24.90
C THR F 107 37.28 44.82 -24.68
N THR F 108 36.68 45.29 -23.60
CA THR F 108 36.68 46.70 -23.24
C THR F 108 37.70 46.87 -22.10
N PRO F 109 38.97 47.19 -22.43
CA PRO F 109 39.94 47.23 -21.31
C PRO F 109 39.58 48.34 -20.31
N GLY F 110 39.75 48.05 -19.02
CA GLY F 110 39.34 48.98 -17.96
C GLY F 110 37.89 48.82 -17.49
N LEU F 111 37.11 47.98 -18.18
CA LEU F 111 35.79 47.63 -17.71
C LEU F 111 35.76 46.10 -17.66
N LYS F 112 36.02 45.56 -16.48
CA LYS F 112 36.07 44.11 -16.30
C LYS F 112 35.07 43.56 -15.29
N GLY F 113 33.93 44.23 -15.17
CA GLY F 113 32.81 43.69 -14.42
C GLY F 113 32.91 43.91 -12.94
N MET F 114 31.99 43.29 -12.21
CA MET F 114 31.81 43.63 -10.81
C MET F 114 32.48 42.64 -9.88
N ALA F 115 32.79 43.13 -8.67
CA ALA F 115 33.27 42.32 -7.55
C ALA F 115 34.56 41.55 -7.82
N ASN F 116 35.40 42.05 -8.72
CA ASN F 116 36.53 41.26 -9.20
C ASN F 116 36.14 39.85 -9.56
N ALA F 117 34.90 39.70 -10.03
CA ALA F 117 34.33 38.41 -10.32
C ALA F 117 34.00 38.26 -11.83
N GLY F 118 34.41 39.26 -12.62
CA GLY F 118 34.17 39.25 -14.06
C GLY F 118 32.68 39.13 -14.36
N TYR F 119 31.84 39.75 -13.53
CA TYR F 119 30.38 39.62 -13.63
C TYR F 119 29.69 40.87 -14.20
#